data_5A8T
# 
_entry.id   5A8T 
# 
_audit_conform.dict_name       mmcif_pdbx.dic 
_audit_conform.dict_version    5.383 
_audit_conform.dict_location   http://mmcif.pdb.org/dictionaries/ascii/mmcif_pdbx.dic 
# 
loop_
_database_2.database_id 
_database_2.database_code 
_database_2.pdbx_database_accession 
_database_2.pdbx_DOI 
PDB   5A8T         pdb_00005a8t 10.2210/pdb5a8t/pdb 
PDBE  EBI-64397    ?            ?                   
WWPDB D_1290064397 ?            ?                   
# 
loop_
_pdbx_audit_revision_history.ordinal 
_pdbx_audit_revision_history.data_content_type 
_pdbx_audit_revision_history.major_revision 
_pdbx_audit_revision_history.minor_revision 
_pdbx_audit_revision_history.revision_date 
1 'Structure model' 1 0 2015-09-02 
2 'Structure model' 1 1 2015-10-14 
3 'Structure model' 1 2 2024-01-10 
# 
_pdbx_audit_revision_details.ordinal             1 
_pdbx_audit_revision_details.revision_ordinal    1 
_pdbx_audit_revision_details.data_content_type   'Structure model' 
_pdbx_audit_revision_details.provider            repository 
_pdbx_audit_revision_details.type                'Initial release' 
_pdbx_audit_revision_details.description         ? 
_pdbx_audit_revision_details.details             ? 
# 
loop_
_pdbx_audit_revision_group.ordinal 
_pdbx_audit_revision_group.revision_ordinal 
_pdbx_audit_revision_group.data_content_type 
_pdbx_audit_revision_group.group 
1 2 'Structure model' 'Database references'    
2 3 'Structure model' 'Data collection'        
3 3 'Structure model' 'Database references'    
4 3 'Structure model' Other                    
5 3 'Structure model' 'Refinement description' 
# 
loop_
_pdbx_audit_revision_category.ordinal 
_pdbx_audit_revision_category.revision_ordinal 
_pdbx_audit_revision_category.data_content_type 
_pdbx_audit_revision_category.category 
1 3 'Structure model' chem_comp_atom                
2 3 'Structure model' chem_comp_bond                
3 3 'Structure model' database_2                    
4 3 'Structure model' pdbx_database_status          
5 3 'Structure model' pdbx_initial_refinement_model 
# 
loop_
_pdbx_audit_revision_item.ordinal 
_pdbx_audit_revision_item.revision_ordinal 
_pdbx_audit_revision_item.data_content_type 
_pdbx_audit_revision_item.item 
1 3 'Structure model' '_database_2.pdbx_DOI'                 
2 3 'Structure model' '_database_2.pdbx_database_accession'  
3 3 'Structure model' '_pdbx_database_status.status_code_sf' 
# 
_pdbx_database_status.status_code                     REL 
_pdbx_database_status.entry_id                        5A8T 
_pdbx_database_status.deposit_site                    PDBE 
_pdbx_database_status.process_site                    PDBE 
_pdbx_database_status.SG_entry                        . 
_pdbx_database_status.recvd_initial_deposition_date   2015-07-17 
_pdbx_database_status.pdb_format_compatible           Y 
_pdbx_database_status.status_code_sf                  REL 
_pdbx_database_status.status_code_mr                  ? 
_pdbx_database_status.status_code_cs                  ? 
_pdbx_database_status.methods_development_category    ? 
_pdbx_database_status.status_code_nmr_data            ? 
# 
loop_
_pdbx_database_related.db_name 
_pdbx_database_related.db_id 
_pdbx_database_related.content_type 
_pdbx_database_related.details 
PDB 5A8S unspecified 'CRYSTAL STRUCTURE OF ANTHERAEA MYLITTA CPV4 POLYHEDRA TYPE 1'                     
PDB 5A8U unspecified 'CRYSTAL STRUCTURE OF ORGYIA PSEUDOTSUGATA CPV5 POLYHEDRA'                         
PDB 5A8V unspecified 'CRYSTAL STRUCTURE OF ORGYIA PSEUDOTSUGATA CPV5 POLYHEDRA WITH SEMET SUBSTITUTION' 
# 
loop_
_audit_author.name 
_audit_author.pdbx_ordinal 
'Ji, X.'       1 
'Axford, D.'   2 
'Owen, R.'     3 
'Evans, G.'    4 
'Ginn, H.M.'   5 
'Sutton, G.'   6 
'Stuart, D.I.' 7 
# 
_citation.id                        primary 
_citation.title                     'Polyhedra Structures and the Evolution of the Insect Viruses.' 
_citation.journal_abbrev            J.Struct.Biol. 
_citation.journal_volume            192 
_citation.page_first                88 
_citation.page_last                 ? 
_citation.year                      2015 
_citation.journal_id_ASTM           JSBIEM 
_citation.country                   US 
_citation.journal_id_ISSN           1047-8477 
_citation.journal_id_CSD            0803 
_citation.book_publisher            ? 
_citation.pdbx_database_id_PubMed   26291392 
_citation.pdbx_database_id_DOI      10.1016/J.JSB.2015.08.009 
# 
loop_
_citation_author.citation_id 
_citation_author.name 
_citation_author.ordinal 
_citation_author.identifier_ORCID 
primary 'Ji, X.'       1 ? 
primary 'Axford, D.'   2 ? 
primary 'Owen, R.'     3 ? 
primary 'Evans, G.'    4 ? 
primary 'Ginn, H.M.'   5 ? 
primary 'Sutton, G.'   6 ? 
primary 'Stuart, D.I.' 7 ? 
# 
loop_
_entity.id 
_entity.type 
_entity.src_method 
_entity.pdbx_description 
_entity.formula_weight 
_entity.pdbx_number_of_molecules 
_entity.pdbx_ec 
_entity.pdbx_mutation 
_entity.pdbx_fragment 
_entity.details 
1 polymer man POLYHEDRIN 28880.314 1  ? ? ? ? 
2 water   nat water      18.015    92 ? ? ? ? 
# 
_entity_poly.entity_id                      1 
_entity_poly.type                           'polypeptide(L)' 
_entity_poly.nstd_linkage                   no 
_entity_poly.nstd_monomer                   no 
_entity_poly.pdbx_seq_one_letter_code       
;MSTSTYALRAGKRDVRREQQEIITRQINTAPYVQDAMMRVVVFAQYPSGRYKAFDYVFPDYLKVFLNWRELLEDTTTDYD
PRTNTHRLMGQGYRQLIHPNHGSGEEPYDTRYPMGVIVSFNGNIDWTRARVEATNMHGLNNTDWREARAWGPHVICGNQL
RKAGHLSRAVYVPLDEHNTVKVLATARQDGALNRFNGPQLAQTLTNNIVCPNVIEFNTESDVIDYAKMAHIAYIDQAGLI
VASSDAYISGDSQA
;
_entity_poly.pdbx_seq_one_letter_code_can   
;MSTSTYALRAGKRDVRREQQEIITRQINTAPYVQDAMMRVVVFAQYPSGRYKAFDYVFPDYLKVFLNWRELLEDTTTDYD
PRTNTHRLMGQGYRQLIHPNHGSGEEPYDTRYPMGVIVSFNGNIDWTRARVEATNMHGLNNTDWREARAWGPHVICGNQL
RKAGHLSRAVYVPLDEHNTVKVLATARQDGALNRFNGPQLAQTLTNNIVCPNVIEFNTESDVIDYAKMAHIAYIDQAGLI
VASSDAYISGDSQA
;
_entity_poly.pdbx_strand_id                 A 
_entity_poly.pdbx_target_identifier         ? 
# 
_pdbx_entity_nonpoly.entity_id   2 
_pdbx_entity_nonpoly.name        water 
_pdbx_entity_nonpoly.comp_id     HOH 
# 
loop_
_entity_poly_seq.entity_id 
_entity_poly_seq.num 
_entity_poly_seq.mon_id 
_entity_poly_seq.hetero 
1 1   MET n 
1 2   SER n 
1 3   THR n 
1 4   SER n 
1 5   THR n 
1 6   TYR n 
1 7   ALA n 
1 8   LEU n 
1 9   ARG n 
1 10  ALA n 
1 11  GLY n 
1 12  LYS n 
1 13  ARG n 
1 14  ASP n 
1 15  VAL n 
1 16  ARG n 
1 17  ARG n 
1 18  GLU n 
1 19  GLN n 
1 20  GLN n 
1 21  GLU n 
1 22  ILE n 
1 23  ILE n 
1 24  THR n 
1 25  ARG n 
1 26  GLN n 
1 27  ILE n 
1 28  ASN n 
1 29  THR n 
1 30  ALA n 
1 31  PRO n 
1 32  TYR n 
1 33  VAL n 
1 34  GLN n 
1 35  ASP n 
1 36  ALA n 
1 37  MET n 
1 38  MET n 
1 39  ARG n 
1 40  VAL n 
1 41  VAL n 
1 42  VAL n 
1 43  PHE n 
1 44  ALA n 
1 45  GLN n 
1 46  TYR n 
1 47  PRO n 
1 48  SER n 
1 49  GLY n 
1 50  ARG n 
1 51  TYR n 
1 52  LYS n 
1 53  ALA n 
1 54  PHE n 
1 55  ASP n 
1 56  TYR n 
1 57  VAL n 
1 58  PHE n 
1 59  PRO n 
1 60  ASP n 
1 61  TYR n 
1 62  LEU n 
1 63  LYS n 
1 64  VAL n 
1 65  PHE n 
1 66  LEU n 
1 67  ASN n 
1 68  TRP n 
1 69  ARG n 
1 70  GLU n 
1 71  LEU n 
1 72  LEU n 
1 73  GLU n 
1 74  ASP n 
1 75  THR n 
1 76  THR n 
1 77  THR n 
1 78  ASP n 
1 79  TYR n 
1 80  ASP n 
1 81  PRO n 
1 82  ARG n 
1 83  THR n 
1 84  ASN n 
1 85  THR n 
1 86  HIS n 
1 87  ARG n 
1 88  LEU n 
1 89  MET n 
1 90  GLY n 
1 91  GLN n 
1 92  GLY n 
1 93  TYR n 
1 94  ARG n 
1 95  GLN n 
1 96  LEU n 
1 97  ILE n 
1 98  HIS n 
1 99  PRO n 
1 100 ASN n 
1 101 HIS n 
1 102 GLY n 
1 103 SER n 
1 104 GLY n 
1 105 GLU n 
1 106 GLU n 
1 107 PRO n 
1 108 TYR n 
1 109 ASP n 
1 110 THR n 
1 111 ARG n 
1 112 TYR n 
1 113 PRO n 
1 114 MET n 
1 115 GLY n 
1 116 VAL n 
1 117 ILE n 
1 118 VAL n 
1 119 SER n 
1 120 PHE n 
1 121 ASN n 
1 122 GLY n 
1 123 ASN n 
1 124 ILE n 
1 125 ASP n 
1 126 TRP n 
1 127 THR n 
1 128 ARG n 
1 129 ALA n 
1 130 ARG n 
1 131 VAL n 
1 132 GLU n 
1 133 ALA n 
1 134 THR n 
1 135 ASN n 
1 136 MET n 
1 137 HIS n 
1 138 GLY n 
1 139 LEU n 
1 140 ASN n 
1 141 ASN n 
1 142 THR n 
1 143 ASP n 
1 144 TRP n 
1 145 ARG n 
1 146 GLU n 
1 147 ALA n 
1 148 ARG n 
1 149 ALA n 
1 150 TRP n 
1 151 GLY n 
1 152 PRO n 
1 153 HIS n 
1 154 VAL n 
1 155 ILE n 
1 156 CYS n 
1 157 GLY n 
1 158 ASN n 
1 159 GLN n 
1 160 LEU n 
1 161 ARG n 
1 162 LYS n 
1 163 ALA n 
1 164 GLY n 
1 165 HIS n 
1 166 LEU n 
1 167 SER n 
1 168 ARG n 
1 169 ALA n 
1 170 VAL n 
1 171 TYR n 
1 172 VAL n 
1 173 PRO n 
1 174 LEU n 
1 175 ASP n 
1 176 GLU n 
1 177 HIS n 
1 178 ASN n 
1 179 THR n 
1 180 VAL n 
1 181 LYS n 
1 182 VAL n 
1 183 LEU n 
1 184 ALA n 
1 185 THR n 
1 186 ALA n 
1 187 ARG n 
1 188 GLN n 
1 189 ASP n 
1 190 GLY n 
1 191 ALA n 
1 192 LEU n 
1 193 ASN n 
1 194 ARG n 
1 195 PHE n 
1 196 ASN n 
1 197 GLY n 
1 198 PRO n 
1 199 GLN n 
1 200 LEU n 
1 201 ALA n 
1 202 GLN n 
1 203 THR n 
1 204 LEU n 
1 205 THR n 
1 206 ASN n 
1 207 ASN n 
1 208 ILE n 
1 209 VAL n 
1 210 CYS n 
1 211 PRO n 
1 212 ASN n 
1 213 VAL n 
1 214 ILE n 
1 215 GLU n 
1 216 PHE n 
1 217 ASN n 
1 218 THR n 
1 219 GLU n 
1 220 SER n 
1 221 ASP n 
1 222 VAL n 
1 223 ILE n 
1 224 ASP n 
1 225 TYR n 
1 226 ALA n 
1 227 LYS n 
1 228 MET n 
1 229 ALA n 
1 230 HIS n 
1 231 ILE n 
1 232 ALA n 
1 233 TYR n 
1 234 ILE n 
1 235 ASP n 
1 236 GLN n 
1 237 ALA n 
1 238 GLY n 
1 239 LEU n 
1 240 ILE n 
1 241 VAL n 
1 242 ALA n 
1 243 SER n 
1 244 SER n 
1 245 ASP n 
1 246 ALA n 
1 247 TYR n 
1 248 ILE n 
1 249 SER n 
1 250 GLY n 
1 251 ASP n 
1 252 SER n 
1 253 GLN n 
1 254 ALA n 
# 
_entity_src_gen.entity_id                          1 
_entity_src_gen.pdbx_src_id                        1 
_entity_src_gen.pdbx_alt_source_flag               sample 
_entity_src_gen.pdbx_seq_type                      ? 
_entity_src_gen.pdbx_beg_seq_num                   ? 
_entity_src_gen.pdbx_end_seq_num                   ? 
_entity_src_gen.gene_src_common_name               ? 
_entity_src_gen.gene_src_genus                     ? 
_entity_src_gen.pdbx_gene_src_gene                 ? 
_entity_src_gen.gene_src_species                   ? 
_entity_src_gen.gene_src_strain                    ? 
_entity_src_gen.gene_src_tissue                    ? 
_entity_src_gen.gene_src_tissue_fraction           ? 
_entity_src_gen.gene_src_details                   ? 
_entity_src_gen.pdbx_gene_src_fragment             ? 
_entity_src_gen.pdbx_gene_src_scientific_name      'ANTHERAEA MYLITTA CYPOVIRUS 4' 
_entity_src_gen.pdbx_gene_src_ncbi_taxonomy_id     180167 
_entity_src_gen.pdbx_gene_src_variant              ? 
_entity_src_gen.pdbx_gene_src_cell_line            ? 
_entity_src_gen.pdbx_gene_src_atcc                 ? 
_entity_src_gen.pdbx_gene_src_organ                ? 
_entity_src_gen.pdbx_gene_src_organelle            ? 
_entity_src_gen.pdbx_gene_src_cell                 ? 
_entity_src_gen.pdbx_gene_src_cellular_location    ? 
_entity_src_gen.host_org_common_name               'FALL ARMYWORM' 
_entity_src_gen.pdbx_host_org_scientific_name      'SPODOPTERA FRUGIPERDA' 
_entity_src_gen.pdbx_host_org_ncbi_taxonomy_id     7108 
_entity_src_gen.host_org_genus                     ? 
_entity_src_gen.pdbx_host_org_gene                 ? 
_entity_src_gen.pdbx_host_org_organ                ? 
_entity_src_gen.host_org_species                   ? 
_entity_src_gen.pdbx_host_org_tissue               ? 
_entity_src_gen.pdbx_host_org_tissue_fraction      ? 
_entity_src_gen.pdbx_host_org_strain               ? 
_entity_src_gen.pdbx_host_org_variant              ? 
_entity_src_gen.pdbx_host_org_cell_line            SF9 
_entity_src_gen.pdbx_host_org_atcc                 ? 
_entity_src_gen.pdbx_host_org_culture_collection   ? 
_entity_src_gen.pdbx_host_org_cell                 ? 
_entity_src_gen.pdbx_host_org_organelle            ? 
_entity_src_gen.pdbx_host_org_cellular_location    ? 
_entity_src_gen.pdbx_host_org_vector_type          BACULOVIRUS 
_entity_src_gen.pdbx_host_org_vector               ? 
_entity_src_gen.host_org_details                   ? 
_entity_src_gen.expression_system_id               ? 
_entity_src_gen.plasmid_name                       ? 
_entity_src_gen.plasmid_details                    ? 
_entity_src_gen.pdbx_description                   ? 
# 
loop_
_chem_comp.id 
_chem_comp.type 
_chem_comp.mon_nstd_flag 
_chem_comp.name 
_chem_comp.pdbx_synonyms 
_chem_comp.formula 
_chem_comp.formula_weight 
ALA 'L-peptide linking' y ALANINE         ? 'C3 H7 N O2'     89.093  
ARG 'L-peptide linking' y ARGININE        ? 'C6 H15 N4 O2 1' 175.209 
ASN 'L-peptide linking' y ASPARAGINE      ? 'C4 H8 N2 O3'    132.118 
ASP 'L-peptide linking' y 'ASPARTIC ACID' ? 'C4 H7 N O4'     133.103 
CYS 'L-peptide linking' y CYSTEINE        ? 'C3 H7 N O2 S'   121.158 
GLN 'L-peptide linking' y GLUTAMINE       ? 'C5 H10 N2 O3'   146.144 
GLU 'L-peptide linking' y 'GLUTAMIC ACID' ? 'C5 H9 N O4'     147.129 
GLY 'peptide linking'   y GLYCINE         ? 'C2 H5 N O2'     75.067  
HIS 'L-peptide linking' y HISTIDINE       ? 'C6 H10 N3 O2 1' 156.162 
HOH non-polymer         . WATER           ? 'H2 O'           18.015  
ILE 'L-peptide linking' y ISOLEUCINE      ? 'C6 H13 N O2'    131.173 
LEU 'L-peptide linking' y LEUCINE         ? 'C6 H13 N O2'    131.173 
LYS 'L-peptide linking' y LYSINE          ? 'C6 H15 N2 O2 1' 147.195 
MET 'L-peptide linking' y METHIONINE      ? 'C5 H11 N O2 S'  149.211 
PHE 'L-peptide linking' y PHENYLALANINE   ? 'C9 H11 N O2'    165.189 
PRO 'L-peptide linking' y PROLINE         ? 'C5 H9 N O2'     115.130 
SER 'L-peptide linking' y SERINE          ? 'C3 H7 N O3'     105.093 
THR 'L-peptide linking' y THREONINE       ? 'C4 H9 N O3'     119.119 
TRP 'L-peptide linking' y TRYPTOPHAN      ? 'C11 H12 N2 O2'  204.225 
TYR 'L-peptide linking' y TYROSINE        ? 'C9 H11 N O3'    181.189 
VAL 'L-peptide linking' y VALINE          ? 'C5 H11 N O2'    117.146 
# 
loop_
_pdbx_poly_seq_scheme.asym_id 
_pdbx_poly_seq_scheme.entity_id 
_pdbx_poly_seq_scheme.seq_id 
_pdbx_poly_seq_scheme.mon_id 
_pdbx_poly_seq_scheme.ndb_seq_num 
_pdbx_poly_seq_scheme.pdb_seq_num 
_pdbx_poly_seq_scheme.auth_seq_num 
_pdbx_poly_seq_scheme.pdb_mon_id 
_pdbx_poly_seq_scheme.auth_mon_id 
_pdbx_poly_seq_scheme.pdb_strand_id 
_pdbx_poly_seq_scheme.pdb_ins_code 
_pdbx_poly_seq_scheme.hetero 
A 1 1   MET 1   1   ?   ?   ?   A . n 
A 1 2   SER 2   2   ?   ?   ?   A . n 
A 1 3   THR 3   3   ?   ?   ?   A . n 
A 1 4   SER 4   4   ?   ?   ?   A . n 
A 1 5   THR 5   5   ?   ?   ?   A . n 
A 1 6   TYR 6   6   ?   ?   ?   A . n 
A 1 7   ALA 7   7   ?   ?   ?   A . n 
A 1 8   LEU 8   8   ?   ?   ?   A . n 
A 1 9   ARG 9   9   ?   ?   ?   A . n 
A 1 10  ALA 10  10  ?   ?   ?   A . n 
A 1 11  GLY 11  11  ?   ?   ?   A . n 
A 1 12  LYS 12  12  ?   ?   ?   A . n 
A 1 13  ARG 13  13  13  ARG ARG A . n 
A 1 14  ASP 14  14  14  ASP ASP A . n 
A 1 15  VAL 15  15  15  VAL VAL A . n 
A 1 16  ARG 16  16  16  ARG ARG A . n 
A 1 17  ARG 17  17  17  ARG ARG A . n 
A 1 18  GLU 18  18  18  GLU GLU A . n 
A 1 19  GLN 19  19  19  GLN GLN A . n 
A 1 20  GLN 20  20  20  GLN GLN A . n 
A 1 21  GLU 21  21  21  GLU GLU A . n 
A 1 22  ILE 22  22  22  ILE ILE A . n 
A 1 23  ILE 23  23  23  ILE ILE A . n 
A 1 24  THR 24  24  24  THR THR A . n 
A 1 25  ARG 25  25  25  ARG ARG A . n 
A 1 26  GLN 26  26  26  GLN GLN A . n 
A 1 27  ILE 27  27  27  ILE ILE A . n 
A 1 28  ASN 28  28  28  ASN ASN A . n 
A 1 29  THR 29  29  29  THR THR A . n 
A 1 30  ALA 30  30  30  ALA ALA A . n 
A 1 31  PRO 31  31  31  PRO PRO A . n 
A 1 32  TYR 32  32  32  TYR TYR A . n 
A 1 33  VAL 33  33  33  VAL VAL A . n 
A 1 34  GLN 34  34  34  GLN GLN A . n 
A 1 35  ASP 35  35  35  ASP ASP A . n 
A 1 36  ALA 36  36  36  ALA ALA A . n 
A 1 37  MET 37  37  37  MET MET A . n 
A 1 38  MET 38  38  38  MET MET A . n 
A 1 39  ARG 39  39  39  ARG ARG A . n 
A 1 40  VAL 40  40  40  VAL VAL A . n 
A 1 41  VAL 41  41  41  VAL VAL A . n 
A 1 42  VAL 42  42  42  VAL VAL A . n 
A 1 43  PHE 43  43  43  PHE PHE A . n 
A 1 44  ALA 44  44  44  ALA ALA A . n 
A 1 45  GLN 45  45  45  GLN GLN A . n 
A 1 46  TYR 46  46  46  TYR TYR A . n 
A 1 47  PRO 47  47  47  PRO PRO A . n 
A 1 48  SER 48  48  48  SER SER A . n 
A 1 49  GLY 49  49  49  GLY GLY A . n 
A 1 50  ARG 50  50  50  ARG ARG A . n 
A 1 51  TYR 51  51  51  TYR TYR A . n 
A 1 52  LYS 52  52  52  LYS LYS A . n 
A 1 53  ALA 53  53  53  ALA ALA A . n 
A 1 54  PHE 54  54  54  PHE PHE A . n 
A 1 55  ASP 55  55  55  ASP ASP A . n 
A 1 56  TYR 56  56  56  TYR TYR A . n 
A 1 57  VAL 57  57  57  VAL VAL A . n 
A 1 58  PHE 58  58  58  PHE PHE A . n 
A 1 59  PRO 59  59  59  PRO PRO A . n 
A 1 60  ASP 60  60  60  ASP ASP A . n 
A 1 61  TYR 61  61  61  TYR TYR A . n 
A 1 62  LEU 62  62  62  LEU LEU A . n 
A 1 63  LYS 63  63  63  LYS LYS A . n 
A 1 64  VAL 64  64  64  VAL VAL A . n 
A 1 65  PHE 65  65  65  PHE PHE A . n 
A 1 66  LEU 66  66  66  LEU LEU A . n 
A 1 67  ASN 67  67  67  ASN ASN A . n 
A 1 68  TRP 68  68  68  TRP TRP A . n 
A 1 69  ARG 69  69  69  ARG ARG A . n 
A 1 70  GLU 70  70  70  GLU GLU A . n 
A 1 71  LEU 71  71  71  LEU LEU A . n 
A 1 72  LEU 72  72  72  LEU LEU A . n 
A 1 73  GLU 73  73  73  GLU GLU A . n 
A 1 74  ASP 74  74  74  ASP ASP A . n 
A 1 75  THR 75  75  ?   ?   ?   A . n 
A 1 76  THR 76  76  ?   ?   ?   A . n 
A 1 77  THR 77  77  ?   ?   ?   A . n 
A 1 78  ASP 78  78  ?   ?   ?   A . n 
A 1 79  TYR 79  79  ?   ?   ?   A . n 
A 1 80  ASP 80  80  ?   ?   ?   A . n 
A 1 81  PRO 81  81  ?   ?   ?   A . n 
A 1 82  ARG 82  82  ?   ?   ?   A . n 
A 1 83  THR 83  83  ?   ?   ?   A . n 
A 1 84  ASN 84  84  ?   ?   ?   A . n 
A 1 85  THR 85  85  ?   ?   ?   A . n 
A 1 86  HIS 86  86  ?   ?   ?   A . n 
A 1 87  ARG 87  87  ?   ?   ?   A . n 
A 1 88  LEU 88  88  ?   ?   ?   A . n 
A 1 89  MET 89  89  ?   ?   ?   A . n 
A 1 90  GLY 90  90  ?   ?   ?   A . n 
A 1 91  GLN 91  91  ?   ?   ?   A . n 
A 1 92  GLY 92  92  ?   ?   ?   A . n 
A 1 93  TYR 93  93  ?   ?   ?   A . n 
A 1 94  ARG 94  94  ?   ?   ?   A . n 
A 1 95  GLN 95  95  ?   ?   ?   A . n 
A 1 96  LEU 96  96  ?   ?   ?   A . n 
A 1 97  ILE 97  97  ?   ?   ?   A . n 
A 1 98  HIS 98  98  ?   ?   ?   A . n 
A 1 99  PRO 99  99  ?   ?   ?   A . n 
A 1 100 ASN 100 100 ?   ?   ?   A . n 
A 1 101 HIS 101 101 ?   ?   ?   A . n 
A 1 102 GLY 102 102 ?   ?   ?   A . n 
A 1 103 SER 103 103 ?   ?   ?   A . n 
A 1 104 GLY 104 104 ?   ?   ?   A . n 
A 1 105 GLU 105 105 ?   ?   ?   A . n 
A 1 106 GLU 106 106 ?   ?   ?   A . n 
A 1 107 PRO 107 107 ?   ?   ?   A . n 
A 1 108 TYR 108 108 ?   ?   ?   A . n 
A 1 109 ASP 109 109 109 ASP ASP A . n 
A 1 110 THR 110 110 110 THR THR A . n 
A 1 111 ARG 111 111 111 ARG ARG A . n 
A 1 112 TYR 112 112 112 TYR TYR A . n 
A 1 113 PRO 113 113 113 PRO PRO A . n 
A 1 114 MET 114 114 114 MET MET A . n 
A 1 115 GLY 115 115 115 GLY GLY A . n 
A 1 116 VAL 116 116 116 VAL VAL A . n 
A 1 117 ILE 117 117 117 ILE ILE A . n 
A 1 118 VAL 118 118 118 VAL VAL A . n 
A 1 119 SER 119 119 119 SER SER A . n 
A 1 120 PHE 120 120 120 PHE PHE A . n 
A 1 121 ASN 121 121 121 ASN ASN A . n 
A 1 122 GLY 122 122 122 GLY GLY A . n 
A 1 123 ASN 123 123 123 ASN ASN A . n 
A 1 124 ILE 124 124 124 ILE ILE A . n 
A 1 125 ASP 125 125 125 ASP ASP A . n 
A 1 126 TRP 126 126 126 TRP TRP A . n 
A 1 127 THR 127 127 127 THR THR A . n 
A 1 128 ARG 128 128 128 ARG ARG A . n 
A 1 129 ALA 129 129 129 ALA ALA A . n 
A 1 130 ARG 130 130 130 ARG ARG A . n 
A 1 131 VAL 131 131 131 VAL VAL A . n 
A 1 132 GLU 132 132 132 GLU GLU A . n 
A 1 133 ALA 133 133 133 ALA ALA A . n 
A 1 134 THR 134 134 134 THR THR A . n 
A 1 135 ASN 135 135 135 ASN ASN A . n 
A 1 136 MET 136 136 136 MET MET A . n 
A 1 137 HIS 137 137 137 HIS HIS A . n 
A 1 138 GLY 138 138 138 GLY GLY A . n 
A 1 139 LEU 139 139 139 LEU LEU A . n 
A 1 140 ASN 140 140 140 ASN ASN A . n 
A 1 141 ASN 141 141 141 ASN ASN A . n 
A 1 142 THR 142 142 142 THR THR A . n 
A 1 143 ASP 143 143 143 ASP ASP A . n 
A 1 144 TRP 144 144 144 TRP TRP A . n 
A 1 145 ARG 145 145 145 ARG ARG A . n 
A 1 146 GLU 146 146 146 GLU GLU A . n 
A 1 147 ALA 147 147 147 ALA ALA A . n 
A 1 148 ARG 148 148 148 ARG ARG A . n 
A 1 149 ALA 149 149 149 ALA ALA A . n 
A 1 150 TRP 150 150 150 TRP TRP A . n 
A 1 151 GLY 151 151 151 GLY GLY A . n 
A 1 152 PRO 152 152 152 PRO PRO A . n 
A 1 153 HIS 153 153 153 HIS HIS A . n 
A 1 154 VAL 154 154 154 VAL VAL A . n 
A 1 155 ILE 155 155 155 ILE ILE A . n 
A 1 156 CYS 156 156 156 CYS CYS A . n 
A 1 157 GLY 157 157 157 GLY GLY A . n 
A 1 158 ASN 158 158 158 ASN ASN A . n 
A 1 159 GLN 159 159 159 GLN GLN A . n 
A 1 160 LEU 160 160 160 LEU LEU A . n 
A 1 161 ARG 161 161 161 ARG ARG A . n 
A 1 162 LYS 162 162 162 LYS LYS A . n 
A 1 163 ALA 163 163 163 ALA ALA A . n 
A 1 164 GLY 164 164 164 GLY GLY A . n 
A 1 165 HIS 165 165 165 HIS HIS A . n 
A 1 166 LEU 166 166 166 LEU LEU A . n 
A 1 167 SER 167 167 167 SER SER A . n 
A 1 168 ARG 168 168 168 ARG ARG A . n 
A 1 169 ALA 169 169 169 ALA ALA A . n 
A 1 170 VAL 170 170 170 VAL VAL A . n 
A 1 171 TYR 171 171 171 TYR TYR A . n 
A 1 172 VAL 172 172 172 VAL VAL A . n 
A 1 173 PRO 173 173 173 PRO PRO A . n 
A 1 174 LEU 174 174 174 LEU LEU A . n 
A 1 175 ASP 175 175 175 ASP ASP A . n 
A 1 176 GLU 176 176 176 GLU GLU A . n 
A 1 177 HIS 177 177 177 HIS HIS A . n 
A 1 178 ASN 178 178 178 ASN ASN A . n 
A 1 179 THR 179 179 179 THR THR A . n 
A 1 180 VAL 180 180 180 VAL VAL A . n 
A 1 181 LYS 181 181 181 LYS LYS A . n 
A 1 182 VAL 182 182 182 VAL VAL A . n 
A 1 183 LEU 183 183 183 LEU LEU A . n 
A 1 184 ALA 184 184 184 ALA ALA A . n 
A 1 185 THR 185 185 185 THR THR A . n 
A 1 186 ALA 186 186 186 ALA ALA A . n 
A 1 187 ARG 187 187 187 ARG ARG A . n 
A 1 188 GLN 188 188 188 GLN GLN A . n 
A 1 189 ASP 189 189 ?   ?   ?   A . n 
A 1 190 GLY 190 190 ?   ?   ?   A . n 
A 1 191 ALA 191 191 ?   ?   ?   A . n 
A 1 192 LEU 192 192 ?   ?   ?   A . n 
A 1 193 ASN 193 193 193 ASN ASN A . n 
A 1 194 ARG 194 194 194 ARG ARG A . n 
A 1 195 PHE 195 195 195 PHE PHE A . n 
A 1 196 ASN 196 196 196 ASN ASN A . n 
A 1 197 GLY 197 197 197 GLY GLY A . n 
A 1 198 PRO 198 198 198 PRO PRO A . n 
A 1 199 GLN 199 199 199 GLN GLN A . n 
A 1 200 LEU 200 200 200 LEU LEU A . n 
A 1 201 ALA 201 201 201 ALA ALA A . n 
A 1 202 GLN 202 202 202 GLN GLN A . n 
A 1 203 THR 203 203 203 THR THR A . n 
A 1 204 LEU 204 204 204 LEU LEU A . n 
A 1 205 THR 205 205 205 THR THR A . n 
A 1 206 ASN 206 206 206 ASN ASN A . n 
A 1 207 ASN 207 207 207 ASN ASN A . n 
A 1 208 ILE 208 208 208 ILE ILE A . n 
A 1 209 VAL 209 209 209 VAL VAL A . n 
A 1 210 CYS 210 210 210 CYS CYS A . n 
A 1 211 PRO 211 211 211 PRO PRO A . n 
A 1 212 ASN 212 212 212 ASN ASN A . n 
A 1 213 VAL 213 213 213 VAL VAL A . n 
A 1 214 ILE 214 214 214 ILE ILE A . n 
A 1 215 GLU 215 215 215 GLU GLU A . n 
A 1 216 PHE 216 216 216 PHE PHE A . n 
A 1 217 ASN 217 217 217 ASN ASN A . n 
A 1 218 THR 218 218 218 THR THR A . n 
A 1 219 GLU 219 219 219 GLU GLU A . n 
A 1 220 SER 220 220 220 SER SER A . n 
A 1 221 ASP 221 221 221 ASP ASP A . n 
A 1 222 VAL 222 222 222 VAL VAL A . n 
A 1 223 ILE 223 223 223 ILE ILE A . n 
A 1 224 ASP 224 224 224 ASP ASP A . n 
A 1 225 TYR 225 225 225 TYR TYR A . n 
A 1 226 ALA 226 226 226 ALA ALA A . n 
A 1 227 LYS 227 227 227 LYS LYS A . n 
A 1 228 MET 228 228 228 MET MET A . n 
A 1 229 ALA 229 229 229 ALA ALA A . n 
A 1 230 HIS 230 230 230 HIS HIS A . n 
A 1 231 ILE 231 231 231 ILE ILE A . n 
A 1 232 ALA 232 232 232 ALA ALA A . n 
A 1 233 TYR 233 233 233 TYR TYR A . n 
A 1 234 ILE 234 234 234 ILE ILE A . n 
A 1 235 ASP 235 235 235 ASP ASP A . n 
A 1 236 GLN 236 236 236 GLN GLN A . n 
A 1 237 ALA 237 237 237 ALA ALA A . n 
A 1 238 GLY 238 238 238 GLY GLY A . n 
A 1 239 LEU 239 239 239 LEU LEU A . n 
A 1 240 ILE 240 240 240 ILE ILE A . n 
A 1 241 VAL 241 241 241 VAL VAL A . n 
A 1 242 ALA 242 242 242 ALA ALA A . n 
A 1 243 SER 243 243 243 SER SER A . n 
A 1 244 SER 244 244 244 SER SER A . n 
A 1 245 ASP 245 245 245 ASP ASP A . n 
A 1 246 ALA 246 246 246 ALA ALA A . n 
A 1 247 TYR 247 247 247 TYR TYR A . n 
A 1 248 ILE 248 248 248 ILE ILE A . n 
A 1 249 SER 249 249 249 SER SER A . n 
A 1 250 GLY 250 250 250 GLY GLY A . n 
A 1 251 ASP 251 251 251 ASP ASP A . n 
A 1 252 SER 252 252 252 SER SER A . n 
A 1 253 GLN 253 253 253 GLN GLN A . n 
A 1 254 ALA 254 254 ?   ?   ?   A . n 
# 
loop_
_pdbx_nonpoly_scheme.asym_id 
_pdbx_nonpoly_scheme.entity_id 
_pdbx_nonpoly_scheme.mon_id 
_pdbx_nonpoly_scheme.ndb_seq_num 
_pdbx_nonpoly_scheme.pdb_seq_num 
_pdbx_nonpoly_scheme.auth_seq_num 
_pdbx_nonpoly_scheme.pdb_mon_id 
_pdbx_nonpoly_scheme.auth_mon_id 
_pdbx_nonpoly_scheme.pdb_strand_id 
_pdbx_nonpoly_scheme.pdb_ins_code 
B 2 HOH 1  2001 2001 HOH HOH A . 
B 2 HOH 2  2002 2002 HOH HOH A . 
B 2 HOH 3  2003 2003 HOH HOH A . 
B 2 HOH 4  2004 2004 HOH HOH A . 
B 2 HOH 5  2005 2005 HOH HOH A . 
B 2 HOH 6  2006 2006 HOH HOH A . 
B 2 HOH 7  2007 2007 HOH HOH A . 
B 2 HOH 8  2008 2008 HOH HOH A . 
B 2 HOH 9  2009 2009 HOH HOH A . 
B 2 HOH 10 2010 2010 HOH HOH A . 
B 2 HOH 11 2011 2011 HOH HOH A . 
B 2 HOH 12 2012 2012 HOH HOH A . 
B 2 HOH 13 2013 2013 HOH HOH A . 
B 2 HOH 14 2014 2014 HOH HOH A . 
B 2 HOH 15 2015 2015 HOH HOH A . 
B 2 HOH 16 2016 2016 HOH HOH A . 
B 2 HOH 17 2017 2017 HOH HOH A . 
B 2 HOH 18 2018 2018 HOH HOH A . 
B 2 HOH 19 2019 2019 HOH HOH A . 
B 2 HOH 20 2020 2020 HOH HOH A . 
B 2 HOH 21 2021 2021 HOH HOH A . 
B 2 HOH 22 2022 2022 HOH HOH A . 
B 2 HOH 23 2023 2023 HOH HOH A . 
B 2 HOH 24 2024 2024 HOH HOH A . 
B 2 HOH 25 2025 2025 HOH HOH A . 
B 2 HOH 26 2026 2026 HOH HOH A . 
B 2 HOH 27 2027 2027 HOH HOH A . 
B 2 HOH 28 2028 2028 HOH HOH A . 
B 2 HOH 29 2029 2029 HOH HOH A . 
B 2 HOH 30 2030 2030 HOH HOH A . 
B 2 HOH 31 2031 2031 HOH HOH A . 
B 2 HOH 32 2032 2032 HOH HOH A . 
B 2 HOH 33 2033 2033 HOH HOH A . 
B 2 HOH 34 2034 2034 HOH HOH A . 
B 2 HOH 35 2035 2035 HOH HOH A . 
B 2 HOH 36 2036 2036 HOH HOH A . 
B 2 HOH 37 2037 2037 HOH HOH A . 
B 2 HOH 38 2038 2038 HOH HOH A . 
B 2 HOH 39 2039 2039 HOH HOH A . 
B 2 HOH 40 2040 2040 HOH HOH A . 
B 2 HOH 41 2041 2041 HOH HOH A . 
B 2 HOH 42 2042 2042 HOH HOH A . 
B 2 HOH 43 2043 2043 HOH HOH A . 
B 2 HOH 44 2044 2044 HOH HOH A . 
B 2 HOH 45 2045 2045 HOH HOH A . 
B 2 HOH 46 2046 2046 HOH HOH A . 
B 2 HOH 47 2047 2047 HOH HOH A . 
B 2 HOH 48 2048 2048 HOH HOH A . 
B 2 HOH 49 2049 2049 HOH HOH A . 
B 2 HOH 50 2050 2050 HOH HOH A . 
B 2 HOH 51 2051 2051 HOH HOH A . 
B 2 HOH 52 2052 2052 HOH HOH A . 
B 2 HOH 53 2053 2053 HOH HOH A . 
B 2 HOH 54 2054 2054 HOH HOH A . 
B 2 HOH 55 2055 2055 HOH HOH A . 
B 2 HOH 56 2056 2056 HOH HOH A . 
B 2 HOH 57 2057 2057 HOH HOH A . 
B 2 HOH 58 2058 2058 HOH HOH A . 
B 2 HOH 59 2059 2059 HOH HOH A . 
B 2 HOH 60 2060 2060 HOH HOH A . 
B 2 HOH 61 2061 2061 HOH HOH A . 
B 2 HOH 62 2062 2062 HOH HOH A . 
B 2 HOH 63 2063 2063 HOH HOH A . 
B 2 HOH 64 2064 2064 HOH HOH A . 
B 2 HOH 65 2065 2065 HOH HOH A . 
B 2 HOH 66 2066 2066 HOH HOH A . 
B 2 HOH 67 2067 2067 HOH HOH A . 
B 2 HOH 68 2068 2068 HOH HOH A . 
B 2 HOH 69 2069 2069 HOH HOH A . 
B 2 HOH 70 2070 2070 HOH HOH A . 
B 2 HOH 71 2071 2071 HOH HOH A . 
B 2 HOH 72 2072 2072 HOH HOH A . 
B 2 HOH 73 2073 2073 HOH HOH A . 
B 2 HOH 74 2074 2074 HOH HOH A . 
B 2 HOH 75 2075 2075 HOH HOH A . 
B 2 HOH 76 2076 2076 HOH HOH A . 
B 2 HOH 77 2077 2077 HOH HOH A . 
B 2 HOH 78 2078 2078 HOH HOH A . 
B 2 HOH 79 2079 2079 HOH HOH A . 
B 2 HOH 80 2080 2080 HOH HOH A . 
B 2 HOH 81 2081 2081 HOH HOH A . 
B 2 HOH 82 2082 2082 HOH HOH A . 
B 2 HOH 83 2083 2083 HOH HOH A . 
B 2 HOH 84 2084 2084 HOH HOH A . 
B 2 HOH 85 2085 2085 HOH HOH A . 
B 2 HOH 86 2086 2086 HOH HOH A . 
B 2 HOH 87 2087 2087 HOH HOH A . 
B 2 HOH 88 2088 2088 HOH HOH A . 
B 2 HOH 89 2089 2089 HOH HOH A . 
B 2 HOH 90 2090 2090 HOH HOH A . 
B 2 HOH 91 2091 2091 HOH HOH A . 
B 2 HOH 92 2092 2092 HOH HOH A . 
# 
loop_
_software.name 
_software.classification 
_software.version 
_software.citation_id 
_software.pdbx_ordinal 
PHENIX refinement '(PHENIX.REFINE)' ? 1 
PHASER phasing    .                 ? 2 
# 
_cell.entry_id           5A8T 
_cell.length_a           104.813 
_cell.length_b           104.813 
_cell.length_c           104.813 
_cell.angle_alpha        90.00 
_cell.angle_beta         90.00 
_cell.angle_gamma        90.00 
_cell.Z_PDB              24 
_cell.pdbx_unique_axis   ? 
# 
_symmetry.entry_id                         5A8T 
_symmetry.space_group_name_H-M             'I 2 3' 
_symmetry.pdbx_full_space_group_name_H-M   ? 
_symmetry.cell_setting                     ? 
_symmetry.Int_Tables_number                197 
# 
_exptl.entry_id          5A8T 
_exptl.method            'X-RAY DIFFRACTION' 
_exptl.crystals_number   11 
# 
_exptl_crystal.id                    1 
_exptl_crystal.density_meas          ? 
_exptl_crystal.density_Matthews      1.7 
_exptl_crystal.density_percent_sol   26 
_exptl_crystal.description           NONE 
# 
_exptl_crystal_grow.crystal_id      1 
_exptl_crystal_grow.method          ? 
_exptl_crystal_grow.temp            ? 
_exptl_crystal_grow.temp_details    ? 
_exptl_crystal_grow.pH              7.5 
_exptl_crystal_grow.pdbx_pH_range   ? 
_exptl_crystal_grow.pdbx_details    'pH 7.5' 
# 
_diffrn.id                     1 
_diffrn.ambient_temp           100 
_diffrn.ambient_temp_details   ? 
_diffrn.crystal_id             1 
# 
_diffrn_detector.diffrn_id              1 
_diffrn_detector.detector               CCD 
_diffrn_detector.type                   MARRESEARCH 
_diffrn_detector.pdbx_collection_date   ? 
_diffrn_detector.details                ? 
# 
_diffrn_radiation.diffrn_id                        1 
_diffrn_radiation.wavelength_id                    1 
_diffrn_radiation.pdbx_monochromatic_or_laue_m_l   M 
_diffrn_radiation.monochromator                    ? 
_diffrn_radiation.pdbx_diffrn_protocol             'SINGLE WAVELENGTH' 
_diffrn_radiation.pdbx_scattering_type             x-ray 
# 
_diffrn_radiation_wavelength.id           1 
_diffrn_radiation_wavelength.wavelength   0.979 
_diffrn_radiation_wavelength.wt           1.0 
# 
_diffrn_source.diffrn_id                   1 
_diffrn_source.source                      SYNCHROTRON 
_diffrn_source.type                        'DIAMOND BEAMLINE I24' 
_diffrn_source.pdbx_synchrotron_site       Diamond 
_diffrn_source.pdbx_synchrotron_beamline   I24 
_diffrn_source.pdbx_wavelength             0.979 
_diffrn_source.pdbx_wavelength_list        ? 
# 
_reflns.pdbx_diffrn_id               1 
_reflns.pdbx_ordinal                 1 
_reflns.entry_id                     5A8T 
_reflns.observed_criterion_sigma_I   1.0 
_reflns.observed_criterion_sigma_F   ? 
_reflns.d_resolution_low             28.00 
_reflns.d_resolution_high            2.00 
_reflns.number_obs                   11543 
_reflns.number_all                   ? 
_reflns.percent_possible_obs         88.5 
_reflns.pdbx_Rmerge_I_obs            0.18 
_reflns.pdbx_Rsym_value              ? 
_reflns.pdbx_netI_over_sigmaI        8.10 
_reflns.B_iso_Wilson_estimate        21.74 
_reflns.pdbx_redundancy              7.6 
# 
_reflns_shell.pdbx_diffrn_id         1 
_reflns_shell.pdbx_ordinal           1 
_reflns_shell.d_res_high             2.00 
_reflns_shell.d_res_low              2.11 
_reflns_shell.percent_possible_all   42.7 
_reflns_shell.Rmerge_I_obs           0.33 
_reflns_shell.pdbx_Rsym_value        ? 
_reflns_shell.meanI_over_sigI_obs    1.70 
_reflns_shell.pdbx_redundancy        1.5 
# 
_refine.pdbx_refine_id                           'X-RAY DIFFRACTION' 
_refine.entry_id                                 5A8T 
_refine.pdbx_diffrn_id                           1 
_refine.pdbx_TLS_residual_ADP_flag               ? 
_refine.ls_number_reflns_obs                     11542 
_refine.ls_number_reflns_all                     ? 
_refine.pdbx_ls_sigma_I                          ? 
_refine.pdbx_ls_sigma_F                          0.00 
_refine.pdbx_data_cutoff_high_absF               ? 
_refine.pdbx_data_cutoff_low_absF                ? 
_refine.pdbx_data_cutoff_high_rms_absF           ? 
_refine.ls_d_res_low                             28.012 
_refine.ls_d_res_high                            2.003 
_refine.ls_percent_reflns_obs                    88.43 
_refine.ls_R_factor_obs                          0.1776 
_refine.ls_R_factor_all                          ? 
_refine.ls_R_factor_R_work                       0.1746 
_refine.ls_R_factor_R_free                       0.2385 
_refine.ls_R_factor_R_free_error                 ? 
_refine.ls_R_factor_R_free_error_details         ? 
_refine.ls_percent_reflns_R_free                 4.8 
_refine.ls_number_reflns_R_free                  555 
_refine.ls_number_parameters                     ? 
_refine.ls_number_restraints                     ? 
_refine.occupancy_min                            ? 
_refine.occupancy_max                            ? 
_refine.correlation_coeff_Fo_to_Fc               ? 
_refine.correlation_coeff_Fo_to_Fc_free          ? 
_refine.B_iso_mean                               19.9 
_refine.aniso_B[1][1]                            0.0000 
_refine.aniso_B[2][2]                            0.0000 
_refine.aniso_B[3][3]                            0.0000 
_refine.aniso_B[1][2]                            0.0000 
_refine.aniso_B[1][3]                            0.0000 
_refine.aniso_B[2][3]                            0.0000 
_refine.solvent_model_details                    'FLAT BULK SOLVENT MODEL' 
_refine.solvent_model_param_ksol                 0.425 
_refine.solvent_model_param_bsol                 56.560 
_refine.pdbx_solvent_vdw_probe_radii             1.00 
_refine.pdbx_solvent_ion_probe_radii             ? 
_refine.pdbx_solvent_shrinkage_radii             0.72 
_refine.pdbx_ls_cross_valid_method               ? 
_refine.details                                  ? 
_refine.pdbx_starting_model                      'PDB ENTRY 5A8S' 
_refine.pdbx_method_to_determine_struct          'MOLECULAR REPLACEMENT' 
_refine.pdbx_isotropic_thermal_model             ? 
_refine.pdbx_stereochemistry_target_values       ML 
_refine.pdbx_stereochem_target_val_spec_case     ? 
_refine.pdbx_R_Free_selection_details            ? 
_refine.pdbx_overall_ESU_R                       ? 
_refine.pdbx_overall_ESU_R_Free                  ? 
_refine.overall_SU_ML                            0.25 
_refine.pdbx_overall_phase_error                 22.82 
_refine.overall_SU_B                             ? 
_refine.overall_SU_R_Cruickshank_DPI             ? 
_refine.pdbx_overall_SU_R_free_Cruickshank_DPI   ? 
_refine.pdbx_overall_SU_R_Blow_DPI               ? 
_refine.pdbx_overall_SU_R_free_Blow_DPI          ? 
# 
_refine_hist.pdbx_refine_id                   'X-RAY DIFFRACTION' 
_refine_hist.cycle_id                         LAST 
_refine_hist.pdbx_number_atoms_protein        1637 
_refine_hist.pdbx_number_atoms_nucleic_acid   0 
_refine_hist.pdbx_number_atoms_ligand         0 
_refine_hist.number_atoms_solvent             92 
_refine_hist.number_atoms_total               1729 
_refine_hist.d_res_high                       2.003 
_refine_hist.d_res_low                        28.012 
# 
loop_
_refine_ls_restr.type 
_refine_ls_restr.dev_ideal 
_refine_ls_restr.dev_ideal_target 
_refine_ls_restr.weight 
_refine_ls_restr.number 
_refine_ls_restr.pdbx_refine_id 
_refine_ls_restr.pdbx_restraint_function 
f_bond_d           0.006  ? ? 1672 'X-RAY DIFFRACTION' ? 
f_angle_d          0.982  ? ? 2272 'X-RAY DIFFRACTION' ? 
f_dihedral_angle_d 13.232 ? ? 609  'X-RAY DIFFRACTION' ? 
f_chiral_restr     0.069  ? ? 248  'X-RAY DIFFRACTION' ? 
f_plane_restr      0.005  ? ? 299  'X-RAY DIFFRACTION' ? 
# 
loop_
_refine_ls_shell.pdbx_refine_id 
_refine_ls_shell.pdbx_total_number_of_bins_used 
_refine_ls_shell.d_res_high 
_refine_ls_shell.d_res_low 
_refine_ls_shell.number_reflns_R_work 
_refine_ls_shell.R_factor_R_work 
_refine_ls_shell.percent_reflns_obs 
_refine_ls_shell.R_factor_R_free 
_refine_ls_shell.R_factor_R_free_error 
_refine_ls_shell.percent_reflns_R_free 
_refine_ls_shell.number_reflns_R_free 
_refine_ls_shell.number_reflns_all 
_refine_ls_shell.R_factor_all 
'X-RAY DIFFRACTION' . 2.0031 2.2046  1626 0.2131 54.00  0.2722 . . 97  . . 
'X-RAY DIFFRACTION' . 2.2046 2.5234  3073 0.1862 100.00 0.2462 . . 158 . . 
'X-RAY DIFFRACTION' . 2.5234 3.1785  3088 0.1598 100.00 0.2344 . . 152 . . 
'X-RAY DIFFRACTION' . 3.1785 28.0152 3200 0.1721 100.00 0.2306 . . 148 . . 
# 
_struct.entry_id                  5A8T 
_struct.title                     'Crystal structure of Antheraea mylitta CPV4 polyhedra type 2' 
_struct.pdbx_model_details        ? 
_struct.pdbx_CASP_flag            ? 
_struct.pdbx_model_type_details   ? 
# 
_struct_keywords.entry_id        5A8T 
_struct_keywords.pdbx_keywords   'VIRAL PROTEIN' 
_struct_keywords.text            'VIRAL PROTEIN, INSECT VIRUS OCCLUSION BODY, MICROCRYSTAL' 
# 
loop_
_struct_asym.id 
_struct_asym.pdbx_blank_PDB_chainid_flag 
_struct_asym.pdbx_modified 
_struct_asym.entity_id 
_struct_asym.details 
A N N 1 ? 
B N N 2 ? 
# 
_struct_ref.id                         1 
_struct_ref.db_name                    UNP 
_struct_ref.db_code                    Q67G25_9REOV 
_struct_ref.entity_id                  1 
_struct_ref.pdbx_seq_one_letter_code   ? 
_struct_ref.pdbx_align_begin           ? 
_struct_ref.pdbx_db_accession          Q67G25 
_struct_ref.pdbx_db_isoform            ? 
# 
_struct_ref_seq.align_id                      1 
_struct_ref_seq.ref_id                        1 
_struct_ref_seq.pdbx_PDB_id_code              5A8T 
_struct_ref_seq.pdbx_strand_id                A 
_struct_ref_seq.seq_align_beg                 1 
_struct_ref_seq.pdbx_seq_align_beg_ins_code   ? 
_struct_ref_seq.seq_align_end                 254 
_struct_ref_seq.pdbx_seq_align_end_ins_code   ? 
_struct_ref_seq.pdbx_db_accession             Q67G25 
_struct_ref_seq.db_align_beg                  1 
_struct_ref_seq.pdbx_db_align_beg_ins_code    ? 
_struct_ref_seq.db_align_end                  254 
_struct_ref_seq.pdbx_db_align_end_ins_code    ? 
_struct_ref_seq.pdbx_auth_seq_align_beg       1 
_struct_ref_seq.pdbx_auth_seq_align_end       254 
# 
_pdbx_struct_assembly.id                   1 
_pdbx_struct_assembly.details              author_and_software_defined_assembly 
_pdbx_struct_assembly.method_details       PISA 
_pdbx_struct_assembly.oligomeric_details   trimeric 
_pdbx_struct_assembly.oligomeric_count     3 
# 
loop_
_pdbx_struct_assembly_prop.biol_id 
_pdbx_struct_assembly_prop.type 
_pdbx_struct_assembly_prop.value 
_pdbx_struct_assembly_prop.details 
1 'ABSA (A^2)' 7460  ? 
1 MORE         -38.7 ? 
1 'SSA (A^2)'  28280 ? 
# 
_pdbx_struct_assembly_gen.assembly_id       1 
_pdbx_struct_assembly_gen.oper_expression   1,2,3 
_pdbx_struct_assembly_gen.asym_id_list      A,B 
# 
loop_
_pdbx_struct_oper_list.id 
_pdbx_struct_oper_list.type 
_pdbx_struct_oper_list.name 
_pdbx_struct_oper_list.symmetry_operation 
_pdbx_struct_oper_list.matrix[1][1] 
_pdbx_struct_oper_list.matrix[1][2] 
_pdbx_struct_oper_list.matrix[1][3] 
_pdbx_struct_oper_list.vector[1] 
_pdbx_struct_oper_list.matrix[2][1] 
_pdbx_struct_oper_list.matrix[2][2] 
_pdbx_struct_oper_list.matrix[2][3] 
_pdbx_struct_oper_list.vector[2] 
_pdbx_struct_oper_list.matrix[3][1] 
_pdbx_struct_oper_list.matrix[3][2] 
_pdbx_struct_oper_list.matrix[3][3] 
_pdbx_struct_oper_list.vector[3] 
1 'identity operation'         1_555 x,y,z 1.0000000000 0.0000000000 0.0000000000  0.0000000000  0.0000000000 1.0000000000  0.0000000000  0.0000000000   0.0000000000  0.0000000000  1.0000000000  0.0000000000   
2 'crystal symmetry operation' 9_555 y,z,x 0.9316919761 0.2494793117 -0.2640267690 -4.8031547762 0.3516149264 -0.4369078180 0.8279362911  14.7955849723  0.0911976165  -0.8642173521 -0.4947841581 -28.1187251180 
3 'crystal symmetry operation' 5_555 z,x,y 0.9316919761 0.3516149264 0.0911976165  1.8370729551  0.2494793117 -0.4369078180 -0.8642173521 -16.6380956716 -0.2640267690 0.8279362911  -0.4947841581 -27.4306629180 
# 
_struct_biol.id   1 
# 
loop_
_struct_conf.conf_type_id 
_struct_conf.id 
_struct_conf.pdbx_PDB_helix_id 
_struct_conf.beg_label_comp_id 
_struct_conf.beg_label_asym_id 
_struct_conf.beg_label_seq_id 
_struct_conf.pdbx_beg_PDB_ins_code 
_struct_conf.end_label_comp_id 
_struct_conf.end_label_asym_id 
_struct_conf.end_label_seq_id 
_struct_conf.pdbx_end_PDB_ins_code 
_struct_conf.beg_auth_comp_id 
_struct_conf.beg_auth_asym_id 
_struct_conf.beg_auth_seq_id 
_struct_conf.end_auth_comp_id 
_struct_conf.end_auth_asym_id 
_struct_conf.end_auth_seq_id 
_struct_conf.pdbx_PDB_helix_class 
_struct_conf.details 
_struct_conf.pdbx_PDB_helix_length 
HELX_P HELX_P1 1 ASP A 14  ? ALA A 30  ? ASP A 14  ALA A 30  1 ? 17 
HELX_P HELX_P2 2 PRO A 31  ? VAL A 33  ? PRO A 31  VAL A 33  5 ? 3  
HELX_P HELX_P3 3 ASN A 67  ? LEU A 72  ? ASN A 67  LEU A 72  1 ? 6  
HELX_P HELX_P4 4 ASP A 143 ? ALA A 147 ? ASP A 143 ALA A 147 5 ? 5  
HELX_P HELX_P5 5 CYS A 156 ? LEU A 160 ? CYS A 156 LEU A 160 5 ? 5  
HELX_P HELX_P6 6 PRO A 198 ? ASN A 207 ? PRO A 198 ASN A 207 1 ? 10 
HELX_P HELX_P7 7 THR A 218 ? HIS A 230 ? THR A 218 HIS A 230 1 ? 13 
# 
_struct_conf_type.id          HELX_P 
_struct_conf_type.criteria    ? 
_struct_conf_type.reference   ? 
# 
loop_
_struct_sheet.id 
_struct_sheet.type 
_struct_sheet.number_strands 
_struct_sheet.details 
AA ? 6 ? 
AB ? 3 ? 
AC ? 2 ? 
# 
loop_
_struct_sheet_order.sheet_id 
_struct_sheet_order.range_id_1 
_struct_sheet_order.range_id_2 
_struct_sheet_order.offset 
_struct_sheet_order.sense 
AA 1 2 ? anti-parallel 
AA 2 3 ? anti-parallel 
AA 3 4 ? anti-parallel 
AA 4 5 ? anti-parallel 
AA 5 6 ? anti-parallel 
AB 1 2 ? anti-parallel 
AB 2 3 ? anti-parallel 
AC 1 2 ? anti-parallel 
# 
loop_
_struct_sheet_range.sheet_id 
_struct_sheet_range.id 
_struct_sheet_range.beg_label_comp_id 
_struct_sheet_range.beg_label_asym_id 
_struct_sheet_range.beg_label_seq_id 
_struct_sheet_range.pdbx_beg_PDB_ins_code 
_struct_sheet_range.end_label_comp_id 
_struct_sheet_range.end_label_asym_id 
_struct_sheet_range.end_label_seq_id 
_struct_sheet_range.pdbx_end_PDB_ins_code 
_struct_sheet_range.beg_auth_comp_id 
_struct_sheet_range.beg_auth_asym_id 
_struct_sheet_range.beg_auth_seq_id 
_struct_sheet_range.end_auth_comp_id 
_struct_sheet_range.end_auth_asym_id 
_struct_sheet_range.end_auth_seq_id 
AA 1 ARG A 161 ? LYS A 162 ? ARG A 161 LYS A 162 
AA 2 SER A 167 ? PRO A 173 ? SER A 167 PRO A 173 
AA 3 GLY A 115 ? ASN A 121 ? GLY A 115 ASN A 121 
AA 4 MET A 38  ? GLN A 45  ? MET A 38  GLN A 45  
AA 5 TYR A 51  ? PHE A 58  ? TYR A 51  PHE A 58  
AA 6 CYS A 210 ? PHE A 216 ? CYS A 210 PHE A 216 
AB 1 TYR A 61  ? LEU A 66  ? TYR A 61  LEU A 66  
AB 2 THR A 179 ? THR A 185 ? THR A 179 THR A 185 
AB 3 ARG A 130 ? THR A 134 ? ARG A 130 THR A 134 
AC 1 TYR A 233 ? ILE A 234 ? TYR A 233 ILE A 234 
AC 2 ILE A 240 ? ALA A 242 ? ILE A 240 ALA A 242 
# 
loop_
_pdbx_struct_sheet_hbond.sheet_id 
_pdbx_struct_sheet_hbond.range_id_1 
_pdbx_struct_sheet_hbond.range_id_2 
_pdbx_struct_sheet_hbond.range_1_label_atom_id 
_pdbx_struct_sheet_hbond.range_1_label_comp_id 
_pdbx_struct_sheet_hbond.range_1_label_asym_id 
_pdbx_struct_sheet_hbond.range_1_label_seq_id 
_pdbx_struct_sheet_hbond.range_1_PDB_ins_code 
_pdbx_struct_sheet_hbond.range_1_auth_atom_id 
_pdbx_struct_sheet_hbond.range_1_auth_comp_id 
_pdbx_struct_sheet_hbond.range_1_auth_asym_id 
_pdbx_struct_sheet_hbond.range_1_auth_seq_id 
_pdbx_struct_sheet_hbond.range_2_label_atom_id 
_pdbx_struct_sheet_hbond.range_2_label_comp_id 
_pdbx_struct_sheet_hbond.range_2_label_asym_id 
_pdbx_struct_sheet_hbond.range_2_label_seq_id 
_pdbx_struct_sheet_hbond.range_2_PDB_ins_code 
_pdbx_struct_sheet_hbond.range_2_auth_atom_id 
_pdbx_struct_sheet_hbond.range_2_auth_comp_id 
_pdbx_struct_sheet_hbond.range_2_auth_asym_id 
_pdbx_struct_sheet_hbond.range_2_auth_seq_id 
AA 1 2 N ARG A 161 ? N ARG A 161 O ALA A 169 ? O ALA A 169 
AA 2 3 N VAL A 172 ? N VAL A 172 O VAL A 116 ? O VAL A 116 
AA 3 4 N ASN A 121 ? N ASN A 121 O ARG A 39  ? O ARG A 39  
AA 4 5 N ALA A 44  ? N ALA A 44  O LYS A 52  ? O LYS A 52  
AA 5 6 N VAL A 57  ? N VAL A 57  O CYS A 210 ? O CYS A 210 
AB 1 2 N LEU A 66  ? N LEU A 66  O VAL A 180 ? O VAL A 180 
AB 2 3 N LEU A 183 ? N LEU A 183 O ARG A 130 ? O ARG A 130 
AC 1 2 O TYR A 233 ? O TYR A 233 N VAL A 241 ? N VAL A 241 
# 
_pdbx_validate_close_contact.id               1 
_pdbx_validate_close_contact.PDB_model_num    1 
_pdbx_validate_close_contact.auth_atom_id_1   OH 
_pdbx_validate_close_contact.auth_asym_id_1   A 
_pdbx_validate_close_contact.auth_comp_id_1   TYR 
_pdbx_validate_close_contact.auth_seq_id_1    112 
_pdbx_validate_close_contact.PDB_ins_code_1   ? 
_pdbx_validate_close_contact.label_alt_id_1   ? 
_pdbx_validate_close_contact.auth_atom_id_2   O 
_pdbx_validate_close_contact.auth_asym_id_2   A 
_pdbx_validate_close_contact.auth_comp_id_2   ASN 
_pdbx_validate_close_contact.auth_seq_id_2    178 
_pdbx_validate_close_contact.PDB_ins_code_2   ? 
_pdbx_validate_close_contact.label_alt_id_2   ? 
_pdbx_validate_close_contact.dist             2.16 
# 
loop_
_pdbx_validate_torsion.id 
_pdbx_validate_torsion.PDB_model_num 
_pdbx_validate_torsion.auth_comp_id 
_pdbx_validate_torsion.auth_asym_id 
_pdbx_validate_torsion.auth_seq_id 
_pdbx_validate_torsion.PDB_ins_code 
_pdbx_validate_torsion.label_alt_id 
_pdbx_validate_torsion.phi 
_pdbx_validate_torsion.psi 
1 1 ASP A 125 ? ? -65.85  96.49   
2 1 ASN A 135 ? ? -78.30  -169.41 
3 1 CYS A 156 ? ? -164.99 -169.63 
# 
loop_
_pdbx_unobs_or_zero_occ_residues.id 
_pdbx_unobs_or_zero_occ_residues.PDB_model_num 
_pdbx_unobs_or_zero_occ_residues.polymer_flag 
_pdbx_unobs_or_zero_occ_residues.occupancy_flag 
_pdbx_unobs_or_zero_occ_residues.auth_asym_id 
_pdbx_unobs_or_zero_occ_residues.auth_comp_id 
_pdbx_unobs_or_zero_occ_residues.auth_seq_id 
_pdbx_unobs_or_zero_occ_residues.PDB_ins_code 
_pdbx_unobs_or_zero_occ_residues.label_asym_id 
_pdbx_unobs_or_zero_occ_residues.label_comp_id 
_pdbx_unobs_or_zero_occ_residues.label_seq_id 
1  1 Y 1 A MET 1   ? A MET 1   
2  1 Y 1 A SER 2   ? A SER 2   
3  1 Y 1 A THR 3   ? A THR 3   
4  1 Y 1 A SER 4   ? A SER 4   
5  1 Y 1 A THR 5   ? A THR 5   
6  1 Y 1 A TYR 6   ? A TYR 6   
7  1 Y 1 A ALA 7   ? A ALA 7   
8  1 Y 1 A LEU 8   ? A LEU 8   
9  1 Y 1 A ARG 9   ? A ARG 9   
10 1 Y 1 A ALA 10  ? A ALA 10  
11 1 Y 1 A GLY 11  ? A GLY 11  
12 1 Y 1 A LYS 12  ? A LYS 12  
13 1 Y 1 A THR 75  ? A THR 75  
14 1 Y 1 A THR 76  ? A THR 76  
15 1 Y 1 A THR 77  ? A THR 77  
16 1 Y 1 A ASP 78  ? A ASP 78  
17 1 Y 1 A TYR 79  ? A TYR 79  
18 1 Y 1 A ASP 80  ? A ASP 80  
19 1 Y 1 A PRO 81  ? A PRO 81  
20 1 Y 1 A ARG 82  ? A ARG 82  
21 1 Y 1 A THR 83  ? A THR 83  
22 1 Y 1 A ASN 84  ? A ASN 84  
23 1 Y 1 A THR 85  ? A THR 85  
24 1 Y 1 A HIS 86  ? A HIS 86  
25 1 Y 1 A ARG 87  ? A ARG 87  
26 1 Y 1 A LEU 88  ? A LEU 88  
27 1 Y 1 A MET 89  ? A MET 89  
28 1 Y 1 A GLY 90  ? A GLY 90  
29 1 Y 1 A GLN 91  ? A GLN 91  
30 1 Y 1 A GLY 92  ? A GLY 92  
31 1 Y 1 A TYR 93  ? A TYR 93  
32 1 Y 1 A ARG 94  ? A ARG 94  
33 1 Y 1 A GLN 95  ? A GLN 95  
34 1 Y 1 A LEU 96  ? A LEU 96  
35 1 Y 1 A ILE 97  ? A ILE 97  
36 1 Y 1 A HIS 98  ? A HIS 98  
37 1 Y 1 A PRO 99  ? A PRO 99  
38 1 Y 1 A ASN 100 ? A ASN 100 
39 1 Y 1 A HIS 101 ? A HIS 101 
40 1 Y 1 A GLY 102 ? A GLY 102 
41 1 Y 1 A SER 103 ? A SER 103 
42 1 Y 1 A GLY 104 ? A GLY 104 
43 1 Y 1 A GLU 105 ? A GLU 105 
44 1 Y 1 A GLU 106 ? A GLU 106 
45 1 Y 1 A PRO 107 ? A PRO 107 
46 1 Y 1 A TYR 108 ? A TYR 108 
47 1 Y 1 A ASP 189 ? A ASP 189 
48 1 Y 1 A GLY 190 ? A GLY 190 
49 1 Y 1 A ALA 191 ? A ALA 191 
50 1 Y 1 A LEU 192 ? A LEU 192 
51 1 Y 1 A ALA 254 ? A ALA 254 
# 
loop_
_chem_comp_atom.comp_id 
_chem_comp_atom.atom_id 
_chem_comp_atom.type_symbol 
_chem_comp_atom.pdbx_aromatic_flag 
_chem_comp_atom.pdbx_stereo_config 
_chem_comp_atom.pdbx_ordinal 
ALA N    N N N 1   
ALA CA   C N S 2   
ALA C    C N N 3   
ALA O    O N N 4   
ALA CB   C N N 5   
ALA OXT  O N N 6   
ALA H    H N N 7   
ALA H2   H N N 8   
ALA HA   H N N 9   
ALA HB1  H N N 10  
ALA HB2  H N N 11  
ALA HB3  H N N 12  
ALA HXT  H N N 13  
ARG N    N N N 14  
ARG CA   C N S 15  
ARG C    C N N 16  
ARG O    O N N 17  
ARG CB   C N N 18  
ARG CG   C N N 19  
ARG CD   C N N 20  
ARG NE   N N N 21  
ARG CZ   C N N 22  
ARG NH1  N N N 23  
ARG NH2  N N N 24  
ARG OXT  O N N 25  
ARG H    H N N 26  
ARG H2   H N N 27  
ARG HA   H N N 28  
ARG HB2  H N N 29  
ARG HB3  H N N 30  
ARG HG2  H N N 31  
ARG HG3  H N N 32  
ARG HD2  H N N 33  
ARG HD3  H N N 34  
ARG HE   H N N 35  
ARG HH11 H N N 36  
ARG HH12 H N N 37  
ARG HH21 H N N 38  
ARG HH22 H N N 39  
ARG HXT  H N N 40  
ASN N    N N N 41  
ASN CA   C N S 42  
ASN C    C N N 43  
ASN O    O N N 44  
ASN CB   C N N 45  
ASN CG   C N N 46  
ASN OD1  O N N 47  
ASN ND2  N N N 48  
ASN OXT  O N N 49  
ASN H    H N N 50  
ASN H2   H N N 51  
ASN HA   H N N 52  
ASN HB2  H N N 53  
ASN HB3  H N N 54  
ASN HD21 H N N 55  
ASN HD22 H N N 56  
ASN HXT  H N N 57  
ASP N    N N N 58  
ASP CA   C N S 59  
ASP C    C N N 60  
ASP O    O N N 61  
ASP CB   C N N 62  
ASP CG   C N N 63  
ASP OD1  O N N 64  
ASP OD2  O N N 65  
ASP OXT  O N N 66  
ASP H    H N N 67  
ASP H2   H N N 68  
ASP HA   H N N 69  
ASP HB2  H N N 70  
ASP HB3  H N N 71  
ASP HD2  H N N 72  
ASP HXT  H N N 73  
CYS N    N N N 74  
CYS CA   C N R 75  
CYS C    C N N 76  
CYS O    O N N 77  
CYS CB   C N N 78  
CYS SG   S N N 79  
CYS OXT  O N N 80  
CYS H    H N N 81  
CYS H2   H N N 82  
CYS HA   H N N 83  
CYS HB2  H N N 84  
CYS HB3  H N N 85  
CYS HG   H N N 86  
CYS HXT  H N N 87  
GLN N    N N N 88  
GLN CA   C N S 89  
GLN C    C N N 90  
GLN O    O N N 91  
GLN CB   C N N 92  
GLN CG   C N N 93  
GLN CD   C N N 94  
GLN OE1  O N N 95  
GLN NE2  N N N 96  
GLN OXT  O N N 97  
GLN H    H N N 98  
GLN H2   H N N 99  
GLN HA   H N N 100 
GLN HB2  H N N 101 
GLN HB3  H N N 102 
GLN HG2  H N N 103 
GLN HG3  H N N 104 
GLN HE21 H N N 105 
GLN HE22 H N N 106 
GLN HXT  H N N 107 
GLU N    N N N 108 
GLU CA   C N S 109 
GLU C    C N N 110 
GLU O    O N N 111 
GLU CB   C N N 112 
GLU CG   C N N 113 
GLU CD   C N N 114 
GLU OE1  O N N 115 
GLU OE2  O N N 116 
GLU OXT  O N N 117 
GLU H    H N N 118 
GLU H2   H N N 119 
GLU HA   H N N 120 
GLU HB2  H N N 121 
GLU HB3  H N N 122 
GLU HG2  H N N 123 
GLU HG3  H N N 124 
GLU HE2  H N N 125 
GLU HXT  H N N 126 
GLY N    N N N 127 
GLY CA   C N N 128 
GLY C    C N N 129 
GLY O    O N N 130 
GLY OXT  O N N 131 
GLY H    H N N 132 
GLY H2   H N N 133 
GLY HA2  H N N 134 
GLY HA3  H N N 135 
GLY HXT  H N N 136 
HIS N    N N N 137 
HIS CA   C N S 138 
HIS C    C N N 139 
HIS O    O N N 140 
HIS CB   C N N 141 
HIS CG   C Y N 142 
HIS ND1  N Y N 143 
HIS CD2  C Y N 144 
HIS CE1  C Y N 145 
HIS NE2  N Y N 146 
HIS OXT  O N N 147 
HIS H    H N N 148 
HIS H2   H N N 149 
HIS HA   H N N 150 
HIS HB2  H N N 151 
HIS HB3  H N N 152 
HIS HD1  H N N 153 
HIS HD2  H N N 154 
HIS HE1  H N N 155 
HIS HE2  H N N 156 
HIS HXT  H N N 157 
HOH O    O N N 158 
HOH H1   H N N 159 
HOH H2   H N N 160 
ILE N    N N N 161 
ILE CA   C N S 162 
ILE C    C N N 163 
ILE O    O N N 164 
ILE CB   C N S 165 
ILE CG1  C N N 166 
ILE CG2  C N N 167 
ILE CD1  C N N 168 
ILE OXT  O N N 169 
ILE H    H N N 170 
ILE H2   H N N 171 
ILE HA   H N N 172 
ILE HB   H N N 173 
ILE HG12 H N N 174 
ILE HG13 H N N 175 
ILE HG21 H N N 176 
ILE HG22 H N N 177 
ILE HG23 H N N 178 
ILE HD11 H N N 179 
ILE HD12 H N N 180 
ILE HD13 H N N 181 
ILE HXT  H N N 182 
LEU N    N N N 183 
LEU CA   C N S 184 
LEU C    C N N 185 
LEU O    O N N 186 
LEU CB   C N N 187 
LEU CG   C N N 188 
LEU CD1  C N N 189 
LEU CD2  C N N 190 
LEU OXT  O N N 191 
LEU H    H N N 192 
LEU H2   H N N 193 
LEU HA   H N N 194 
LEU HB2  H N N 195 
LEU HB3  H N N 196 
LEU HG   H N N 197 
LEU HD11 H N N 198 
LEU HD12 H N N 199 
LEU HD13 H N N 200 
LEU HD21 H N N 201 
LEU HD22 H N N 202 
LEU HD23 H N N 203 
LEU HXT  H N N 204 
LYS N    N N N 205 
LYS CA   C N S 206 
LYS C    C N N 207 
LYS O    O N N 208 
LYS CB   C N N 209 
LYS CG   C N N 210 
LYS CD   C N N 211 
LYS CE   C N N 212 
LYS NZ   N N N 213 
LYS OXT  O N N 214 
LYS H    H N N 215 
LYS H2   H N N 216 
LYS HA   H N N 217 
LYS HB2  H N N 218 
LYS HB3  H N N 219 
LYS HG2  H N N 220 
LYS HG3  H N N 221 
LYS HD2  H N N 222 
LYS HD3  H N N 223 
LYS HE2  H N N 224 
LYS HE3  H N N 225 
LYS HZ1  H N N 226 
LYS HZ2  H N N 227 
LYS HZ3  H N N 228 
LYS HXT  H N N 229 
MET N    N N N 230 
MET CA   C N S 231 
MET C    C N N 232 
MET O    O N N 233 
MET CB   C N N 234 
MET CG   C N N 235 
MET SD   S N N 236 
MET CE   C N N 237 
MET OXT  O N N 238 
MET H    H N N 239 
MET H2   H N N 240 
MET HA   H N N 241 
MET HB2  H N N 242 
MET HB3  H N N 243 
MET HG2  H N N 244 
MET HG3  H N N 245 
MET HE1  H N N 246 
MET HE2  H N N 247 
MET HE3  H N N 248 
MET HXT  H N N 249 
PHE N    N N N 250 
PHE CA   C N S 251 
PHE C    C N N 252 
PHE O    O N N 253 
PHE CB   C N N 254 
PHE CG   C Y N 255 
PHE CD1  C Y N 256 
PHE CD2  C Y N 257 
PHE CE1  C Y N 258 
PHE CE2  C Y N 259 
PHE CZ   C Y N 260 
PHE OXT  O N N 261 
PHE H    H N N 262 
PHE H2   H N N 263 
PHE HA   H N N 264 
PHE HB2  H N N 265 
PHE HB3  H N N 266 
PHE HD1  H N N 267 
PHE HD2  H N N 268 
PHE HE1  H N N 269 
PHE HE2  H N N 270 
PHE HZ   H N N 271 
PHE HXT  H N N 272 
PRO N    N N N 273 
PRO CA   C N S 274 
PRO C    C N N 275 
PRO O    O N N 276 
PRO CB   C N N 277 
PRO CG   C N N 278 
PRO CD   C N N 279 
PRO OXT  O N N 280 
PRO H    H N N 281 
PRO HA   H N N 282 
PRO HB2  H N N 283 
PRO HB3  H N N 284 
PRO HG2  H N N 285 
PRO HG3  H N N 286 
PRO HD2  H N N 287 
PRO HD3  H N N 288 
PRO HXT  H N N 289 
SER N    N N N 290 
SER CA   C N S 291 
SER C    C N N 292 
SER O    O N N 293 
SER CB   C N N 294 
SER OG   O N N 295 
SER OXT  O N N 296 
SER H    H N N 297 
SER H2   H N N 298 
SER HA   H N N 299 
SER HB2  H N N 300 
SER HB3  H N N 301 
SER HG   H N N 302 
SER HXT  H N N 303 
THR N    N N N 304 
THR CA   C N S 305 
THR C    C N N 306 
THR O    O N N 307 
THR CB   C N R 308 
THR OG1  O N N 309 
THR CG2  C N N 310 
THR OXT  O N N 311 
THR H    H N N 312 
THR H2   H N N 313 
THR HA   H N N 314 
THR HB   H N N 315 
THR HG1  H N N 316 
THR HG21 H N N 317 
THR HG22 H N N 318 
THR HG23 H N N 319 
THR HXT  H N N 320 
TRP N    N N N 321 
TRP CA   C N S 322 
TRP C    C N N 323 
TRP O    O N N 324 
TRP CB   C N N 325 
TRP CG   C Y N 326 
TRP CD1  C Y N 327 
TRP CD2  C Y N 328 
TRP NE1  N Y N 329 
TRP CE2  C Y N 330 
TRP CE3  C Y N 331 
TRP CZ2  C Y N 332 
TRP CZ3  C Y N 333 
TRP CH2  C Y N 334 
TRP OXT  O N N 335 
TRP H    H N N 336 
TRP H2   H N N 337 
TRP HA   H N N 338 
TRP HB2  H N N 339 
TRP HB3  H N N 340 
TRP HD1  H N N 341 
TRP HE1  H N N 342 
TRP HE3  H N N 343 
TRP HZ2  H N N 344 
TRP HZ3  H N N 345 
TRP HH2  H N N 346 
TRP HXT  H N N 347 
TYR N    N N N 348 
TYR CA   C N S 349 
TYR C    C N N 350 
TYR O    O N N 351 
TYR CB   C N N 352 
TYR CG   C Y N 353 
TYR CD1  C Y N 354 
TYR CD2  C Y N 355 
TYR CE1  C Y N 356 
TYR CE2  C Y N 357 
TYR CZ   C Y N 358 
TYR OH   O N N 359 
TYR OXT  O N N 360 
TYR H    H N N 361 
TYR H2   H N N 362 
TYR HA   H N N 363 
TYR HB2  H N N 364 
TYR HB3  H N N 365 
TYR HD1  H N N 366 
TYR HD2  H N N 367 
TYR HE1  H N N 368 
TYR HE2  H N N 369 
TYR HH   H N N 370 
TYR HXT  H N N 371 
VAL N    N N N 372 
VAL CA   C N S 373 
VAL C    C N N 374 
VAL O    O N N 375 
VAL CB   C N N 376 
VAL CG1  C N N 377 
VAL CG2  C N N 378 
VAL OXT  O N N 379 
VAL H    H N N 380 
VAL H2   H N N 381 
VAL HA   H N N 382 
VAL HB   H N N 383 
VAL HG11 H N N 384 
VAL HG12 H N N 385 
VAL HG13 H N N 386 
VAL HG21 H N N 387 
VAL HG22 H N N 388 
VAL HG23 H N N 389 
VAL HXT  H N N 390 
# 
loop_
_chem_comp_bond.comp_id 
_chem_comp_bond.atom_id_1 
_chem_comp_bond.atom_id_2 
_chem_comp_bond.value_order 
_chem_comp_bond.pdbx_aromatic_flag 
_chem_comp_bond.pdbx_stereo_config 
_chem_comp_bond.pdbx_ordinal 
ALA N   CA   sing N N 1   
ALA N   H    sing N N 2   
ALA N   H2   sing N N 3   
ALA CA  C    sing N N 4   
ALA CA  CB   sing N N 5   
ALA CA  HA   sing N N 6   
ALA C   O    doub N N 7   
ALA C   OXT  sing N N 8   
ALA CB  HB1  sing N N 9   
ALA CB  HB2  sing N N 10  
ALA CB  HB3  sing N N 11  
ALA OXT HXT  sing N N 12  
ARG N   CA   sing N N 13  
ARG N   H    sing N N 14  
ARG N   H2   sing N N 15  
ARG CA  C    sing N N 16  
ARG CA  CB   sing N N 17  
ARG CA  HA   sing N N 18  
ARG C   O    doub N N 19  
ARG C   OXT  sing N N 20  
ARG CB  CG   sing N N 21  
ARG CB  HB2  sing N N 22  
ARG CB  HB3  sing N N 23  
ARG CG  CD   sing N N 24  
ARG CG  HG2  sing N N 25  
ARG CG  HG3  sing N N 26  
ARG CD  NE   sing N N 27  
ARG CD  HD2  sing N N 28  
ARG CD  HD3  sing N N 29  
ARG NE  CZ   sing N N 30  
ARG NE  HE   sing N N 31  
ARG CZ  NH1  sing N N 32  
ARG CZ  NH2  doub N N 33  
ARG NH1 HH11 sing N N 34  
ARG NH1 HH12 sing N N 35  
ARG NH2 HH21 sing N N 36  
ARG NH2 HH22 sing N N 37  
ARG OXT HXT  sing N N 38  
ASN N   CA   sing N N 39  
ASN N   H    sing N N 40  
ASN N   H2   sing N N 41  
ASN CA  C    sing N N 42  
ASN CA  CB   sing N N 43  
ASN CA  HA   sing N N 44  
ASN C   O    doub N N 45  
ASN C   OXT  sing N N 46  
ASN CB  CG   sing N N 47  
ASN CB  HB2  sing N N 48  
ASN CB  HB3  sing N N 49  
ASN CG  OD1  doub N N 50  
ASN CG  ND2  sing N N 51  
ASN ND2 HD21 sing N N 52  
ASN ND2 HD22 sing N N 53  
ASN OXT HXT  sing N N 54  
ASP N   CA   sing N N 55  
ASP N   H    sing N N 56  
ASP N   H2   sing N N 57  
ASP CA  C    sing N N 58  
ASP CA  CB   sing N N 59  
ASP CA  HA   sing N N 60  
ASP C   O    doub N N 61  
ASP C   OXT  sing N N 62  
ASP CB  CG   sing N N 63  
ASP CB  HB2  sing N N 64  
ASP CB  HB3  sing N N 65  
ASP CG  OD1  doub N N 66  
ASP CG  OD2  sing N N 67  
ASP OD2 HD2  sing N N 68  
ASP OXT HXT  sing N N 69  
CYS N   CA   sing N N 70  
CYS N   H    sing N N 71  
CYS N   H2   sing N N 72  
CYS CA  C    sing N N 73  
CYS CA  CB   sing N N 74  
CYS CA  HA   sing N N 75  
CYS C   O    doub N N 76  
CYS C   OXT  sing N N 77  
CYS CB  SG   sing N N 78  
CYS CB  HB2  sing N N 79  
CYS CB  HB3  sing N N 80  
CYS SG  HG   sing N N 81  
CYS OXT HXT  sing N N 82  
GLN N   CA   sing N N 83  
GLN N   H    sing N N 84  
GLN N   H2   sing N N 85  
GLN CA  C    sing N N 86  
GLN CA  CB   sing N N 87  
GLN CA  HA   sing N N 88  
GLN C   O    doub N N 89  
GLN C   OXT  sing N N 90  
GLN CB  CG   sing N N 91  
GLN CB  HB2  sing N N 92  
GLN CB  HB3  sing N N 93  
GLN CG  CD   sing N N 94  
GLN CG  HG2  sing N N 95  
GLN CG  HG3  sing N N 96  
GLN CD  OE1  doub N N 97  
GLN CD  NE2  sing N N 98  
GLN NE2 HE21 sing N N 99  
GLN NE2 HE22 sing N N 100 
GLN OXT HXT  sing N N 101 
GLU N   CA   sing N N 102 
GLU N   H    sing N N 103 
GLU N   H2   sing N N 104 
GLU CA  C    sing N N 105 
GLU CA  CB   sing N N 106 
GLU CA  HA   sing N N 107 
GLU C   O    doub N N 108 
GLU C   OXT  sing N N 109 
GLU CB  CG   sing N N 110 
GLU CB  HB2  sing N N 111 
GLU CB  HB3  sing N N 112 
GLU CG  CD   sing N N 113 
GLU CG  HG2  sing N N 114 
GLU CG  HG3  sing N N 115 
GLU CD  OE1  doub N N 116 
GLU CD  OE2  sing N N 117 
GLU OE2 HE2  sing N N 118 
GLU OXT HXT  sing N N 119 
GLY N   CA   sing N N 120 
GLY N   H    sing N N 121 
GLY N   H2   sing N N 122 
GLY CA  C    sing N N 123 
GLY CA  HA2  sing N N 124 
GLY CA  HA3  sing N N 125 
GLY C   O    doub N N 126 
GLY C   OXT  sing N N 127 
GLY OXT HXT  sing N N 128 
HIS N   CA   sing N N 129 
HIS N   H    sing N N 130 
HIS N   H2   sing N N 131 
HIS CA  C    sing N N 132 
HIS CA  CB   sing N N 133 
HIS CA  HA   sing N N 134 
HIS C   O    doub N N 135 
HIS C   OXT  sing N N 136 
HIS CB  CG   sing N N 137 
HIS CB  HB2  sing N N 138 
HIS CB  HB3  sing N N 139 
HIS CG  ND1  sing Y N 140 
HIS CG  CD2  doub Y N 141 
HIS ND1 CE1  doub Y N 142 
HIS ND1 HD1  sing N N 143 
HIS CD2 NE2  sing Y N 144 
HIS CD2 HD2  sing N N 145 
HIS CE1 NE2  sing Y N 146 
HIS CE1 HE1  sing N N 147 
HIS NE2 HE2  sing N N 148 
HIS OXT HXT  sing N N 149 
HOH O   H1   sing N N 150 
HOH O   H2   sing N N 151 
ILE N   CA   sing N N 152 
ILE N   H    sing N N 153 
ILE N   H2   sing N N 154 
ILE CA  C    sing N N 155 
ILE CA  CB   sing N N 156 
ILE CA  HA   sing N N 157 
ILE C   O    doub N N 158 
ILE C   OXT  sing N N 159 
ILE CB  CG1  sing N N 160 
ILE CB  CG2  sing N N 161 
ILE CB  HB   sing N N 162 
ILE CG1 CD1  sing N N 163 
ILE CG1 HG12 sing N N 164 
ILE CG1 HG13 sing N N 165 
ILE CG2 HG21 sing N N 166 
ILE CG2 HG22 sing N N 167 
ILE CG2 HG23 sing N N 168 
ILE CD1 HD11 sing N N 169 
ILE CD1 HD12 sing N N 170 
ILE CD1 HD13 sing N N 171 
ILE OXT HXT  sing N N 172 
LEU N   CA   sing N N 173 
LEU N   H    sing N N 174 
LEU N   H2   sing N N 175 
LEU CA  C    sing N N 176 
LEU CA  CB   sing N N 177 
LEU CA  HA   sing N N 178 
LEU C   O    doub N N 179 
LEU C   OXT  sing N N 180 
LEU CB  CG   sing N N 181 
LEU CB  HB2  sing N N 182 
LEU CB  HB3  sing N N 183 
LEU CG  CD1  sing N N 184 
LEU CG  CD2  sing N N 185 
LEU CG  HG   sing N N 186 
LEU CD1 HD11 sing N N 187 
LEU CD1 HD12 sing N N 188 
LEU CD1 HD13 sing N N 189 
LEU CD2 HD21 sing N N 190 
LEU CD2 HD22 sing N N 191 
LEU CD2 HD23 sing N N 192 
LEU OXT HXT  sing N N 193 
LYS N   CA   sing N N 194 
LYS N   H    sing N N 195 
LYS N   H2   sing N N 196 
LYS CA  C    sing N N 197 
LYS CA  CB   sing N N 198 
LYS CA  HA   sing N N 199 
LYS C   O    doub N N 200 
LYS C   OXT  sing N N 201 
LYS CB  CG   sing N N 202 
LYS CB  HB2  sing N N 203 
LYS CB  HB3  sing N N 204 
LYS CG  CD   sing N N 205 
LYS CG  HG2  sing N N 206 
LYS CG  HG3  sing N N 207 
LYS CD  CE   sing N N 208 
LYS CD  HD2  sing N N 209 
LYS CD  HD3  sing N N 210 
LYS CE  NZ   sing N N 211 
LYS CE  HE2  sing N N 212 
LYS CE  HE3  sing N N 213 
LYS NZ  HZ1  sing N N 214 
LYS NZ  HZ2  sing N N 215 
LYS NZ  HZ3  sing N N 216 
LYS OXT HXT  sing N N 217 
MET N   CA   sing N N 218 
MET N   H    sing N N 219 
MET N   H2   sing N N 220 
MET CA  C    sing N N 221 
MET CA  CB   sing N N 222 
MET CA  HA   sing N N 223 
MET C   O    doub N N 224 
MET C   OXT  sing N N 225 
MET CB  CG   sing N N 226 
MET CB  HB2  sing N N 227 
MET CB  HB3  sing N N 228 
MET CG  SD   sing N N 229 
MET CG  HG2  sing N N 230 
MET CG  HG3  sing N N 231 
MET SD  CE   sing N N 232 
MET CE  HE1  sing N N 233 
MET CE  HE2  sing N N 234 
MET CE  HE3  sing N N 235 
MET OXT HXT  sing N N 236 
PHE N   CA   sing N N 237 
PHE N   H    sing N N 238 
PHE N   H2   sing N N 239 
PHE CA  C    sing N N 240 
PHE CA  CB   sing N N 241 
PHE CA  HA   sing N N 242 
PHE C   O    doub N N 243 
PHE C   OXT  sing N N 244 
PHE CB  CG   sing N N 245 
PHE CB  HB2  sing N N 246 
PHE CB  HB3  sing N N 247 
PHE CG  CD1  doub Y N 248 
PHE CG  CD2  sing Y N 249 
PHE CD1 CE1  sing Y N 250 
PHE CD1 HD1  sing N N 251 
PHE CD2 CE2  doub Y N 252 
PHE CD2 HD2  sing N N 253 
PHE CE1 CZ   doub Y N 254 
PHE CE1 HE1  sing N N 255 
PHE CE2 CZ   sing Y N 256 
PHE CE2 HE2  sing N N 257 
PHE CZ  HZ   sing N N 258 
PHE OXT HXT  sing N N 259 
PRO N   CA   sing N N 260 
PRO N   CD   sing N N 261 
PRO N   H    sing N N 262 
PRO CA  C    sing N N 263 
PRO CA  CB   sing N N 264 
PRO CA  HA   sing N N 265 
PRO C   O    doub N N 266 
PRO C   OXT  sing N N 267 
PRO CB  CG   sing N N 268 
PRO CB  HB2  sing N N 269 
PRO CB  HB3  sing N N 270 
PRO CG  CD   sing N N 271 
PRO CG  HG2  sing N N 272 
PRO CG  HG3  sing N N 273 
PRO CD  HD2  sing N N 274 
PRO CD  HD3  sing N N 275 
PRO OXT HXT  sing N N 276 
SER N   CA   sing N N 277 
SER N   H    sing N N 278 
SER N   H2   sing N N 279 
SER CA  C    sing N N 280 
SER CA  CB   sing N N 281 
SER CA  HA   sing N N 282 
SER C   O    doub N N 283 
SER C   OXT  sing N N 284 
SER CB  OG   sing N N 285 
SER CB  HB2  sing N N 286 
SER CB  HB3  sing N N 287 
SER OG  HG   sing N N 288 
SER OXT HXT  sing N N 289 
THR N   CA   sing N N 290 
THR N   H    sing N N 291 
THR N   H2   sing N N 292 
THR CA  C    sing N N 293 
THR CA  CB   sing N N 294 
THR CA  HA   sing N N 295 
THR C   O    doub N N 296 
THR C   OXT  sing N N 297 
THR CB  OG1  sing N N 298 
THR CB  CG2  sing N N 299 
THR CB  HB   sing N N 300 
THR OG1 HG1  sing N N 301 
THR CG2 HG21 sing N N 302 
THR CG2 HG22 sing N N 303 
THR CG2 HG23 sing N N 304 
THR OXT HXT  sing N N 305 
TRP N   CA   sing N N 306 
TRP N   H    sing N N 307 
TRP N   H2   sing N N 308 
TRP CA  C    sing N N 309 
TRP CA  CB   sing N N 310 
TRP CA  HA   sing N N 311 
TRP C   O    doub N N 312 
TRP C   OXT  sing N N 313 
TRP CB  CG   sing N N 314 
TRP CB  HB2  sing N N 315 
TRP CB  HB3  sing N N 316 
TRP CG  CD1  doub Y N 317 
TRP CG  CD2  sing Y N 318 
TRP CD1 NE1  sing Y N 319 
TRP CD1 HD1  sing N N 320 
TRP CD2 CE2  doub Y N 321 
TRP CD2 CE3  sing Y N 322 
TRP NE1 CE2  sing Y N 323 
TRP NE1 HE1  sing N N 324 
TRP CE2 CZ2  sing Y N 325 
TRP CE3 CZ3  doub Y N 326 
TRP CE3 HE3  sing N N 327 
TRP CZ2 CH2  doub Y N 328 
TRP CZ2 HZ2  sing N N 329 
TRP CZ3 CH2  sing Y N 330 
TRP CZ3 HZ3  sing N N 331 
TRP CH2 HH2  sing N N 332 
TRP OXT HXT  sing N N 333 
TYR N   CA   sing N N 334 
TYR N   H    sing N N 335 
TYR N   H2   sing N N 336 
TYR CA  C    sing N N 337 
TYR CA  CB   sing N N 338 
TYR CA  HA   sing N N 339 
TYR C   O    doub N N 340 
TYR C   OXT  sing N N 341 
TYR CB  CG   sing N N 342 
TYR CB  HB2  sing N N 343 
TYR CB  HB3  sing N N 344 
TYR CG  CD1  doub Y N 345 
TYR CG  CD2  sing Y N 346 
TYR CD1 CE1  sing Y N 347 
TYR CD1 HD1  sing N N 348 
TYR CD2 CE2  doub Y N 349 
TYR CD2 HD2  sing N N 350 
TYR CE1 CZ   doub Y N 351 
TYR CE1 HE1  sing N N 352 
TYR CE2 CZ   sing Y N 353 
TYR CE2 HE2  sing N N 354 
TYR CZ  OH   sing N N 355 
TYR OH  HH   sing N N 356 
TYR OXT HXT  sing N N 357 
VAL N   CA   sing N N 358 
VAL N   H    sing N N 359 
VAL N   H2   sing N N 360 
VAL CA  C    sing N N 361 
VAL CA  CB   sing N N 362 
VAL CA  HA   sing N N 363 
VAL C   O    doub N N 364 
VAL C   OXT  sing N N 365 
VAL CB  CG1  sing N N 366 
VAL CB  CG2  sing N N 367 
VAL CB  HB   sing N N 368 
VAL CG1 HG11 sing N N 369 
VAL CG1 HG12 sing N N 370 
VAL CG1 HG13 sing N N 371 
VAL CG2 HG21 sing N N 372 
VAL CG2 HG22 sing N N 373 
VAL CG2 HG23 sing N N 374 
VAL OXT HXT  sing N N 375 
# 
_pdbx_initial_refinement_model.id               1 
_pdbx_initial_refinement_model.entity_id_list   ? 
_pdbx_initial_refinement_model.type             'experimental model' 
_pdbx_initial_refinement_model.source_name      PDB 
_pdbx_initial_refinement_model.accession_code   5A8S 
_pdbx_initial_refinement_model.details          'PDB ENTRY 5A8S' 
# 
_atom_sites.entry_id                    5A8T 
_atom_sites.fract_transf_matrix[1][1]   0.00485065 
_atom_sites.fract_transf_matrix[1][2]   0.00550580 
_atom_sites.fract_transf_matrix[1][3]   0.00609820 
_atom_sites.fract_transf_matrix[2][1]   0.00701138 
_atom_sites.fract_transf_matrix[2][2]   -0.00646556 
_atom_sites.fract_transf_matrix[2][3]   0.00026045 
_atom_sites.fract_transf_matrix[3][1]   0.00428281 
_atom_sites.fract_transf_matrix[3][2]   0.00434896 
_atom_sites.fract_transf_matrix[3][3]   -0.00733313 
_atom_sites.fract_transf_vector[1]      0.343258 
_atom_sites.fract_transf_vector[2]      0.229947 
_atom_sites.fract_transf_vector[3]      0.093285 
# 
loop_
_atom_type.symbol 
C 
N 
O 
S 
# 
loop_
_atom_site.group_PDB 
_atom_site.id 
_atom_site.type_symbol 
_atom_site.label_atom_id 
_atom_site.label_alt_id 
_atom_site.label_comp_id 
_atom_site.label_asym_id 
_atom_site.label_entity_id 
_atom_site.label_seq_id 
_atom_site.pdbx_PDB_ins_code 
_atom_site.Cartn_x 
_atom_site.Cartn_y 
_atom_site.Cartn_z 
_atom_site.occupancy 
_atom_site.B_iso_or_equiv 
_atom_site.pdbx_formal_charge 
_atom_site.auth_seq_id 
_atom_site.auth_comp_id 
_atom_site.auth_asym_id 
_atom_site.auth_atom_id 
_atom_site.pdbx_PDB_model_num 
ATOM   1    N N   . ARG A 1 13  ? 21.912  -25.286 22.365  1.00 51.44 ? 13   ARG A N   1 
ATOM   2    C CA  . ARG A 1 13  ? 21.314  -26.615 22.444  1.00 53.12 ? 13   ARG A CA  1 
ATOM   3    C C   . ARG A 1 13  ? 19.878  -26.669 21.914  1.00 46.68 ? 13   ARG A C   1 
ATOM   4    O O   . ARG A 1 13  ? 19.369  -27.744 21.589  1.00 46.26 ? 13   ARG A O   1 
ATOM   5    C CB  . ARG A 1 13  ? 21.372  -27.144 23.879  1.00 57.11 ? 13   ARG A CB  1 
ATOM   6    C CG  . ARG A 1 13  ? 22.551  -28.065 24.140  1.00 57.68 ? 13   ARG A CG  1 
ATOM   7    C CD  . ARG A 1 13  ? 22.601  -29.175 23.097  1.00 54.84 ? 13   ARG A CD  1 
ATOM   8    N NE  . ARG A 1 13  ? 23.634  -30.162 23.392  1.00 52.43 ? 13   ARG A NE  1 
ATOM   9    C CZ  . ARG A 1 13  ? 23.423  -31.271 24.093  1.00 52.33 ? 13   ARG A CZ  1 
ATOM   10   N NH1 . ARG A 1 13  ? 22.212  -31.535 24.565  1.00 51.88 ? 13   ARG A NH1 1 
ATOM   11   N NH2 . ARG A 1 13  ? 24.421  -32.119 24.319  1.00 46.47 ? 13   ARG A NH2 1 
ATOM   12   N N   . ASP A 1 14  ? 19.230  -25.511 21.821  1.00 45.40 ? 14   ASP A N   1 
ATOM   13   C CA  . ASP A 1 14  ? 17.855  -25.456 21.335  1.00 32.99 ? 14   ASP A CA  1 
ATOM   14   C C   . ASP A 1 14  ? 17.824  -25.126 19.848  1.00 27.32 ? 14   ASP A C   1 
ATOM   15   O O   . ASP A 1 14  ? 17.430  -24.033 19.457  1.00 29.02 ? 14   ASP A O   1 
ATOM   16   C CB  . ASP A 1 14  ? 17.042  -24.426 22.127  1.00 28.26 ? 14   ASP A CB  1 
ATOM   17   C CG  . ASP A 1 14  ? 15.543  -24.699 22.082  1.00 35.83 ? 14   ASP A CG  1 
ATOM   18   O OD1 . ASP A 1 14  ? 15.107  -25.558 21.271  1.00 31.08 ? 14   ASP A OD1 1 
ATOM   19   O OD2 . ASP A 1 14  ? 14.800  -24.062 22.865  1.00 36.46 ? 14   ASP A OD2 1 
ATOM   20   N N   . VAL A 1 15  ? 18.236  -26.076 19.018  1.00 25.80 ? 15   VAL A N   1 
ATOM   21   C CA  . VAL A 1 15  ? 18.261  -25.857 17.578  1.00 24.83 ? 15   VAL A CA  1 
ATOM   22   C C   . VAL A 1 15  ? 16.854  -25.746 16.984  1.00 22.04 ? 15   VAL A C   1 
ATOM   23   O O   . VAL A 1 15  ? 16.655  -25.084 15.960  1.00 20.31 ? 15   VAL A O   1 
ATOM   24   C CB  . VAL A 1 15  ? 19.108  -26.925 16.859  1.00 23.09 ? 15   VAL A CB  1 
ATOM   25   C CG1 . VAL A 1 15  ? 19.058  -26.739 15.362  1.00 22.33 ? 15   VAL A CG1 1 
ATOM   26   C CG2 . VAL A 1 15  ? 20.549  -26.845 17.342  1.00 27.17 ? 15   VAL A CG2 1 
ATOM   27   N N   . ARG A 1 16  ? 15.878  -26.377 17.633  1.00 20.14 ? 16   ARG A N   1 
ATOM   28   C CA  . ARG A 1 16  ? 14.491  -26.216 17.218  1.00 20.13 ? 16   ARG A CA  1 
ATOM   29   C C   . ARG A 1 16  ? 14.086  -24.748 17.351  1.00 18.33 ? 16   ARG A C   1 
ATOM   30   O O   . ARG A 1 16  ? 13.423  -24.197 16.477  1.00 18.59 ? 16   ARG A O   1 
ATOM   31   C CB  . ARG A 1 16  ? 13.547  -27.113 18.030  1.00 18.43 ? 16   ARG A CB  1 
ATOM   32   C CG  . ARG A 1 16  ? 12.063  -26.806 17.793  1.00 19.34 ? 16   ARG A CG  1 
ATOM   33   C CD  . ARG A 1 16  ? 11.166  -27.837 18.456  1.00 14.38 ? 16   ARG A CD  1 
ATOM   34   N NE  . ARG A 1 16  ? 11.426  -27.883 19.888  1.00 16.38 ? 16   ARG A NE  1 
ATOM   35   C CZ  . ARG A 1 16  ? 11.179  -28.923 20.671  1.00 16.50 ? 16   ARG A CZ  1 
ATOM   36   N NH1 . ARG A 1 16  ? 10.646  -30.034 20.168  1.00 15.92 ? 16   ARG A NH1 1 
ATOM   37   N NH2 . ARG A 1 16  ? 11.471  -28.849 21.963  1.00 19.18 ? 16   ARG A NH2 1 
ATOM   38   N N   . ARG A 1 17  ? 14.494  -24.113 18.441  1.00 18.09 ? 17   ARG A N   1 
ATOM   39   C CA  . ARG A 1 17  ? 14.208  -22.699 18.609  1.00 21.30 ? 17   ARG A CA  1 
ATOM   40   C C   . ARG A 1 17  ? 14.996  -21.834 17.620  1.00 22.20 ? 17   ARG A C   1 
ATOM   41   O O   . ARG A 1 17  ? 14.456  -20.891 17.041  1.00 20.17 ? 17   ARG A O   1 
ATOM   42   C CB  . ARG A 1 17  ? 14.506  -22.240 20.033  1.00 22.58 ? 17   ARG A CB  1 
ATOM   43   C CG  . ARG A 1 17  ? 13.625  -21.073 20.431  1.00 27.58 ? 17   ARG A CG  1 
ATOM   44   C CD  . ARG A 1 17  ? 14.331  -20.018 21.246  1.00 32.84 ? 17   ARG A CD  1 
ATOM   45   N NE  . ARG A 1 17  ? 13.506  -18.810 21.291  1.00 38.78 ? 17   ARG A NE  1 
ATOM   46   C CZ  . ARG A 1 17  ? 13.910  -17.628 21.747  1.00 40.74 ? 17   ARG A CZ  1 
ATOM   47   N NH1 . ARG A 1 17  ? 15.146  -17.483 22.211  1.00 49.47 ? 17   ARG A NH1 1 
ATOM   48   N NH2 . ARG A 1 17  ? 13.077  -16.589 21.736  1.00 35.18 ? 17   ARG A NH2 1 
ATOM   49   N N   . GLU A 1 18  ? 16.275  -22.149 17.442  1.00 20.57 ? 18   GLU A N   1 
ATOM   50   C CA  . GLU A 1 18  ? 17.133  -21.395 16.528  1.00 20.92 ? 18   GLU A CA  1 
ATOM   51   C C   . GLU A 1 18  ? 16.612  -21.486 15.098  1.00 20.98 ? 18   GLU A C   1 
ATOM   52   O O   . GLU A 1 18  ? 16.611  -20.511 14.353  1.00 18.57 ? 18   GLU A O   1 
ATOM   53   C CB  . GLU A 1 18  ? 18.570  -21.923 16.589  1.00 28.00 ? 18   GLU A CB  1 
ATOM   54   C CG  . GLU A 1 18  ? 19.226  -21.777 17.958  1.00 30.27 ? 18   GLU A CG  1 
ATOM   55   C CD  . GLU A 1 18  ? 20.645  -22.323 17.995  1.00 38.92 ? 18   GLU A CD  1 
ATOM   56   O OE1 . GLU A 1 18  ? 21.160  -22.742 16.936  1.00 37.42 ? 18   GLU A OE1 1 
ATOM   57   O OE2 . GLU A 1 18  ? 21.245  -22.338 19.091  1.00 42.78 ? 18   GLU A OE2 1 
ATOM   58   N N   . GLN A 1 19  ? 16.168  -22.669 14.710  1.00 17.80 ? 19   GLN A N   1 
ATOM   59   C CA  . GLN A 1 19  ? 15.651  -22.835 13.369  1.00 18.98 ? 19   GLN A CA  1 
ATOM   60   C C   . GLN A 1 19  ? 14.403  -21.981 13.179  1.00 19.18 ? 19   GLN A C   1 
ATOM   61   O O   . GLN A 1 19  ? 14.231  -21.331 12.145  1.00 16.24 ? 19   GLN A O   1 
ATOM   62   C CB  . GLN A 1 19  ? 15.334  -24.293 13.090  1.00 20.85 ? 19   GLN A CB  1 
ATOM   63   C CG  . GLN A 1 19  ? 14.924  -24.532 11.669  1.00 23.48 ? 19   GLN A CG  1 
ATOM   64   C CD  . GLN A 1 19  ? 14.775  -25.990 11.371  1.00 31.93 ? 19   GLN A CD  1 
ATOM   65   O OE1 . GLN A 1 19  ? 14.307  -26.750 12.212  1.00 35.27 ? 19   GLN A OE1 1 
ATOM   66   N NE2 . GLN A 1 19  ? 15.188  -26.405 10.172  1.00 36.21 ? 19   GLN A NE2 1 
ATOM   67   N N   . GLN A 1 20  ? 13.538  -21.977 14.187  1.00 18.36 ? 20   GLN A N   1 
ATOM   68   C CA  . GLN A 1 20  ? 12.332  -21.172 14.123  1.00 16.31 ? 20   GLN A CA  1 
ATOM   69   C C   . GLN A 1 20  ? 12.664  -19.684 14.085  1.00 17.29 ? 20   GLN A C   1 
ATOM   70   O O   . GLN A 1 20  ? 11.944  -18.915 13.465  1.00 15.23 ? 20   GLN A O   1 
ATOM   71   C CB  . GLN A 1 20  ? 11.383  -21.489 15.283  1.00 12.94 ? 20   GLN A CB  1 
ATOM   72   C CG  . GLN A 1 20  ? 9.971   -20.928 15.090  1.00 14.36 ? 20   GLN A CG  1 
ATOM   73   C CD  . GLN A 1 20  ? 9.180   -21.643 13.989  1.00 12.67 ? 20   GLN A CD  1 
ATOM   74   O OE1 . GLN A 1 20  ? 9.081   -22.873 13.976  1.00 15.26 ? 20   GLN A OE1 1 
ATOM   75   N NE2 . GLN A 1 20  ? 8.610   -20.869 13.064  1.00 15.33 ? 20   GLN A NE2 1 
ATOM   76   N N   . GLU A 1 21  ? 13.750  -19.288 14.752  1.00 16.01 ? 21   GLU A N   1 
ATOM   77   C CA  . GLU A 1 21  ? 14.215  -17.903 14.728  1.00 18.31 ? 21   GLU A CA  1 
ATOM   78   C C   . GLU A 1 21  ? 14.701  -17.504 13.337  1.00 18.37 ? 21   GLU A C   1 
ATOM   79   O O   . GLU A 1 21  ? 14.420  -16.407 12.858  1.00 16.31 ? 21   GLU A O   1 
ATOM   80   C CB  . GLU A 1 21  ? 15.349  -17.689 15.738  1.00 22.06 ? 21   GLU A CB  1 
ATOM   81   C CG  . GLU A 1 21  ? 14.894  -17.744 17.179  1.00 24.99 ? 21   GLU A CG  1 
ATOM   82   C CD  . GLU A 1 21  ? 16.053  -17.799 18.155  1.00 36.83 ? 21   GLU A CD  1 
ATOM   83   O OE1 . GLU A 1 21  ? 17.198  -18.069 17.721  1.00 38.50 ? 21   GLU A OE1 1 
ATOM   84   O OE2 . GLU A 1 21  ? 15.814  -17.580 19.363  1.00 38.14 ? 21   GLU A OE2 1 
ATOM   85   N N   . ILE A 1 22  ? 15.445  -18.394 12.695  1.00 16.15 ? 22   ILE A N   1 
ATOM   86   C CA  . ILE A 1 22  ? 15.933  -18.108 11.358  1.00 19.39 ? 22   ILE A CA  1 
ATOM   87   C C   . ILE A 1 22  ? 14.781  -18.087 10.350  1.00 17.38 ? 22   ILE A C   1 
ATOM   88   O O   . ILE A 1 22  ? 14.796  -17.303 9.408   1.00 20.24 ? 22   ILE A O   1 
ATOM   89   C CB  . ILE A 1 22  ? 17.029  -19.094 10.939  1.00 17.39 ? 22   ILE A CB  1 
ATOM   90   C CG1 . ILE A 1 22  ? 18.193  -19.016 11.927  1.00 26.93 ? 22   ILE A CG1 1 
ATOM   91   C CG2 . ILE A 1 22  ? 17.531  -18.772 9.561   1.00 24.79 ? 22   ILE A CG2 1 
ATOM   92   C CD1 . ILE A 1 22  ? 18.815  -17.626 12.037  1.00 31.18 ? 22   ILE A CD1 1 
ATOM   93   N N   . ILE A 1 23  ? 13.776  -18.932 10.556  1.00 14.06 ? 23   ILE A N   1 
ATOM   94   C CA  . ILE A 1 23  ? 12.601  -18.925 9.691   1.00 16.07 ? 23   ILE A CA  1 
ATOM   95   C C   . ILE A 1 23  ? 11.881  -17.581 9.789   1.00 15.25 ? 23   ILE A C   1 
ATOM   96   O O   . ILE A 1 23  ? 11.522  -16.991 8.780   1.00 16.21 ? 23   ILE A O   1 
ATOM   97   C CB  . ILE A 1 23  ? 11.627  -20.077 10.034  1.00 18.93 ? 23   ILE A CB  1 
ATOM   98   C CG1 . ILE A 1 23  ? 12.124  -21.404 9.453   1.00 16.91 ? 23   ILE A CG1 1 
ATOM   99   C CG2 . ILE A 1 23  ? 10.229  -19.785 9.509   1.00 15.44 ? 23   ILE A CG2 1 
ATOM   100  C CD1 . ILE A 1 23  ? 11.456  -22.617 10.084  1.00 18.82 ? 23   ILE A CD1 1 
ATOM   101  N N   . THR A 1 24  ? 11.688  -17.105 11.017  1.00 15.87 ? 24   THR A N   1 
ATOM   102  C CA  . THR A 1 24  ? 11.112  -15.793 11.277  1.00 16.62 ? 24   THR A CA  1 
ATOM   103  C C   . THR A 1 24  ? 11.962  -14.679 10.652  1.00 19.29 ? 24   THR A C   1 
ATOM   104  O O   . THR A 1 24  ? 11.440  -13.731 10.086  1.00 14.54 ? 24   THR A O   1 
ATOM   105  C CB  . THR A 1 24  ? 11.001  -15.533 12.802  1.00 17.08 ? 24   THR A CB  1 
ATOM   106  O OG1 . THR A 1 24  ? 10.338  -16.637 13.438  1.00 15.83 ? 24   THR A OG1 1 
ATOM   107  C CG2 . THR A 1 24  ? 10.241  -14.239 13.076  1.00 16.68 ? 24   THR A CG2 1 
ATOM   108  N N   . ARG A 1 25  ? 13.279  -14.784 10.773  1.00 15.92 ? 25   ARG A N   1 
ATOM   109  C CA  . ARG A 1 25  ? 14.160  -13.775 10.190  1.00 19.96 ? 25   ARG A CA  1 
ATOM   110  C C   . ARG A 1 25  ? 14.115  -13.831 8.663   1.00 17.61 ? 25   ARG A C   1 
ATOM   111  O O   . ARG A 1 25  ? 14.145  -12.809 7.992   1.00 17.74 ? 25   ARG A O   1 
ATOM   112  C CB  . ARG A 1 25  ? 15.586  -13.967 10.692  1.00 20.58 ? 25   ARG A CB  1 
ATOM   113  C CG  . ARG A 1 25  ? 16.421  -12.707 10.697  1.00 32.37 ? 25   ARG A CG  1 
ATOM   114  C CD  . ARG A 1 25  ? 17.748  -12.996 11.359  1.00 38.42 ? 25   ARG A CD  1 
ATOM   115  N NE  . ARG A 1 25  ? 17.544  -13.742 12.597  1.00 37.09 ? 25   ARG A NE  1 
ATOM   116  C CZ  . ARG A 1 25  ? 18.521  -14.077 13.432  1.00 45.69 ? 25   ARG A CZ  1 
ATOM   117  N NH1 . ARG A 1 25  ? 19.774  -13.740 13.156  1.00 50.57 ? 25   ARG A NH1 1 
ATOM   118  N NH2 . ARG A 1 25  ? 18.247  -14.751 14.540  1.00 41.65 ? 25   ARG A NH2 1 
ATOM   119  N N   . GLN A 1 26  ? 14.027  -15.042 8.127   1.00 19.32 ? 26   GLN A N   1 
ATOM   120  C CA  . GLN A 1 26  ? 13.946  -15.274 6.692   1.00 17.84 ? 26   GLN A CA  1 
ATOM   121  C C   . GLN A 1 26  ? 12.701  -14.607 6.122   1.00 16.88 ? 26   GLN A C   1 
ATOM   122  O O   . GLN A 1 26  ? 12.758  -13.913 5.114   1.00 17.88 ? 26   GLN A O   1 
ATOM   123  C CB  . GLN A 1 26  ? 13.893  -16.780 6.426   1.00 18.45 ? 26   GLN A CB  1 
ATOM   124  C CG  . GLN A 1 26  ? 14.171  -17.182 4.993   1.00 24.35 ? 26   GLN A CG  1 
ATOM   125  C CD  . GLN A 1 26  ? 14.385  -18.675 4.854   1.00 23.71 ? 26   GLN A CD  1 
ATOM   126  O OE1 . GLN A 1 26  ? 13.491  -19.469 5.153   1.00 26.39 ? 26   GLN A OE1 1 
ATOM   127  N NE2 . GLN A 1 26  ? 15.580  -19.067 4.418   1.00 20.68 ? 26   GLN A NE2 1 
ATOM   128  N N   . ILE A 1 27  ? 11.571  -14.820 6.779   1.00 14.91 ? 27   ILE A N   1 
ATOM   129  C CA  . ILE A 1 27  ? 10.325  -14.182 6.370   1.00 19.22 ? 27   ILE A CA  1 
ATOM   130  C C   . ILE A 1 27  ? 10.440  -12.657 6.372   1.00 17.06 ? 27   ILE A C   1 
ATOM   131  O O   . ILE A 1 27  ? 9.975   -11.995 5.445   1.00 17.20 ? 27   ILE A O   1 
ATOM   132  C CB  . ILE A 1 27  ? 9.151   -14.637 7.263   1.00 16.52 ? 27   ILE A CB  1 
ATOM   133  C CG1 . ILE A 1 27  ? 8.838   -16.110 6.996   1.00 18.09 ? 27   ILE A CG1 1 
ATOM   134  C CG2 . ILE A 1 27  ? 7.915   -13.789 7.010   1.00 18.24 ? 27   ILE A CG2 1 
ATOM   135  C CD1 . ILE A 1 27  ? 7.988   -16.769 8.075   1.00 20.56 ? 27   ILE A CD1 1 
ATOM   136  N N   . ASN A 1 28  ? 11.075  -12.113 7.407   1.00 15.08 ? 28   ASN A N   1 
ATOM   137  C CA  . ASN A 1 28  ? 11.241  -10.670 7.559   1.00 15.56 ? 28   ASN A CA  1 
ATOM   138  C C   . ASN A 1 28  ? 12.282  -10.055 6.624   1.00 18.68 ? 28   ASN A C   1 
ATOM   139  O O   . ASN A 1 28  ? 12.280  -8.841  6.411   1.00 19.55 ? 28   ASN A O   1 
ATOM   140  C CB  . ASN A 1 28  ? 11.619  -10.328 9.002   1.00 15.97 ? 28   ASN A CB  1 
ATOM   141  C CG  . ASN A 1 28  ? 10.454  -10.450 9.951   1.00 21.40 ? 28   ASN A CG  1 
ATOM   142  O OD1 . ASN A 1 28  ? 9.335   -10.048 9.627   1.00 22.17 ? 28   ASN A OD1 1 
ATOM   143  N ND2 . ASN A 1 28  ? 10.702  -11.012 11.132  1.00 16.59 ? 28   ASN A ND2 1 
ATOM   144  N N   . THR A 1 29  ? 13.167  -10.888 6.076   1.00 16.14 ? 29   THR A N   1 
ATOM   145  C CA  . THR A 1 29  ? 14.291  -10.411 5.267   1.00 13.83 ? 29   THR A CA  1 
ATOM   146  C C   . THR A 1 29  ? 14.098  -10.702 3.782   1.00 16.61 ? 29   THR A C   1 
ATOM   147  O O   . THR A 1 29  ? 14.624  -9.993  2.917   1.00 15.15 ? 29   THR A O   1 
ATOM   148  C CB  . THR A 1 29  ? 15.599  -11.095 5.701   1.00 20.13 ? 29   THR A CB  1 
ATOM   149  O OG1 . THR A 1 29  ? 15.746  -10.990 7.118   1.00 21.82 ? 29   THR A OG1 1 
ATOM   150  C CG2 . THR A 1 29  ? 16.798  -10.441 5.032   1.00 27.49 ? 29   THR A CG2 1 
ATOM   151  N N   . ALA A 1 30  ? 13.372  -11.778 3.494   1.00 14.20 ? 30   ALA A N   1 
ATOM   152  C CA  . ALA A 1 30  ? 13.127  -12.192 2.121   1.00 11.96 ? 30   ALA A CA  1 
ATOM   153  C C   . ALA A 1 30  ? 12.603  -11.053 1.233   1.00 14.47 ? 30   ALA A C   1 
ATOM   154  O O   . ALA A 1 30  ? 12.944  -10.987 0.060   1.00 17.53 ? 30   ALA A O   1 
ATOM   155  C CB  . ALA A 1 30  ? 12.179  -13.393 2.095   1.00 11.80 ? 30   ALA A CB  1 
ATOM   156  N N   . PRO A 1 31  ? 11.763  -10.157 1.781   1.00 15.45 ? 31   PRO A N   1 
ATOM   157  C CA  . PRO A 1 31  ? 11.312  -9.051  0.924   1.00 14.38 ? 31   PRO A CA  1 
ATOM   158  C C   . PRO A 1 31  ? 12.423  -8.084  0.454   1.00 15.97 ? 31   PRO A C   1 
ATOM   159  O O   . PRO A 1 31  ? 12.173  -7.282  -0.445  1.00 12.33 ? 31   PRO A O   1 
ATOM   160  C CB  . PRO A 1 31  ? 10.313  -8.305  1.818   1.00 12.63 ? 31   PRO A CB  1 
ATOM   161  C CG  . PRO A 1 31  ? 9.795   -9.340  2.749   1.00 13.90 ? 31   PRO A CG  1 
ATOM   162  C CD  . PRO A 1 31  ? 10.951  -10.271 3.010   1.00 12.03 ? 31   PRO A CD  1 
ATOM   163  N N   . TYR A 1 32  ? 13.609  -8.145  1.053   1.00 14.56 ? 32   TYR A N   1 
ATOM   164  C CA  . TYR A 1 32  ? 14.683  -7.226  0.691   1.00 17.79 ? 32   TYR A CA  1 
ATOM   165  C C   . TYR A 1 32  ? 15.571  -7.759  -0.423  1.00 19.54 ? 32   TYR A C   1 
ATOM   166  O O   . TYR A 1 32  ? 16.479  -7.069  -0.875  1.00 20.76 ? 32   TYR A O   1 
ATOM   167  C CB  . TYR A 1 32  ? 15.526  -6.855  1.915   1.00 23.06 ? 32   TYR A CB  1 
ATOM   168  C CG  . TYR A 1 32  ? 14.730  -6.100  2.945   1.00 24.74 ? 32   TYR A CG  1 
ATOM   169  C CD1 . TYR A 1 32  ? 14.540  -4.731  2.830   1.00 24.18 ? 32   TYR A CD1 1 
ATOM   170  C CD2 . TYR A 1 32  ? 14.143  -6.759  4.018   1.00 22.59 ? 32   TYR A CD2 1 
ATOM   171  C CE1 . TYR A 1 32  ? 13.798  -4.034  3.761   1.00 26.50 ? 32   TYR A CE1 1 
ATOM   172  C CE2 . TYR A 1 32  ? 13.395  -6.067  4.959   1.00 24.65 ? 32   TYR A CE2 1 
ATOM   173  C CZ  . TYR A 1 32  ? 13.226  -4.706  4.822   1.00 30.38 ? 32   TYR A CZ  1 
ATOM   174  O OH  . TYR A 1 32  ? 12.481  -4.005  5.745   1.00 28.60 ? 32   TYR A OH  1 
ATOM   175  N N   . VAL A 1 33  ? 15.310  -8.983  -0.866  1.00 19.74 ? 33   VAL A N   1 
ATOM   176  C CA  . VAL A 1 33  ? 16.051  -9.540  -1.995  1.00 21.88 ? 33   VAL A CA  1 
ATOM   177  C C   . VAL A 1 33  ? 15.604  -8.841  -3.287  1.00 18.99 ? 33   VAL A C   1 
ATOM   178  O O   . VAL A 1 33  ? 14.448  -8.433  -3.421  1.00 20.40 ? 33   VAL A O   1 
ATOM   179  C CB  . VAL A 1 33  ? 15.867  -11.066 -2.090  1.00 18.24 ? 33   VAL A CB  1 
ATOM   180  C CG1 . VAL A 1 33  ? 16.462  -11.619 -3.390  1.00 22.18 ? 33   VAL A CG1 1 
ATOM   181  C CG2 . VAL A 1 33  ? 16.488  -11.753 -0.877  1.00 18.89 ? 33   VAL A CG2 1 
ATOM   182  N N   . GLN A 1 34  ? 16.520  -8.706  -4.235  1.00 22.30 ? 34   GLN A N   1 
ATOM   183  C CA  . GLN A 1 34  ? 16.285  -7.858  -5.405  1.00 25.14 ? 34   GLN A CA  1 
ATOM   184  C C   . GLN A 1 34  ? 15.046  -8.191  -6.238  1.00 25.11 ? 34   GLN A C   1 
ATOM   185  O O   . GLN A 1 34  ? 14.433  -7.294  -6.821  1.00 29.22 ? 34   GLN A O   1 
ATOM   186  C CB  . GLN A 1 34  ? 17.531  -7.816  -6.280  1.00 25.51 ? 34   GLN A CB  1 
ATOM   187  C CG  . GLN A 1 34  ? 18.724  -7.209  -5.563  1.00 29.58 ? 34   GLN A CG  1 
ATOM   188  C CD  . GLN A 1 34  ? 20.003  -7.321  -6.362  1.00 30.75 ? 34   GLN A CD  1 
ATOM   189  O OE1 . GLN A 1 34  ? 19.974  -7.518  -7.581  1.00 32.56 ? 34   GLN A OE1 1 
ATOM   190  N NE2 . GLN A 1 34  ? 21.137  -7.197  -5.682  1.00 33.50 ? 34   GLN A NE2 1 
ATOM   191  N N   . ASP A 1 35  ? 14.660  -9.460  -6.292  1.00 19.46 ? 35   ASP A N   1 
ATOM   192  C CA  . ASP A 1 35  ? 13.481  -9.821  -7.080  1.00 23.89 ? 35   ASP A CA  1 
ATOM   193  C C   . ASP A 1 35  ? 12.264  -10.154 -6.212  1.00 21.08 ? 35   ASP A C   1 
ATOM   194  O O   . ASP A 1 35  ? 11.333  -10.819 -6.663  1.00 19.66 ? 35   ASP A O   1 
ATOM   195  C CB  . ASP A 1 35  ? 13.796  -10.979 -8.035  1.00 22.55 ? 35   ASP A CB  1 
ATOM   196  C CG  . ASP A 1 35  ? 14.062  -12.282 -7.304  1.00 25.33 ? 35   ASP A CG  1 
ATOM   197  O OD1 . ASP A 1 35  ? 14.562  -12.232 -6.163  1.00 26.20 ? 35   ASP A OD1 1 
ATOM   198  O OD2 . ASP A 1 35  ? 13.759  -13.359 -7.867  1.00 30.47 ? 35   ASP A OD2 1 
ATOM   199  N N   . ALA A 1 36  ? 12.279  -9.683  -4.971  1.00 21.45 ? 36   ALA A N   1 
ATOM   200  C CA  . ALA A 1 36  ? 11.174  -9.914  -4.053  1.00 14.79 ? 36   ALA A CA  1 
ATOM   201  C C   . ALA A 1 36  ? 9.944   -9.138  -4.498  1.00 20.53 ? 36   ALA A C   1 
ATOM   202  O O   . ALA A 1 36  ? 10.036  -8.178  -5.279  1.00 20.71 ? 36   ALA A O   1 
ATOM   203  C CB  . ALA A 1 36  ? 11.564  -9.503  -2.651  1.00 15.04 ? 36   ALA A CB  1 
ATOM   204  N N   . MET A 1 37  ? 8.789   -9.555  -3.997  1.00 13.93 ? 37   MET A N   1 
ATOM   205  C CA  . MET A 1 37  ? 7.553   -8.863  -4.294  1.00 14.42 ? 37   MET A CA  1 
ATOM   206  C C   . MET A 1 37  ? 7.302   -7.778  -3.256  1.00 15.95 ? 37   MET A C   1 
ATOM   207  O O   . MET A 1 37  ? 7.776   -7.851  -2.119  1.00 12.47 ? 37   MET A O   1 
ATOM   208  C CB  . MET A 1 37  ? 6.371   -9.834  -4.350  1.00 11.65 ? 37   MET A CB  1 
ATOM   209  C CG  . MET A 1 37  ? 6.429   -10.836 -5.496  1.00 17.52 ? 37   MET A CG  1 
ATOM   210  S SD  . MET A 1 37  ? 6.357   -10.112 -7.156  1.00 20.87 ? 37   MET A SD  1 
ATOM   211  C CE  . MET A 1 37  ? 4.607   -9.788  -7.320  1.00 12.67 ? 37   MET A CE  1 
ATOM   212  N N   . MET A 1 38  ? 6.566   -6.762  -3.679  1.00 14.10 ? 38   MET A N   1 
ATOM   213  C CA  . MET A 1 38  ? 6.100   -5.717  -2.799  1.00 12.46 ? 38   MET A CA  1 
ATOM   214  C C   . MET A 1 38  ? 4.586   -5.768  -2.886  1.00 12.63 ? 38   MET A C   1 
ATOM   215  O O   . MET A 1 38  ? 4.028   -6.339  -3.819  1.00 12.20 ? 38   MET A O   1 
ATOM   216  C CB  . MET A 1 38  ? 6.622   -4.351  -3.261  1.00 12.06 ? 38   MET A CB  1 
ATOM   217  C CG  . MET A 1 38  ? 8.105   -4.111  -2.978  1.00 16.20 ? 38   MET A CG  1 
ATOM   218  S SD  . MET A 1 38  ? 8.736   -2.594  -3.737  1.00 18.93 ? 38   MET A SD  1 
ATOM   219  C CE  . MET A 1 38  ? 8.865   -3.146  -5.441  1.00 17.37 ? 38   MET A CE  1 
ATOM   220  N N   . ARG A 1 39  ? 3.906   -5.189  -1.915  1.00 12.10 ? 39   ARG A N   1 
ATOM   221  C CA  . ARG A 1 39  ? 2.457   -5.249  -1.930  1.00 12.76 ? 39   ARG A CA  1 
ATOM   222  C C   . ARG A 1 39  ? 1.888   -3.933  -1.453  1.00 11.60 ? 39   ARG A C   1 
ATOM   223  O O   . ARG A 1 39  ? 2.159   -3.515  -0.335  1.00 14.35 ? 39   ARG A O   1 
ATOM   224  C CB  . ARG A 1 39  ? 1.961   -6.412  -1.062  1.00 11.71 ? 39   ARG A CB  1 
ATOM   225  C CG  . ARG A 1 39  ? 0.452   -6.710  -1.181  1.00 13.14 ? 39   ARG A CG  1 
ATOM   226  C CD  . ARG A 1 39  ? 0.150   -8.076  -0.584  1.00 13.16 ? 39   ARG A CD  1 
ATOM   227  N NE  . ARG A 1 39  ? -1.187  -8.551  -0.885  1.00 14.83 ? 39   ARG A NE  1 
ATOM   228  C CZ  . ARG A 1 39  ? -1.601  -9.789  -0.643  1.00 20.69 ? 39   ARG A CZ  1 
ATOM   229  N NH1 . ARG A 1 39  ? -0.767  -10.675 -0.109  1.00 19.57 ? 39   ARG A NH1 1 
ATOM   230  N NH2 . ARG A 1 39  ? -2.841  -10.151 -0.947  1.00 18.22 ? 39   ARG A NH2 1 
ATOM   231  N N   . VAL A 1 40  ? 1.112   -3.278  -2.312  1.00 11.57 ? 40   VAL A N   1 
ATOM   232  C CA  . VAL A 1 40  ? 0.433   -2.040  -1.952  1.00 10.96 ? 40   VAL A CA  1 
ATOM   233  C C   . VAL A 1 40  ? -1.069  -2.237  -2.083  1.00 14.96 ? 40   VAL A C   1 
ATOM   234  O O   . VAL A 1 40  ? -1.563  -2.712  -3.110  1.00 14.35 ? 40   VAL A O   1 
ATOM   235  C CB  . VAL A 1 40  ? 0.914   -0.849  -2.820  1.00 11.00 ? 40   VAL A CB  1 
ATOM   236  C CG1 . VAL A 1 40  ? 0.033   0.391   -2.623  1.00 13.16 ? 40   VAL A CG1 1 
ATOM   237  C CG2 . VAL A 1 40  ? 2.353   -0.522  -2.486  1.00 12.33 ? 40   VAL A CG2 1 
ATOM   238  N N   . VAL A 1 41  ? -1.795  -1.915  -1.022  1.00 12.74 ? 41   VAL A N   1 
ATOM   239  C CA  . VAL A 1 41  ? -3.235  -2.073  -1.048  1.00 12.48 ? 41   VAL A CA  1 
ATOM   240  C C   . VAL A 1 41  ? -3.925  -0.753  -0.727  1.00 11.83 ? 41   VAL A C   1 
ATOM   241  O O   . VAL A 1 41  ? -3.545  -0.042  0.203   1.00 12.65 ? 41   VAL A O   1 
ATOM   242  C CB  . VAL A 1 41  ? -3.707  -3.157  -0.069  1.00 14.24 ? 41   VAL A CB  1 
ATOM   243  C CG1 . VAL A 1 41  ? -5.190  -3.454  -0.282  1.00 10.69 ? 41   VAL A CG1 1 
ATOM   244  C CG2 . VAL A 1 41  ? -2.850  -4.420  -0.213  1.00 11.33 ? 41   VAL A CG2 1 
ATOM   245  N N   . VAL A 1 42  ? -4.927  -0.421  -1.529  1.00 13.76 ? 42   VAL A N   1 
ATOM   246  C CA  . VAL A 1 42  ? -5.738  0.753   -1.278  1.00 12.22 ? 42   VAL A CA  1 
ATOM   247  C C   . VAL A 1 42  ? -7.103  0.287   -0.765  1.00 14.13 ? 42   VAL A C   1 
ATOM   248  O O   . VAL A 1 42  ? -7.901  -0.250  -1.524  1.00 13.91 ? 42   VAL A O   1 
ATOM   249  C CB  . VAL A 1 42  ? -5.894  1.611   -2.553  1.00 12.27 ? 42   VAL A CB  1 
ATOM   250  C CG1 . VAL A 1 42  ? -6.836  2.755   -2.302  1.00 12.87 ? 42   VAL A CG1 1 
ATOM   251  C CG2 . VAL A 1 42  ? -4.526  2.137   -3.036  1.00 11.09 ? 42   VAL A CG2 1 
ATOM   252  N N   . PHE A 1 43  ? -7.356  0.484   0.528   1.00 13.83 ? 43   PHE A N   1 
ATOM   253  C CA  . PHE A 1 43  ? -8.643  0.126   1.129   1.00 14.97 ? 43   PHE A CA  1 
ATOM   254  C C   . PHE A 1 43  ? -9.591  1.327   1.075   1.00 16.89 ? 43   PHE A C   1 
ATOM   255  O O   . PHE A 1 43  ? -9.298  2.380   1.638   1.00 14.71 ? 43   PHE A O   1 
ATOM   256  C CB  . PHE A 1 43  ? -8.464  -0.286  2.604   1.00 11.65 ? 43   PHE A CB  1 
ATOM   257  C CG  . PHE A 1 43  ? -7.643  -1.541  2.814   1.00 11.70 ? 43   PHE A CG  1 
ATOM   258  C CD1 . PHE A 1 43  ? -8.233  -2.794  2.734   1.00 15.54 ? 43   PHE A CD1 1 
ATOM   259  C CD2 . PHE A 1 43  ? -6.294  -1.460  3.142   1.00 12.53 ? 43   PHE A CD2 1 
ATOM   260  C CE1 . PHE A 1 43  ? -7.488  -3.949  2.952   1.00 14.44 ? 43   PHE A CE1 1 
ATOM   261  C CE2 . PHE A 1 43  ? -5.544  -2.610  3.370   1.00 11.01 ? 43   PHE A CE2 1 
ATOM   262  C CZ  . PHE A 1 43  ? -6.148  -3.859  3.275   1.00 12.72 ? 43   PHE A CZ  1 
ATOM   263  N N   . ALA A 1 44  ? -10.732 1.167   0.417   1.00 16.70 ? 44   ALA A N   1 
ATOM   264  C CA  . ALA A 1 44  ? -11.705 2.248   0.326   1.00 15.80 ? 44   ALA A CA  1 
ATOM   265  C C   . ALA A 1 44  ? -12.847 1.999   1.304   1.00 18.86 ? 44   ALA A C   1 
ATOM   266  O O   . ALA A 1 44  ? -13.458 0.930   1.304   1.00 17.07 ? 44   ALA A O   1 
ATOM   267  C CB  . ALA A 1 44  ? -12.229 2.376   -1.095  1.00 14.91 ? 44   ALA A CB  1 
ATOM   268  N N   . GLN A 1 45  ? -13.145 3.007   2.112   1.00 16.59 ? 45   GLN A N   1 
ATOM   269  C CA  . GLN A 1 45  ? -14.182 2.900   3.121   1.00 19.99 ? 45   GLN A CA  1 
ATOM   270  C C   . GLN A 1 45  ? -15.448 3.601   2.647   1.00 18.96 ? 45   GLN A C   1 
ATOM   271  O O   . GLN A 1 45  ? -15.422 4.771   2.279   1.00 17.72 ? 45   GLN A O   1 
ATOM   272  C CB  . GLN A 1 45  ? -13.699 3.513   4.437   1.00 18.76 ? 45   GLN A CB  1 
ATOM   273  C CG  . GLN A 1 45  ? -14.759 3.600   5.519   1.00 23.22 ? 45   GLN A CG  1 
ATOM   274  C CD  . GLN A 1 45  ? -14.397 4.586   6.615   1.00 28.97 ? 45   GLN A CD  1 
ATOM   275  O OE1 . GLN A 1 45  ? -13.601 5.500   6.407   1.00 34.00 ? 45   GLN A OE1 1 
ATOM   276  N NE2 . GLN A 1 45  ? -14.983 4.402   7.790   1.00 21.94 ? 45   GLN A NE2 1 
ATOM   277  N N   . TYR A 1 46  ? -16.555 2.869   2.655   1.00 20.65 ? 46   TYR A N   1 
ATOM   278  C CA  . TYR A 1 46  ? -17.835 3.409   2.214   1.00 21.87 ? 46   TYR A CA  1 
ATOM   279  C C   . TYR A 1 46  ? -18.748 3.738   3.381   1.00 21.27 ? 46   TYR A C   1 
ATOM   280  O O   . TYR A 1 46  ? -18.663 3.113   4.435   1.00 18.30 ? 46   TYR A O   1 
ATOM   281  C CB  . TYR A 1 46  ? -18.514 2.437   1.243   1.00 20.40 ? 46   TYR A CB  1 
ATOM   282  C CG  . TYR A 1 46  ? -17.701 2.264   -0.003  1.00 19.83 ? 46   TYR A CG  1 
ATOM   283  C CD1 . TYR A 1 46  ? -17.715 3.229   -0.994  1.00 19.36 ? 46   TYR A CD1 1 
ATOM   284  C CD2 . TYR A 1 46  ? -16.877 1.157   -0.172  1.00 20.13 ? 46   TYR A CD2 1 
ATOM   285  C CE1 . TYR A 1 46  ? -16.949 3.091   -2.135  1.00 21.49 ? 46   TYR A CE1 1 
ATOM   286  C CE2 . TYR A 1 46  ? -16.110 1.008   -1.316  1.00 21.45 ? 46   TYR A CE2 1 
ATOM   287  C CZ  . TYR A 1 46  ? -16.148 1.985   -2.291  1.00 21.57 ? 46   TYR A CZ  1 
ATOM   288  O OH  . TYR A 1 46  ? -15.391 1.851   -3.427  1.00 21.71 ? 46   TYR A OH  1 
ATOM   289  N N   . PRO A 1 47  ? -19.625 4.736   3.194   1.00 25.94 ? 47   PRO A N   1 
ATOM   290  C CA  . PRO A 1 47  ? -20.604 5.125   4.216   1.00 27.07 ? 47   PRO A CA  1 
ATOM   291  C C   . PRO A 1 47  ? -21.401 3.923   4.730   1.00 23.52 ? 47   PRO A C   1 
ATOM   292  O O   . PRO A 1 47  ? -21.745 3.876   5.910   1.00 22.48 ? 47   PRO A O   1 
ATOM   293  C CB  . PRO A 1 47  ? -21.515 6.101   3.468   1.00 28.26 ? 47   PRO A CB  1 
ATOM   294  C CG  . PRO A 1 47  ? -20.633 6.696   2.427   1.00 27.13 ? 47   PRO A CG  1 
ATOM   295  C CD  . PRO A 1 47  ? -19.696 5.599   2.001   1.00 23.82 ? 47   PRO A CD  1 
ATOM   296  N N   . SER A 1 48  ? -21.667 2.962   3.851   1.00 23.93 ? 48   SER A N   1 
ATOM   297  C CA  . SER A 1 48  ? -22.413 1.753   4.199   1.00 25.43 ? 48   SER A CA  1 
ATOM   298  C C   . SER A 1 48  ? -21.694 0.871   5.219   1.00 25.01 ? 48   SER A C   1 
ATOM   299  O O   . SER A 1 48  ? -22.292 -0.042  5.782   1.00 26.86 ? 48   SER A O   1 
ATOM   300  C CB  . SER A 1 48  ? -22.656 0.924   2.942   1.00 24.85 ? 48   SER A CB  1 
ATOM   301  O OG  . SER A 1 48  ? -21.416 0.472   2.424   1.00 26.97 ? 48   SER A OG  1 
ATOM   302  N N   . GLY A 1 49  ? -20.410 1.130   5.445   1.00 24.81 ? 49   GLY A N   1 
ATOM   303  C CA  . GLY A 1 49  ? -19.613 0.298   6.330   1.00 20.61 ? 49   GLY A CA  1 
ATOM   304  C C   . GLY A 1 49  ? -18.875 -0.787  5.567   1.00 19.92 ? 49   GLY A C   1 
ATOM   305  O O   . GLY A 1 49  ? -18.068 -1.520  6.132   1.00 21.79 ? 49   GLY A O   1 
ATOM   306  N N   . ARG A 1 50  ? -19.158 -0.893  4.275   1.00 19.77 ? 50   ARG A N   1 
ATOM   307  C CA  . ARG A 1 50  ? -18.443 -1.826  3.417   1.00 22.63 ? 50   ARG A CA  1 
ATOM   308  C C   . ARG A 1 50  ? -17.109 -1.228  2.975   1.00 17.69 ? 50   ARG A C   1 
ATOM   309  O O   . ARG A 1 50  ? -16.879 -0.023  3.099   1.00 18.02 ? 50   ARG A O   1 
ATOM   310  C CB  . ARG A 1 50  ? -19.303 -2.200  2.210   1.00 20.02 ? 50   ARG A CB  1 
ATOM   311  C CG  . ARG A 1 50  ? -20.696 -2.685  2.591   1.00 25.91 ? 50   ARG A CG  1 
ATOM   312  C CD  . ARG A 1 50  ? -21.503 -3.130  1.380   1.00 24.04 ? 50   ARG A CD  1 
ATOM   313  N NE  . ARG A 1 50  ? -20.940 -4.330  0.773   1.00 32.43 ? 50   ARG A NE  1 
ATOM   314  C CZ  . ARG A 1 50  ? -20.138 -4.330  -0.290  1.00 40.20 ? 50   ARG A CZ  1 
ATOM   315  N NH1 . ARG A 1 50  ? -19.812 -3.184  -0.885  1.00 31.96 ? 50   ARG A NH1 1 
ATOM   316  N NH2 . ARG A 1 50  ? -19.663 -5.479  -0.763  1.00 38.60 ? 50   ARG A NH2 1 
ATOM   317  N N   . TYR A 1 51  ? -16.228 -2.088  2.478   1.00 17.27 ? 51   TYR A N   1 
ATOM   318  C CA  . TYR A 1 51  ? -14.915 -1.677  1.991   1.00 18.78 ? 51   TYR A CA  1 
ATOM   319  C C   . TYR A 1 51  ? -14.648 -2.336  0.647   1.00 19.16 ? 51   TYR A C   1 
ATOM   320  O O   . TYR A 1 51  ? -15.180 -3.398  0.350   1.00 15.84 ? 51   TYR A O   1 
ATOM   321  C CB  . TYR A 1 51  ? -13.799 -2.095  2.963   1.00 16.59 ? 51   TYR A CB  1 
ATOM   322  C CG  . TYR A 1 51  ? -13.672 -1.247  4.218   1.00 16.13 ? 51   TYR A CG  1 
ATOM   323  C CD1 . TYR A 1 51  ? -14.607 -1.345  5.243   1.00 16.07 ? 51   TYR A CD1 1 
ATOM   324  C CD2 . TYR A 1 51  ? -12.612 -0.357  4.380   1.00 16.68 ? 51   TYR A CD2 1 
ATOM   325  C CE1 . TYR A 1 51  ? -14.498 -0.577  6.392   1.00 17.88 ? 51   TYR A CE1 1 
ATOM   326  C CE2 . TYR A 1 51  ? -12.491 0.419   5.539   1.00 16.79 ? 51   TYR A CE2 1 
ATOM   327  C CZ  . TYR A 1 51  ? -13.443 0.303   6.538   1.00 18.25 ? 51   TYR A CZ  1 
ATOM   328  O OH  . TYR A 1 51  ? -13.354 1.061   7.686   1.00 19.83 ? 51   TYR A OH  1 
ATOM   329  N N   . LYS A 1 52  ? -13.804 -1.704  -0.157  1.00 20.95 ? 52   LYS A N   1 
ATOM   330  C CA  . LYS A 1 52  ? -13.270 -2.341  -1.344  1.00 20.91 ? 52   LYS A CA  1 
ATOM   331  C C   . LYS A 1 52  ? -11.760 -2.152  -1.292  1.00 20.92 ? 52   LYS A C   1 
ATOM   332  O O   . LYS A 1 52  ? -11.288 -1.073  -0.948  1.00 23.02 ? 52   LYS A O   1 
ATOM   333  C CB  . LYS A 1 52  ? -13.886 -1.723  -2.607  1.00 19.05 ? 52   LYS A CB  1 
ATOM   334  C CG  . LYS A 1 52  ? -13.441 -2.379  -3.902  1.00 25.50 ? 52   LYS A CG  1 
ATOM   335  C CD  . LYS A 1 52  ? -14.463 -2.191  -5.034  1.00 25.50 ? 52   LYS A CD  1 
ATOM   336  C CE  . LYS A 1 52  ? -14.567 -0.758  -5.504  1.00 25.34 ? 52   LYS A CE  1 
ATOM   337  N NZ  . LYS A 1 52  ? -15.544 -0.626  -6.641  1.00 29.75 ? 52   LYS A NZ  1 
ATOM   338  N N   . ALA A 1 53  ? -11.002 -3.205  -1.585  1.00 18.05 ? 53   ALA A N   1 
ATOM   339  C CA  . ALA A 1 53  ? -9.551  -3.120  -1.565  1.00 17.11 ? 53   ALA A CA  1 
ATOM   340  C C   . ALA A 1 53  ? -9.006  -3.263  -2.973  1.00 17.28 ? 53   ALA A C   1 
ATOM   341  O O   . ALA A 1 53  ? -9.438  -4.138  -3.720  1.00 18.53 ? 53   ALA A O   1 
ATOM   342  C CB  . ALA A 1 53  ? -8.959  -4.188  -0.652  1.00 15.45 ? 53   ALA A CB  1 
ATOM   343  N N   . PHE A 1 54  ? -8.094  -2.369  -3.344  1.00 14.29 ? 54   PHE A N   1 
ATOM   344  C CA  . PHE A 1 54  ? -7.337  -2.504  -4.582  1.00 16.37 ? 54   PHE A CA  1 
ATOM   345  C C   . PHE A 1 54  ? -5.955  -3.003  -4.199  1.00 14.30 ? 54   PHE A C   1 
ATOM   346  O O   . PHE A 1 54  ? -5.140  -2.267  -3.667  1.00 11.35 ? 54   PHE A O   1 
ATOM   347  C CB  . PHE A 1 54  ? -7.274  -1.184  -5.346  1.00 17.11 ? 54   PHE A CB  1 
ATOM   348  C CG  . PHE A 1 54  ? -8.623  -0.641  -5.707  1.00 15.79 ? 54   PHE A CG  1 
ATOM   349  C CD1 . PHE A 1 54  ? -9.319  0.171   -4.823  1.00 18.17 ? 54   PHE A CD1 1 
ATOM   350  C CD2 . PHE A 1 54  ? -9.207  -0.958  -6.921  1.00 16.94 ? 54   PHE A CD2 1 
ATOM   351  C CE1 . PHE A 1 54  ? -10.577 0.659   -5.149  1.00 18.43 ? 54   PHE A CE1 1 
ATOM   352  C CE2 . PHE A 1 54  ? -10.460 -0.477  -7.250  1.00 18.82 ? 54   PHE A CE2 1 
ATOM   353  C CZ  . PHE A 1 54  ? -11.145 0.332   -6.366  1.00 19.33 ? 54   PHE A CZ  1 
ATOM   354  N N   . ASP A 1 55  ? -5.728  -4.286  -4.439  1.00 15.87 ? 55   ASP A N   1 
ATOM   355  C CA  . ASP A 1 55  ? -4.571  -4.994  -3.911  1.00 15.96 ? 55   ASP A CA  1 
ATOM   356  C C   . ASP A 1 55  ? -3.569  -5.270  -5.030  1.00 14.46 ? 55   ASP A C   1 
ATOM   357  O O   . ASP A 1 55  ? -3.861  -6.023  -5.968  1.00 13.22 ? 55   ASP A O   1 
ATOM   358  C CB  . ASP A 1 55  ? -5.044  -6.306  -3.285  1.00 12.30 ? 55   ASP A CB  1 
ATOM   359  C CG  . ASP A 1 55  ? -3.960  -7.011  -2.503  1.00 17.21 ? 55   ASP A CG  1 
ATOM   360  O OD1 . ASP A 1 55  ? -2.782  -6.615  -2.597  1.00 14.75 ? 55   ASP A OD1 1 
ATOM   361  O OD2 . ASP A 1 55  ? -4.295  -7.983  -1.796  1.00 20.41 ? 55   ASP A OD2 1 
ATOM   362  N N   . TYR A 1 56  ? -2.399  -4.649  -4.949  1.00 10.86 ? 56   TYR A N   1 
ATOM   363  C CA  . TYR A 1 56  ? -1.395  -4.808  -5.999  1.00 13.13 ? 56   TYR A CA  1 
ATOM   364  C C   . TYR A 1 56  ? -0.159  -5.516  -5.478  1.00 12.07 ? 56   TYR A C   1 
ATOM   365  O O   . TYR A 1 56  ? 0.395   -5.117  -4.461  1.00 13.76 ? 56   TYR A O   1 
ATOM   366  C CB  . TYR A 1 56  ? -0.961  -3.450  -6.548  1.00 11.59 ? 56   TYR A CB  1 
ATOM   367  C CG  . TYR A 1 56  ? -2.088  -2.576  -6.999  1.00 15.37 ? 56   TYR A CG  1 
ATOM   368  C CD1 . TYR A 1 56  ? -2.754  -1.761  -6.091  1.00 14.12 ? 56   TYR A CD1 1 
ATOM   369  C CD2 . TYR A 1 56  ? -2.499  -2.560  -8.329  1.00 13.12 ? 56   TYR A CD2 1 
ATOM   370  C CE1 . TYR A 1 56  ? -3.789  -0.940  -6.489  1.00 14.50 ? 56   TYR A CE1 1 
ATOM   371  C CE2 . TYR A 1 56  ? -3.549  -1.742  -8.738  1.00 14.67 ? 56   TYR A CE2 1 
ATOM   372  C CZ  . TYR A 1 56  ? -4.187  -0.936  -7.806  1.00 15.57 ? 56   TYR A CZ  1 
ATOM   373  O OH  . TYR A 1 56  ? -5.226  -0.113  -8.176  1.00 17.24 ? 56   TYR A OH  1 
ATOM   374  N N   . VAL A 1 57  ? 0.274   -6.564  -6.170  1.00 11.05 ? 57   VAL A N   1 
ATOM   375  C CA  . VAL A 1 57  ? 1.587   -7.154  -5.912  1.00 13.17 ? 57   VAL A CA  1 
ATOM   376  C C   . VAL A 1 57  ? 2.483   -6.918  -7.138  1.00 12.52 ? 57   VAL A C   1 
ATOM   377  O O   . VAL A 1 57  ? 2.023   -7.025  -8.267  1.00 14.99 ? 57   VAL A O   1 
ATOM   378  C CB  . VAL A 1 57  ? 1.496   -8.651  -5.494  1.00 15.80 ? 57   VAL A CB  1 
ATOM   379  C CG1 . VAL A 1 57  ? 0.685   -8.782  -4.232  1.00 12.00 ? 57   VAL A CG1 1 
ATOM   380  C CG2 . VAL A 1 57  ? 0.859   -9.497  -6.585  1.00 14.19 ? 57   VAL A CG2 1 
ATOM   381  N N   . PHE A 1 58  ? 3.738   -6.534  -6.910  1.00 12.96 ? 58   PHE A N   1 
ATOM   382  C CA  . PHE A 1 58  ? 4.656   -6.133  -7.985  1.00 14.37 ? 58   PHE A CA  1 
ATOM   383  C C   . PHE A 1 58  ? 6.081   -6.220  -7.470  1.00 13.93 ? 58   PHE A C   1 
ATOM   384  O O   . PHE A 1 58  ? 6.313   -6.036  -6.281  1.00 13.63 ? 58   PHE A O   1 
ATOM   385  C CB  . PHE A 1 58  ? 4.384   -4.680  -8.401  1.00 16.24 ? 58   PHE A CB  1 
ATOM   386  C CG  . PHE A 1 58  ? 4.513   -3.692  -7.262  1.00 14.46 ? 58   PHE A CG  1 
ATOM   387  C CD1 . PHE A 1 58  ? 3.500   -3.565  -6.315  1.00 11.87 ? 58   PHE A CD1 1 
ATOM   388  C CD2 . PHE A 1 58  ? 5.647   -2.907  -7.129  1.00 13.57 ? 58   PHE A CD2 1 
ATOM   389  C CE1 . PHE A 1 58  ? 3.613   -2.670  -5.267  1.00 11.04 ? 58   PHE A CE1 1 
ATOM   390  C CE2 . PHE A 1 58  ? 5.767   -2.007  -6.082  1.00 12.92 ? 58   PHE A CE2 1 
ATOM   391  C CZ  . PHE A 1 58  ? 4.748   -1.887  -5.149  1.00 11.70 ? 58   PHE A CZ  1 
ATOM   392  N N   . PRO A 1 59  ? 7.047   -6.481  -8.359  1.00 12.75 ? 59   PRO A N   1 
ATOM   393  C CA  . PRO A 1 59  ? 8.438   -6.609  -7.918  1.00 15.96 ? 59   PRO A CA  1 
ATOM   394  C C   . PRO A 1 59  ? 9.290   -5.343  -7.972  1.00 17.28 ? 59   PRO A C   1 
ATOM   395  O O   . PRO A 1 59  ? 10.295  -5.308  -7.264  1.00 23.71 ? 59   PRO A O   1 
ATOM   396  C CB  . PRO A 1 59  ? 9.007   -7.652  -8.887  1.00 17.54 ? 59   PRO A CB  1 
ATOM   397  C CG  . PRO A 1 59  ? 8.251   -7.416  -10.131 1.00 14.22 ? 59   PRO A CG  1 
ATOM   398  C CD  . PRO A 1 59  ? 6.849   -7.038  -9.708  1.00 15.98 ? 59   PRO A CD  1 
ATOM   399  N N   . ASP A 1 60  ? 8.931   -4.335  -8.764  1.00 17.59 ? 60   ASP A N   1 
ATOM   400  C CA  . ASP A 1 60  ? 9.846   -3.202  -8.951  1.00 17.29 ? 60   ASP A CA  1 
ATOM   401  C C   . ASP A 1 60  ? 9.254   -1.817  -8.714  1.00 14.87 ? 60   ASP A C   1 
ATOM   402  O O   . ASP A 1 60  ? 9.847   -0.999  -8.025  1.00 17.32 ? 60   ASP A O   1 
ATOM   403  C CB  . ASP A 1 60  ? 10.487  -3.262  -10.340 1.00 20.32 ? 60   ASP A CB  1 
ATOM   404  C CG  . ASP A 1 60  ? 11.296  -4.518  -10.539 1.00 26.22 ? 60   ASP A CG  1 
ATOM   405  O OD1 . ASP A 1 60  ? 12.262  -4.728  -9.764  1.00 25.25 ? 60   ASP A OD1 1 
ATOM   406  O OD2 . ASP A 1 60  ? 10.951  -5.302  -11.454 1.00 25.61 ? 60   ASP A OD2 1 
ATOM   407  N N   . TYR A 1 61  ? 8.096   -1.546  -9.302  1.00 15.20 ? 61   TYR A N   1 
ATOM   408  C CA  . TYR A 1 61  ? 7.477   -0.242  -9.137  1.00 16.04 ? 61   TYR A CA  1 
ATOM   409  C C   . TYR A 1 61  ? 5.991   -0.326  -9.411  1.00 14.01 ? 61   TYR A C   1 
ATOM   410  O O   . TYR A 1 61  ? 5.531   -1.182  -10.169 1.00 14.32 ? 61   TYR A O   1 
ATOM   411  C CB  . TYR A 1 61  ? 8.137   0.812   -10.045 1.00 16.82 ? 61   TYR A CB  1 
ATOM   412  C CG  . TYR A 1 61  ? 8.050   0.487   -11.516 1.00 17.33 ? 61   TYR A CG  1 
ATOM   413  C CD1 . TYR A 1 61  ? 9.035   -0.276  -12.129 1.00 17.88 ? 61   TYR A CD1 1 
ATOM   414  C CD2 . TYR A 1 61  ? 6.979   0.932   -12.294 1.00 17.77 ? 61   TYR A CD2 1 
ATOM   415  C CE1 . TYR A 1 61  ? 8.965   -0.599  -13.472 1.00 17.76 ? 61   TYR A CE1 1 
ATOM   416  C CE2 . TYR A 1 61  ? 6.901   0.622   -13.652 1.00 14.58 ? 61   TYR A CE2 1 
ATOM   417  C CZ  . TYR A 1 61  ? 7.903   -0.150  -14.228 1.00 23.15 ? 61   TYR A CZ  1 
ATOM   418  O OH  . TYR A 1 61  ? 7.867   -0.486  -15.562 1.00 26.46 ? 61   TYR A OH  1 
ATOM   419  N N   . LEU A 1 62  ? 5.253   0.570   -8.770  1.00 12.52 ? 62   LEU A N   1 
ATOM   420  C CA  . LEU A 1 62  ? 3.806   0.625   -8.896  1.00 15.47 ? 62   LEU A CA  1 
ATOM   421  C C   . LEU A 1 62  ? 3.371   2.062   -9.127  1.00 18.05 ? 62   LEU A C   1 
ATOM   422  O O   . LEU A 1 62  ? 3.637   2.940   -8.294  1.00 16.09 ? 62   LEU A O   1 
ATOM   423  C CB  . LEU A 1 62  ? 3.130   0.068   -7.629  1.00 12.61 ? 62   LEU A CB  1 
ATOM   424  C CG  . LEU A 1 62  ? 1.605   0.209   -7.578  1.00 14.08 ? 62   LEU A CG  1 
ATOM   425  C CD1 . LEU A 1 62  ? 0.927   -0.676  -8.629  1.00 13.76 ? 62   LEU A CD1 1 
ATOM   426  C CD2 . LEU A 1 62  ? 1.071   -0.102  -6.173  1.00 15.40 ? 62   LEU A CD2 1 
ATOM   427  N N   . LYS A 1 63  ? 2.723   2.285   -10.269 1.00 17.23 ? 63   LYS A N   1 
ATOM   428  C CA  . LYS A 1 63  ? 2.095   3.560   -10.607 1.00 18.47 ? 63   LYS A CA  1 
ATOM   429  C C   . LYS A 1 63  ? 0.594   3.330   -10.728 1.00 16.19 ? 63   LYS A C   1 
ATOM   430  O O   . LYS A 1 63  ? 0.149   2.563   -11.579 1.00 21.39 ? 63   LYS A O   1 
ATOM   431  C CB  . LYS A 1 63  ? 2.607   4.085   -11.952 1.00 19.07 ? 63   LYS A CB  1 
ATOM   432  C CG  . LYS A 1 63  ? 4.084   4.339   -12.021 1.00 20.02 ? 63   LYS A CG  1 
ATOM   433  C CD  . LYS A 1 63  ? 4.467   4.877   -13.393 1.00 22.97 ? 63   LYS A CD  1 
ATOM   434  C CE  . LYS A 1 63  ? 4.246   3.837   -14.463 1.00 22.85 ? 63   LYS A CE  1 
ATOM   435  N NZ  . LYS A 1 63  ? 4.778   4.284   -15.787 1.00 22.58 ? 63   LYS A NZ  1 
ATOM   436  N N   . VAL A 1 64  ? -0.186  3.995   -9.889  1.00 13.96 ? 64   VAL A N   1 
ATOM   437  C CA  . VAL A 1 64  ? -1.618  3.722   -9.820  1.00 15.35 ? 64   VAL A CA  1 
ATOM   438  C C   . VAL A 1 64  ? -2.425  4.986   -10.003 1.00 15.10 ? 64   VAL A C   1 
ATOM   439  O O   . VAL A 1 64  ? -2.123  5.999   -9.389  1.00 13.16 ? 64   VAL A O   1 
ATOM   440  C CB  . VAL A 1 64  ? -1.991  3.119   -8.441  1.00 17.70 ? 64   VAL A CB  1 
ATOM   441  C CG1 . VAL A 1 64  ? -3.497  3.027   -8.273  1.00 18.49 ? 64   VAL A CG1 1 
ATOM   442  C CG2 . VAL A 1 64  ? -1.367  1.757   -8.287  1.00 21.60 ? 64   VAL A CG2 1 
ATOM   443  N N   . PHE A 1 65  ? -3.435  4.927   -10.869 1.00 16.86 ? 65   PHE A N   1 
ATOM   444  C CA  . PHE A 1 65  ? -4.455  5.962   -10.933 1.00 18.21 ? 65   PHE A CA  1 
ATOM   445  C C   . PHE A 1 65  ? -5.814  5.307   -10.767 1.00 18.92 ? 65   PHE A C   1 
ATOM   446  O O   . PHE A 1 65  ? -6.237  4.537   -11.627 1.00 19.92 ? 65   PHE A O   1 
ATOM   447  C CB  . PHE A 1 65  ? -4.435  6.704   -12.273 1.00 15.48 ? 65   PHE A CB  1 
ATOM   448  C CG  . PHE A 1 65  ? -5.598  7.653   -12.457 1.00 15.62 ? 65   PHE A CG  1 
ATOM   449  C CD1 . PHE A 1 65  ? -5.748  8.759   -11.636 1.00 13.95 ? 65   PHE A CD1 1 
ATOM   450  C CD2 . PHE A 1 65  ? -6.548  7.433   -13.445 1.00 19.14 ? 65   PHE A CD2 1 
ATOM   451  C CE1 . PHE A 1 65  ? -6.817  9.637   -11.807 1.00 17.63 ? 65   PHE A CE1 1 
ATOM   452  C CE2 . PHE A 1 65  ? -7.618  8.312   -13.616 1.00 18.21 ? 65   PHE A CE2 1 
ATOM   453  C CZ  . PHE A 1 65  ? -7.749  9.410   -12.797 1.00 14.65 ? 65   PHE A CZ  1 
ATOM   454  N N   . LEU A 1 66  ? -6.500  5.607   -9.672  1.00 13.96 ? 66   LEU A N   1 
ATOM   455  C CA  . LEU A 1 66  ? -7.867  5.124   -9.512  1.00 18.86 ? 66   LEU A CA  1 
ATOM   456  C C   . LEU A 1 66  ? -8.840  6.226   -9.918  1.00 18.10 ? 66   LEU A C   1 
ATOM   457  O O   . LEU A 1 66  ? -8.865  7.292   -9.305  1.00 15.45 ? 66   LEU A O   1 
ATOM   458  C CB  . LEU A 1 66  ? -8.116  4.669   -8.066  1.00 15.72 ? 66   LEU A CB  1 
ATOM   459  C CG  . LEU A 1 66  ? -7.278  3.464   -7.620  1.00 15.98 ? 66   LEU A CG  1 
ATOM   460  C CD1 . LEU A 1 66  ? -7.387  3.245   -6.108  1.00 17.30 ? 66   LEU A CD1 1 
ATOM   461  C CD2 . LEU A 1 66  ? -7.693  2.209   -8.382  1.00 18.13 ? 66   LEU A CD2 1 
ATOM   462  N N   . ASN A 1 67  ? -9.621  5.981   -10.966 1.00 18.40 ? 67   ASN A N   1 
ATOM   463  C CA  . ASN A 1 67  ? -10.593 6.966   -11.423 1.00 19.80 ? 67   ASN A CA  1 
ATOM   464  C C   . ASN A 1 67  ? -11.851 6.910   -10.565 1.00 24.16 ? 67   ASN A C   1 
ATOM   465  O O   . ASN A 1 67  ? -12.033 5.975   -9.773  1.00 19.07 ? 67   ASN A O   1 
ATOM   466  C CB  . ASN A 1 67  ? -10.933 6.781   -12.911 1.00 24.38 ? 67   ASN A CB  1 
ATOM   467  C CG  . ASN A 1 67  ? -11.671 5.481   -13.192 1.00 26.24 ? 67   ASN A CG  1 
ATOM   468  O OD1 . ASN A 1 67  ? -12.865 5.368   -12.941 1.00 29.33 ? 67   ASN A OD1 1 
ATOM   469  N ND2 . ASN A 1 67  ? -10.960 4.499   -13.728 1.00 30.54 ? 67   ASN A ND2 1 
ATOM   470  N N   . TRP A 1 68  ? -12.711 7.912   -10.723 1.00 20.15 ? 68   TRP A N   1 
ATOM   471  C CA  . TRP A 1 68  ? -13.881 8.065   -9.868  1.00 24.71 ? 68   TRP A CA  1 
ATOM   472  C C   . TRP A 1 68  ? -14.830 6.885   -10.005 1.00 22.92 ? 68   TRP A C   1 
ATOM   473  O O   . TRP A 1 68  ? -15.476 6.495   -9.040  1.00 26.76 ? 68   TRP A O   1 
ATOM   474  C CB  . TRP A 1 68  ? -14.610 9.380   -10.166 1.00 28.84 ? 68   TRP A CB  1 
ATOM   475  C CG  . TRP A 1 68  ? -15.148 9.452   -11.558 1.00 37.98 ? 68   TRP A CG  1 
ATOM   476  C CD1 . TRP A 1 68  ? -14.534 9.998   -12.654 1.00 40.52 ? 68   TRP A CD1 1 
ATOM   477  C CD2 . TRP A 1 68  ? -16.408 8.947   -12.015 1.00 39.48 ? 68   TRP A CD2 1 
ATOM   478  N NE1 . TRP A 1 68  ? -15.337 9.864   -13.763 1.00 45.47 ? 68   TRP A NE1 1 
ATOM   479  C CE2 . TRP A 1 68  ? -16.494 9.223   -13.398 1.00 45.94 ? 68   TRP A CE2 1 
ATOM   480  C CE3 . TRP A 1 68  ? -17.473 8.287   -11.390 1.00 36.79 ? 68   TRP A CE3 1 
ATOM   481  C CZ2 . TRP A 1 68  ? -17.603 8.867   -14.163 1.00 50.87 ? 68   TRP A CZ2 1 
ATOM   482  C CZ3 . TRP A 1 68  ? -18.574 7.934   -12.152 1.00 47.17 ? 68   TRP A CZ3 1 
ATOM   483  C CH2 . TRP A 1 68  ? -18.632 8.225   -13.525 1.00 52.01 ? 68   TRP A CH2 1 
ATOM   484  N N   . ARG A 1 69  ? -14.904 6.309   -11.199 1.00 24.14 ? 69   ARG A N   1 
ATOM   485  C CA  . ARG A 1 69  ? -15.767 5.154   -11.430 1.00 27.60 ? 69   ARG A CA  1 
ATOM   486  C C   . ARG A 1 69  ? -15.312 3.925   -10.653 1.00 23.45 ? 69   ARG A C   1 
ATOM   487  O O   . ARG A 1 69  ? -16.116 3.274   -9.999  1.00 23.78 ? 69   ARG A O   1 
ATOM   488  C CB  . ARG A 1 69  ? -15.851 4.809   -12.918 1.00 27.96 ? 69   ARG A CB  1 
ATOM   489  C CG  . ARG A 1 69  ? -16.828 5.658   -13.706 1.00 38.58 ? 69   ARG A CG  1 
ATOM   490  C CD  . ARG A 1 69  ? -16.914 5.191   -15.159 1.00 47.77 ? 69   ARG A CD  1 
ATOM   491  N NE  . ARG A 1 69  ? -17.826 6.010   -15.956 1.00 54.29 ? 69   ARG A NE  1 
ATOM   492  C CZ  . ARG A 1 69  ? -17.462 7.096   -16.632 1.00 56.89 ? 69   ARG A CZ  1 
ATOM   493  N NH1 . ARG A 1 69  ? -16.198 7.509   -16.608 1.00 48.00 ? 69   ARG A NH1 1 
ATOM   494  N NH2 . ARG A 1 69  ? -18.365 7.779   -17.331 1.00 57.81 ? 69   ARG A NH2 1 
ATOM   495  N N   . GLU A 1 70  ? -14.031 3.592   -10.746 1.00 20.69 ? 70   GLU A N   1 
ATOM   496  C CA  . GLU A 1 70  ? -13.496 2.447   -10.011 1.00 25.38 ? 70   GLU A CA  1 
ATOM   497  C C   . GLU A 1 70  ? -13.667 2.609   -8.507  1.00 19.41 ? 70   GLU A C   1 
ATOM   498  O O   . GLU A 1 70  ? -13.794 1.633   -7.787  1.00 19.79 ? 70   GLU A O   1 
ATOM   499  C CB  . GLU A 1 70  ? -12.018 2.251   -10.327 1.00 24.65 ? 70   GLU A CB  1 
ATOM   500  C CG  . GLU A 1 70  ? -11.732 2.256   -11.801 1.00 30.54 ? 70   GLU A CG  1 
ATOM   501  C CD  . GLU A 1 70  ? -10.262 2.172   -12.096 1.00 34.93 ? 70   GLU A CD  1 
ATOM   502  O OE1 . GLU A 1 70  ? -9.549  3.161   -11.820 1.00 29.76 ? 70   GLU A OE1 1 
ATOM   503  O OE2 . GLU A 1 70  ? -9.825  1.119   -12.610 1.00 40.17 ? 70   GLU A OE2 1 
ATOM   504  N N   . LEU A 1 71  ? -13.659 3.852   -8.041  1.00 21.53 ? 71   LEU A N   1 
ATOM   505  C CA  . LEU A 1 71  ? -13.774 4.125   -6.614  1.00 24.63 ? 71   LEU A CA  1 
ATOM   506  C C   . LEU A 1 71  ? -15.205 3.960   -6.076  1.00 25.62 ? 71   LEU A C   1 
ATOM   507  O O   . LEU A 1 71  ? -15.404 3.818   -4.870  1.00 24.00 ? 71   LEU A O   1 
ATOM   508  C CB  . LEU A 1 71  ? -13.218 5.517   -6.294  1.00 19.55 ? 71   LEU A CB  1 
ATOM   509  C CG  . LEU A 1 71  ? -11.691 5.660   -6.345  1.00 23.03 ? 71   LEU A CG  1 
ATOM   510  C CD1 . LEU A 1 71  ? -11.277 7.098   -6.112  1.00 17.74 ? 71   LEU A CD1 1 
ATOM   511  C CD2 . LEU A 1 71  ? -11.023 4.757   -5.325  1.00 17.72 ? 71   LEU A CD2 1 
ATOM   512  N N   . LEU A 1 72  ? -16.198 3.969   -6.965  1.00 28.17 ? 72   LEU A N   1 
ATOM   513  C CA  . LEU A 1 72  ? -17.594 3.778   -6.558  1.00 27.10 ? 72   LEU A CA  1 
ATOM   514  C C   . LEU A 1 72  ? -17.861 2.388   -5.982  1.00 28.68 ? 72   LEU A C   1 
ATOM   515  O O   . LEU A 1 72  ? -17.368 1.385   -6.495  1.00 26.55 ? 72   LEU A O   1 
ATOM   516  C CB  . LEU A 1 72  ? -18.541 4.011   -7.738  1.00 28.11 ? 72   LEU A CB  1 
ATOM   517  C CG  . LEU A 1 72  ? -18.694 5.442   -8.263  1.00 32.21 ? 72   LEU A CG  1 
ATOM   518  C CD1 . LEU A 1 72  ? -19.428 5.445   -9.592  1.00 25.42 ? 72   LEU A CD1 1 
ATOM   519  C CD2 . LEU A 1 72  ? -19.413 6.320   -7.248  1.00 34.98 ? 72   LEU A CD2 1 
ATOM   520  N N   . GLU A 1 73  ? -18.664 2.335   -4.926  1.00 25.97 ? 73   GLU A N   1 
ATOM   521  C CA  . GLU A 1 73  ? -19.078 1.068   -4.339  1.00 30.66 ? 73   GLU A CA  1 
ATOM   522  C C   . GLU A 1 73  ? -19.809 0.208   -5.380  1.00 40.76 ? 73   GLU A C   1 
ATOM   523  O O   . GLU A 1 73  ? -19.650 -1.018  -5.411  1.00 38.72 ? 73   GLU A O   1 
ATOM   524  C CB  . GLU A 1 73  ? -19.975 1.326   -3.123  1.00 29.08 ? 73   GLU A CB  1 
ATOM   525  C CG  . GLU A 1 73  ? -20.359 0.081   -2.333  1.00 29.92 ? 73   GLU A CG  1 
ATOM   526  C CD  . GLU A 1 73  ? -21.028 0.419   -1.017  1.00 29.93 ? 73   GLU A CD  1 
ATOM   527  O OE1 . GLU A 1 73  ? -21.655 1.494   -0.919  1.00 29.51 ? 73   GLU A OE1 1 
ATOM   528  O OE2 . GLU A 1 73  ? -20.922 -0.386  -0.073  1.00 32.19 ? 73   GLU A OE2 1 
ATOM   529  N N   . ASP A 1 74  ? -20.596 0.876   -6.224  1.00 37.88 ? 74   ASP A N   1 
ATOM   530  C CA  . ASP A 1 74  ? -21.321 0.253   -7.338  1.00 49.96 ? 74   ASP A CA  1 
ATOM   531  C C   . ASP A 1 74  ? -22.722 -0.197  -6.944  1.00 60.68 ? 74   ASP A C   1 
ATOM   532  O O   . ASP A 1 74  ? -23.712 0.408   -7.359  1.00 62.60 ? 74   ASP A O   1 
ATOM   533  C CB  . ASP A 1 74  ? -20.535 -0.913  -7.950  1.00 51.47 ? 74   ASP A CB  1 
ATOM   534  C CG  . ASP A 1 74  ? -19.327 -0.450  -8.737  1.00 45.56 ? 74   ASP A CG  1 
ATOM   535  O OD1 . ASP A 1 74  ? -18.938 0.727   -8.580  1.00 45.55 ? 74   ASP A OD1 1 
ATOM   536  O OD2 . ASP A 1 74  ? -18.764 -1.259  -9.511  1.00 45.46 ? 74   ASP A OD2 1 
ATOM   537  N N   . ASP A 1 109 ? -22.391 11.581  -2.927  1.00 59.19 ? 109  ASP A N   1 
ATOM   538  C CA  . ASP A 1 109 ? -22.672 10.229  -3.395  1.00 49.95 ? 109  ASP A CA  1 
ATOM   539  C C   . ASP A 1 109 ? -22.331 9.232   -2.299  1.00 49.17 ? 109  ASP A C   1 
ATOM   540  O O   . ASP A 1 109 ? -21.180 9.129   -1.869  1.00 47.79 ? 109  ASP A O   1 
ATOM   541  C CB  . ASP A 1 109 ? -21.855 9.917   -4.651  1.00 49.10 ? 109  ASP A CB  1 
ATOM   542  C CG  . ASP A 1 109 ? -22.513 8.867   -5.537  1.00 54.20 ? 109  ASP A CG  1 
ATOM   543  O OD1 . ASP A 1 109 ? -23.213 7.978   -5.004  1.00 52.43 ? 109  ASP A OD1 1 
ATOM   544  O OD2 . ASP A 1 109 ? -22.329 8.935   -6.775  1.00 54.67 ? 109  ASP A OD2 1 
ATOM   545  N N   . THR A 1 110 ? -23.338 8.496   -1.843  1.00 49.03 ? 110  THR A N   1 
ATOM   546  C CA  . THR A 1 110 ? -23.121 7.473   -0.830  1.00 44.60 ? 110  THR A CA  1 
ATOM   547  C C   . THR A 1 110 ? -22.486 6.215   -1.432  1.00 40.69 ? 110  THR A C   1 
ATOM   548  O O   . THR A 1 110 ? -22.183 5.264   -0.717  1.00 38.50 ? 110  THR A O   1 
ATOM   549  C CB  . THR A 1 110 ? -24.428 7.137   -0.091  1.00 45.03 ? 110  THR A CB  1 
ATOM   550  O OG1 . THR A 1 110 ? -25.482 6.957   -1.044  1.00 53.21 ? 110  THR A OG1 1 
ATOM   551  C CG2 . THR A 1 110 ? -24.806 8.275   0.842   1.00 48.04 ? 110  THR A CG2 1 
ATOM   552  N N   . ARG A 1 111 ? -22.290 6.226   -2.750  1.00 40.54 ? 111  ARG A N   1 
ATOM   553  C CA  . ARG A 1 111 ? -21.536 5.185   -3.450  1.00 39.01 ? 111  ARG A CA  1 
ATOM   554  C C   . ARG A 1 111 ? -20.046 5.489   -3.447  1.00 29.53 ? 111  ARG A C   1 
ATOM   555  O O   . ARG A 1 111 ? -19.230 4.632   -3.765  1.00 27.17 ? 111  ARG A O   1 
ATOM   556  C CB  . ARG A 1 111 ? -21.983 5.080   -4.905  1.00 44.58 ? 111  ARG A CB  1 
ATOM   557  C CG  . ARG A 1 111 ? -23.088 4.082   -5.181  1.00 53.66 ? 111  ARG A CG  1 
ATOM   558  C CD  . ARG A 1 111 ? -23.296 3.960   -6.683  1.00 57.87 ? 111  ARG A CD  1 
ATOM   559  N NE  . ARG A 1 111 ? -24.463 3.152   -7.021  1.00 75.36 ? 111  ARG A NE  1 
ATOM   560  C CZ  . ARG A 1 111 ? -24.903 2.963   -8.261  1.00 79.79 ? 111  ARG A CZ  1 
ATOM   561  N NH1 . ARG A 1 111 ? -24.268 3.527   -9.282  1.00 77.84 ? 111  ARG A NH1 1 
ATOM   562  N NH2 . ARG A 1 111 ? -25.978 2.212   -8.481  1.00 72.95 ? 111  ARG A NH2 1 
ATOM   563  N N   . TYR A 1 112 ? -19.699 6.722   -3.104  1.00 28.42 ? 112  TYR A N   1 
ATOM   564  C CA  . TYR A 1 112 ? -18.319 7.173   -3.168  1.00 29.29 ? 112  TYR A CA  1 
ATOM   565  C C   . TYR A 1 112 ? -17.653 7.039   -1.802  1.00 22.93 ? 112  TYR A C   1 
ATOM   566  O O   . TYR A 1 112 ? -18.294 7.256   -0.777  1.00 22.92 ? 112  TYR A O   1 
ATOM   567  C CB  . TYR A 1 112 ? -18.264 8.618   -3.686  1.00 31.38 ? 112  TYR A CB  1 
ATOM   568  C CG  . TYR A 1 112 ? -16.872 9.091   -4.020  1.00 27.91 ? 112  TYR A CG  1 
ATOM   569  C CD1 . TYR A 1 112 ? -16.285 8.797   -5.248  1.00 33.30 ? 112  TYR A CD1 1 
ATOM   570  C CD2 . TYR A 1 112 ? -16.137 9.820   -3.098  1.00 29.49 ? 112  TYR A CD2 1 
ATOM   571  C CE1 . TYR A 1 112 ? -15.003 9.227   -5.547  1.00 26.95 ? 112  TYR A CE1 1 
ATOM   572  C CE2 . TYR A 1 112 ? -14.869 10.246  -3.380  1.00 28.27 ? 112  TYR A CE2 1 
ATOM   573  C CZ  . TYR A 1 112 ? -14.305 9.952   -4.602  1.00 29.23 ? 112  TYR A CZ  1 
ATOM   574  O OH  . TYR A 1 112 ? -13.028 10.397  -4.852  1.00 36.04 ? 112  TYR A OH  1 
ATOM   575  N N   . PRO A 1 113 ? -16.361 6.665   -1.781  1.00 24.01 ? 113  PRO A N   1 
ATOM   576  C CA  . PRO A 1 113 ? -15.658 6.398   -0.520  1.00 19.63 ? 113  PRO A CA  1 
ATOM   577  C C   . PRO A 1 113 ? -15.541 7.639   0.331   1.00 18.03 ? 113  PRO A C   1 
ATOM   578  O O   . PRO A 1 113 ? -15.389 8.734   -0.203  1.00 20.76 ? 113  PRO A O   1 
ATOM   579  C CB  . PRO A 1 113 ? -14.250 5.987   -0.978  1.00 20.47 ? 113  PRO A CB  1 
ATOM   580  C CG  . PRO A 1 113 ? -14.386 5.629   -2.406  1.00 22.21 ? 113  PRO A CG  1 
ATOM   581  C CD  . PRO A 1 113 ? -15.476 6.499   -2.944  1.00 23.77 ? 113  PRO A CD  1 
ATOM   582  N N   . MET A 1 114 ? -15.599 7.465   1.644   1.00 18.33 ? 114  MET A N   1 
ATOM   583  C CA  . MET A 1 114 ? -15.283 8.545   2.568   1.00 22.19 ? 114  MET A CA  1 
ATOM   584  C C   . MET A 1 114 ? -13.783 8.813   2.598   1.00 19.40 ? 114  MET A C   1 
ATOM   585  O O   . MET A 1 114 ? -13.336 9.885   3.001   1.00 17.44 ? 114  MET A O   1 
ATOM   586  C CB  . MET A 1 114 ? -15.755 8.183   3.972   1.00 23.97 ? 114  MET A CB  1 
ATOM   587  C CG  . MET A 1 114 ? -17.265 8.105   4.095   1.00 33.18 ? 114  MET A CG  1 
ATOM   588  S SD  . MET A 1 114 ? -17.746 7.463   5.699   1.00 43.80 ? 114  MET A SD  1 
ATOM   589  C CE  . MET A 1 114 ? -17.379 5.728   5.493   1.00 28.55 ? 114  MET A CE  1 
ATOM   590  N N   . GLY A 1 115 ? -13.006 7.828   2.175   1.00 17.52 ? 115  GLY A N   1 
ATOM   591  C CA  . GLY A 1 115 ? -11.563 7.939   2.235   1.00 16.15 ? 115  GLY A CA  1 
ATOM   592  C C   . GLY A 1 115 ? -10.921 6.593   1.990   1.00 18.43 ? 115  GLY A C   1 
ATOM   593  O O   . GLY A 1 115 ? -11.610 5.585   1.821   1.00 16.28 ? 115  GLY A O   1 
ATOM   594  N N   . VAL A 1 116 ? -9.596  6.575   1.956   1.00 13.44 ? 116  VAL A N   1 
ATOM   595  C CA  . VAL A 1 116 ? -8.878  5.341   1.709   1.00 12.86 ? 116  VAL A CA  1 
ATOM   596  C C   . VAL A 1 116 ? -7.776  5.187   2.719   1.00 13.58 ? 116  VAL A C   1 
ATOM   597  O O   . VAL A 1 116 ? -7.211  6.177   3.195   1.00 15.07 ? 116  VAL A O   1 
ATOM   598  C CB  . VAL A 1 116 ? -8.256  5.311   0.285   1.00 16.51 ? 116  VAL A CB  1 
ATOM   599  C CG1 . VAL A 1 116 ? -9.350  5.149   -0.783  1.00 15.00 ? 116  VAL A CG1 1 
ATOM   600  C CG2 . VAL A 1 116 ? -7.424  6.574   0.033   1.00 12.86 ? 116  VAL A CG2 1 
ATOM   601  N N   . ILE A 1 117 ? -7.486  3.936   3.053   1.00 12.48 ? 117  ILE A N   1 
ATOM   602  C CA  . ILE A 1 117 ? -6.284  3.601   3.768   1.00 12.18 ? 117  ILE A CA  1 
ATOM   603  C C   . ILE A 1 117 ? -5.323  3.077   2.704   1.00 12.34 ? 117  ILE A C   1 
ATOM   604  O O   . ILE A 1 117 ? -5.631  2.104   2.008   1.00 11.76 ? 117  ILE A O   1 
ATOM   605  C CB  . ILE A 1 117 ? -6.530  2.515   4.860   1.00 12.82 ? 117  ILE A CB  1 
ATOM   606  C CG1 . ILE A 1 117 ? -7.585  2.966   5.877   1.00 13.71 ? 117  ILE A CG1 1 
ATOM   607  C CG2 . ILE A 1 117 ? -5.219  2.175   5.595   1.00 11.53 ? 117  ILE A CG2 1 
ATOM   608  C CD1 . ILE A 1 117 ? -9.034  2.939   5.373   1.00 14.19 ? 117  ILE A CD1 1 
ATOM   609  N N   . VAL A 1 118 ? -4.176  3.731   2.552   1.00 12.41 ? 118  VAL A N   1 
ATOM   610  C CA  . VAL A 1 118 ? -3.145  3.219   1.651   1.00 12.64 ? 118  VAL A CA  1 
ATOM   611  C C   . VAL A 1 118 ? -2.059  2.482   2.432   1.00 11.12 ? 118  VAL A C   1 
ATOM   612  O O   . VAL A 1 118 ? -1.375  3.066   3.269   1.00 14.15 ? 118  VAL A O   1 
ATOM   613  C CB  . VAL A 1 118 ? -2.500  4.326   0.785   1.00 11.26 ? 118  VAL A CB  1 
ATOM   614  C CG1 . VAL A 1 118 ? -1.627  3.692   -0.305  1.00 12.21 ? 118  VAL A CG1 1 
ATOM   615  C CG2 . VAL A 1 118 ? -3.559  5.201   0.164   1.00 11.88 ? 118  VAL A CG2 1 
ATOM   616  N N   . SER A 1 119 ? -1.901  1.198   2.135   1.00 11.66 ? 119  SER A N   1 
ATOM   617  C CA  . SER A 1 119 ? -1.007  0.316   2.873   1.00 11.35 ? 119  SER A CA  1 
ATOM   618  C C   . SER A 1 119 ? 0.165   -0.045  1.979   1.00 10.73 ? 119  SER A C   1 
ATOM   619  O O   . SER A 1 119 ? -0.027  -0.714  0.969   1.00 10.67 ? 119  SER A O   1 
ATOM   620  C CB  . SER A 1 119 ? -1.773  -0.959  3.258   1.00 11.45 ? 119  SER A CB  1 
ATOM   621  O OG  . SER A 1 119 ? -0.919  -1.937  3.830   1.00 12.05 ? 119  SER A OG  1 
ATOM   622  N N   . PHE A 1 120 ? 1.365   0.413   2.341   1.00 9.18  ? 120  PHE A N   1 
ATOM   623  C CA  . PHE A 1 120 ? 2.586   0.126   1.582   1.00 10.09 ? 120  PHE A CA  1 
ATOM   624  C C   . PHE A 1 120 ? 3.399   -0.956  2.284   1.00 11.92 ? 120  PHE A C   1 
ATOM   625  O O   . PHE A 1 120 ? 3.662   -0.846  3.478   1.00 13.29 ? 120  PHE A O   1 
ATOM   626  C CB  . PHE A 1 120 ? 3.489   1.357   1.525   1.00 13.67 ? 120  PHE A CB  1 
ATOM   627  C CG  . PHE A 1 120 ? 2.915   2.535   0.796   1.00 10.95 ? 120  PHE A CG  1 
ATOM   628  C CD1 . PHE A 1 120 ? 1.994   3.376   1.410   1.00 10.38 ? 120  PHE A CD1 1 
ATOM   629  C CD2 . PHE A 1 120 ? 3.372   2.856   -0.475  1.00 12.20 ? 120  PHE A CD2 1 
ATOM   630  C CE1 . PHE A 1 120 ? 1.502   4.489   0.743   1.00 12.13 ? 120  PHE A CE1 1 
ATOM   631  C CE2 . PHE A 1 120 ? 2.882   3.968   -1.152  1.00 14.57 ? 120  PHE A CE2 1 
ATOM   632  C CZ  . PHE A 1 120 ? 1.955   4.789   -0.547  1.00 9.23  ? 120  PHE A CZ  1 
ATOM   633  N N   . ASN A 1 121 ? 3.836   -1.974  1.552   1.00 12.25 ? 121  ASN A N   1 
ATOM   634  C CA  . ASN A 1 121 ? 4.494   -3.119  2.187   1.00 12.64 ? 121  ASN A CA  1 
ATOM   635  C C   . ASN A 1 121 ? 5.653   -3.668  1.368   1.00 12.72 ? 121  ASN A C   1 
ATOM   636  O O   . ASN A 1 121 ? 5.535   -3.887  0.161   1.00 15.26 ? 121  ASN A O   1 
ATOM   637  C CB  . ASN A 1 121 ? 3.484   -4.240  2.476   1.00 11.34 ? 121  ASN A CB  1 
ATOM   638  C CG  . ASN A 1 121 ? 2.263   -3.751  3.257   1.00 12.58 ? 121  ASN A CG  1 
ATOM   639  O OD1 . ASN A 1 121 ? 2.258   -3.741  4.487   1.00 13.91 ? 121  ASN A OD1 1 
ATOM   640  N ND2 . ASN A 1 121 ? 1.223   -3.364  2.542   1.00 9.64  ? 121  ASN A ND2 1 
ATOM   641  N N   . GLY A 1 122 ? 6.782   -3.878  2.027   1.00 15.20 ? 122  GLY A N   1 
ATOM   642  C CA  . GLY A 1 122 ? 7.954   -4.406  1.360   1.00 13.15 ? 122  GLY A CA  1 
ATOM   643  C C   . GLY A 1 122 ? 9.139   -3.469  1.398   1.00 14.97 ? 122  GLY A C   1 
ATOM   644  O O   . GLY A 1 122 ? 9.164   -2.494  2.151   1.00 14.61 ? 122  GLY A O   1 
ATOM   645  N N   . ASN A 1 123 ? 10.129  -3.780  0.566   1.00 14.89 ? 123  ASN A N   1 
ATOM   646  C CA  . ASN A 1 123 ? 11.368  -3.030  0.489   1.00 17.92 ? 123  ASN A CA  1 
ATOM   647  C C   . ASN A 1 123 ? 11.166  -1.780  -0.353  1.00 17.80 ? 123  ASN A C   1 
ATOM   648  O O   . ASN A 1 123 ? 11.821  -1.575  -1.361  1.00 18.07 ? 123  ASN A O   1 
ATOM   649  C CB  . ASN A 1 123 ? 12.451  -3.916  -0.122  1.00 21.23 ? 123  ASN A CB  1 
ATOM   650  C CG  . ASN A 1 123 ? 13.808  -3.259  -0.139  1.00 18.86 ? 123  ASN A CG  1 
ATOM   651  O OD1 . ASN A 1 123 ? 14.084  -2.356  0.641   1.00 17.95 ? 123  ASN A OD1 1 
ATOM   652  N ND2 . ASN A 1 123 ? 14.674  -3.726  -1.030  1.00 19.92 ? 123  ASN A ND2 1 
ATOM   653  N N   . ILE A 1 124 ? 10.236  -0.945  0.081   1.00 17.70 ? 124  ILE A N   1 
ATOM   654  C CA  . ILE A 1 124 ? 9.819   0.213   -0.682  1.00 16.33 ? 124  ILE A CA  1 
ATOM   655  C C   . ILE A 1 124 ? 10.691  1.424   -0.345  1.00 20.61 ? 124  ILE A C   1 
ATOM   656  O O   . ILE A 1 124 ? 11.046  1.636   0.815   1.00 18.96 ? 124  ILE A O   1 
ATOM   657  C CB  . ILE A 1 124 ? 8.327   0.499   -0.400  1.00 17.52 ? 124  ILE A CB  1 
ATOM   658  C CG1 . ILE A 1 124 ? 7.484   -0.680  -0.913  1.00 17.49 ? 124  ILE A CG1 1 
ATOM   659  C CG2 . ILE A 1 124 ? 7.888   1.847   -0.990  1.00 15.15 ? 124  ILE A CG2 1 
ATOM   660  C CD1 . ILE A 1 124 ? 6.002   -0.482  -0.825  1.00 11.86 ? 124  ILE A CD1 1 
ATOM   661  N N   . ASP A 1 125 ? 11.060  2.196   -1.366  1.00 16.35 ? 125  ASP A N   1 
ATOM   662  C CA  . ASP A 1 125 ? 11.773  3.459   -1.164  1.00 21.68 ? 125  ASP A CA  1 
ATOM   663  C C   . ASP A 1 125 ? 10.874  4.469   -0.440  1.00 18.40 ? 125  ASP A C   1 
ATOM   664  O O   . ASP A 1 125 ? 10.068  5.163   -1.062  1.00 14.17 ? 125  ASP A O   1 
ATOM   665  C CB  . ASP A 1 125 ? 12.229  4.033   -2.512  1.00 21.14 ? 125  ASP A CB  1 
ATOM   666  C CG  . ASP A 1 125 ? 13.121  5.252   -2.367  1.00 24.06 ? 125  ASP A CG  1 
ATOM   667  O OD1 . ASP A 1 125 ? 13.300  5.758   -1.240  1.00 21.39 ? 125  ASP A OD1 1 
ATOM   668  O OD2 . ASP A 1 125 ? 13.634  5.720   -3.402  1.00 34.94 ? 125  ASP A OD2 1 
ATOM   669  N N   . TRP A 1 126 ? 11.029  4.552   0.876   1.00 18.28 ? 126  TRP A N   1 
ATOM   670  C CA  . TRP A 1 126 ? 10.173  5.389   1.702   1.00 18.96 ? 126  TRP A CA  1 
ATOM   671  C C   . TRP A 1 126 ? 10.359  6.889   1.506   1.00 19.79 ? 126  TRP A C   1 
ATOM   672  O O   . TRP A 1 126 ? 9.473   7.668   1.847   1.00 25.36 ? 126  TRP A O   1 
ATOM   673  C CB  . TRP A 1 126 ? 10.343  5.046   3.179   1.00 16.62 ? 126  TRP A CB  1 
ATOM   674  C CG  . TRP A 1 126 ? 9.997   3.640   3.482   1.00 21.60 ? 126  TRP A CG  1 
ATOM   675  C CD1 . TRP A 1 126 ? 10.806  2.702   4.044   1.00 20.39 ? 126  TRP A CD1 1 
ATOM   676  C CD2 . TRP A 1 126 ? 8.747   2.992   3.222   1.00 19.65 ? 126  TRP A CD2 1 
ATOM   677  N NE1 . TRP A 1 126 ? 10.135  1.511   4.164   1.00 22.06 ? 126  TRP A NE1 1 
ATOM   678  C CE2 . TRP A 1 126 ? 8.869   1.663   3.663   1.00 21.68 ? 126  TRP A CE2 1 
ATOM   679  C CE3 . TRP A 1 126 ? 7.536   3.411   2.666   1.00 17.68 ? 126  TRP A CE3 1 
ATOM   680  C CZ2 . TRP A 1 126 ? 7.824   0.746   3.568   1.00 18.19 ? 126  TRP A CZ2 1 
ATOM   681  C CZ3 . TRP A 1 126 ? 6.500   2.499   2.574   1.00 16.92 ? 126  TRP A CZ3 1 
ATOM   682  C CH2 . TRP A 1 126 ? 6.654   1.184   3.017   1.00 15.53 ? 126  TRP A CH2 1 
ATOM   683  N N   . THR A 1 127 ? 11.496  7.300   0.959   1.00 20.45 ? 127  THR A N   1 
ATOM   684  C CA  . THR A 1 127 ? 11.701  8.716   0.681   1.00 18.82 ? 127  THR A CA  1 
ATOM   685  C C   . THR A 1 127 ? 11.009  9.168   -0.611  1.00 20.97 ? 127  THR A C   1 
ATOM   686  O O   . THR A 1 127 ? 10.980  10.356  -0.919  1.00 24.33 ? 127  THR A O   1 
ATOM   687  C CB  . THR A 1 127 ? 13.195  9.068   0.610   1.00 23.36 ? 127  THR A CB  1 
ATOM   688  O OG1 . THR A 1 127 ? 13.752  8.578   -0.615  1.00 24.21 ? 127  THR A OG1 1 
ATOM   689  C CG2 . THR A 1 127 ? 13.937  8.457   1.799   1.00 27.58 ? 127  THR A CG2 1 
ATOM   690  N N   . ARG A 1 128 ? 10.456  8.222   -1.362  1.00 16.29 ? 128  ARG A N   1 
ATOM   691  C CA  . ARG A 1 128 ? 9.735   8.544   -2.586  1.00 18.77 ? 128  ARG A CA  1 
ATOM   692  C C   . ARG A 1 128 ? 8.296   8.040   -2.614  1.00 14.91 ? 128  ARG A C   1 
ATOM   693  O O   . ARG A 1 128 ? 7.520   8.434   -3.478  1.00 18.32 ? 128  ARG A O   1 
ATOM   694  C CB  . ARG A 1 128 ? 10.497  8.038   -3.808  1.00 19.92 ? 128  ARG A CB  1 
ATOM   695  C CG  . ARG A 1 128 ? 11.769  8.813   -4.068  1.00 23.19 ? 128  ARG A CG  1 
ATOM   696  C CD  . ARG A 1 128 ? 12.435  8.383   -5.360  1.00 35.07 ? 128  ARG A CD  1 
ATOM   697  N NE  . ARG A 1 128 ? 13.560  9.249   -5.696  1.00 38.30 ? 128  ARG A NE  1 
ATOM   698  C CZ  . ARG A 1 128 ? 14.804  9.057   -5.268  1.00 40.62 ? 128  ARG A CZ  1 
ATOM   699  N NH1 . ARG A 1 128 ? 15.091  8.027   -4.482  1.00 38.58 ? 128  ARG A NH1 1 
ATOM   700  N NH2 . ARG A 1 128 ? 15.764  9.895   -5.626  1.00 42.11 ? 128  ARG A NH2 1 
ATOM   701  N N   . ALA A 1 129 ? 7.931   7.178   -1.673  1.00 13.93 ? 129  ALA A N   1 
ATOM   702  C CA  . ALA A 1 129 ? 6.562   6.677   -1.627  1.00 15.16 ? 129  ALA A CA  1 
ATOM   703  C C   . ALA A 1 129 ? 5.608   7.856   -1.445  1.00 15.99 ? 129  ALA A C   1 
ATOM   704  O O   . ALA A 1 129 ? 5.871   8.754   -0.662  1.00 15.92 ? 129  ALA A O   1 
ATOM   705  C CB  . ALA A 1 129 ? 6.389   5.648   -0.513  1.00 11.75 ? 129  ALA A CB  1 
ATOM   706  N N   . ARG A 1 130 ? 4.500   7.861   -2.174  1.00 13.74 ? 130  ARG A N   1 
ATOM   707  C CA  . ARG A 1 130 ? 3.620   9.010   -2.123  1.00 12.77 ? 130  ARG A CA  1 
ATOM   708  C C   . ARG A 1 130 ? 2.202   8.708   -2.554  1.00 12.95 ? 130  ARG A C   1 
ATOM   709  O O   . ARG A 1 130 ? 1.944   7.773   -3.315  1.00 14.92 ? 130  ARG A O   1 
ATOM   710  C CB  . ARG A 1 130 ? 4.176   10.132  -2.998  1.00 17.31 ? 130  ARG A CB  1 
ATOM   711  C CG  . ARG A 1 130 ? 4.193   9.790   -4.486  1.00 15.60 ? 130  ARG A CG  1 
ATOM   712  C CD  . ARG A 1 130 ? 4.999   10.824  -5.266  1.00 16.81 ? 130  ARG A CD  1 
ATOM   713  N NE  . ARG A 1 130 ? 6.422   10.667  -5.000  1.00 18.00 ? 130  ARG A NE  1 
ATOM   714  C CZ  . ARG A 1 130 ? 7.382   11.345  -5.614  1.00 20.76 ? 130  ARG A CZ  1 
ATOM   715  N NH1 . ARG A 1 130 ? 7.075   12.253  -6.538  1.00 17.73 ? 130  ARG A NH1 1 
ATOM   716  N NH2 . ARG A 1 130 ? 8.651   11.111  -5.300  1.00 14.32 ? 130  ARG A NH2 1 
ATOM   717  N N   . VAL A 1 131 ? 1.290   9.539   -2.074  1.00 16.38 ? 131  VAL A N   1 
ATOM   718  C CA  . VAL A 1 131 ? -0.119  9.447   -2.417  1.00 14.64 ? 131  VAL A CA  1 
ATOM   719  C C   . VAL A 1 131 ? -0.610  10.870  -2.627  1.00 16.96 ? 131  VAL A C   1 
ATOM   720  O O   . VAL A 1 131 ? -0.119  11.810  -1.989  1.00 14.88 ? 131  VAL A O   1 
ATOM   721  C CB  . VAL A 1 131 ? -0.939  8.762   -1.289  1.00 13.25 ? 131  VAL A CB  1 
ATOM   722  C CG1 . VAL A 1 131 ? -2.413  8.619   -1.683  1.00 13.34 ? 131  VAL A CG1 1 
ATOM   723  C CG2 . VAL A 1 131 ? -0.350  7.406   -0.954  1.00 13.19 ? 131  VAL A CG2 1 
ATOM   724  N N   . GLU A 1 132 ? -1.542  11.048  -3.552  1.00 13.19 ? 132  GLU A N   1 
ATOM   725  C CA  . GLU A 1 132 ? -2.227  12.326  -3.630  1.00 17.25 ? 132  GLU A CA  1 
ATOM   726  C C   . GLU A 1 132 ? -3.643  12.136  -4.137  1.00 18.79 ? 132  GLU A C   1 
ATOM   727  O O   . GLU A 1 132 ? -3.925  11.191  -4.875  1.00 16.85 ? 132  GLU A O   1 
ATOM   728  C CB  . GLU A 1 132 ? -1.442  13.350  -4.461  1.00 21.96 ? 132  GLU A CB  1 
ATOM   729  C CG  . GLU A 1 132 ? -1.802  13.441  -5.929  1.00 22.52 ? 132  GLU A CG  1 
ATOM   730  C CD  . GLU A 1 132 ? -0.912  14.437  -6.667  1.00 22.87 ? 132  GLU A CD  1 
ATOM   731  O OE1 . GLU A 1 132 ? -0.171  15.190  -5.999  1.00 19.86 ? 132  GLU A OE1 1 
ATOM   732  O OE2 . GLU A 1 132 ? -0.940  14.455  -7.914  1.00 23.49 ? 132  GLU A OE2 1 
ATOM   733  N N   . ALA A 1 133 ? -4.540  13.001  -3.680  1.00 19.18 ? 133  ALA A N   1 
ATOM   734  C CA  . ALA A 1 133 ? -5.919  12.992  -4.150  1.00 21.06 ? 133  ALA A CA  1 
ATOM   735  C C   . ALA A 1 133 ? -6.067  14.095  -5.183  1.00 20.42 ? 133  ALA A C   1 
ATOM   736  O O   . ALA A 1 133 ? -5.901  15.278  -4.882  1.00 25.77 ? 133  ALA A O   1 
ATOM   737  C CB  . ALA A 1 133 ? -6.896  13.179  -2.998  1.00 20.66 ? 133  ALA A CB  1 
ATOM   738  N N   . THR A 1 134 ? -6.348  13.693  -6.413  1.00 20.76 ? 134  THR A N   1 
ATOM   739  C CA  . THR A 1 134 ? -6.457  14.629  -7.519  1.00 19.61 ? 134  THR A CA  1 
ATOM   740  C C   . THR A 1 134 ? -7.936  14.850  -7.832  1.00 20.33 ? 134  THR A C   1 
ATOM   741  O O   . THR A 1 134 ? -8.799  14.245  -7.190  1.00 23.11 ? 134  THR A O   1 
ATOM   742  C CB  . THR A 1 134 ? -5.669  14.111  -8.743  1.00 21.29 ? 134  THR A CB  1 
ATOM   743  O OG1 . THR A 1 134 ? -5.819  12.686  -8.846  1.00 21.07 ? 134  THR A OG1 1 
ATOM   744  C CG2 . THR A 1 134 ? -4.181  14.422  -8.579  1.00 19.31 ? 134  THR A CG2 1 
ATOM   745  N N   . ASN A 1 135 ? -8.249  15.722  -8.788  1.00 18.66 ? 135  ASN A N   1 
ATOM   746  C CA  . ASN A 1 135 ? -9.656  15.919  -9.138  1.00 19.15 ? 135  ASN A CA  1 
ATOM   747  C C   . ASN A 1 135 ? -10.168 14.788  -10.024 1.00 18.89 ? 135  ASN A C   1 
ATOM   748  O O   . ASN A 1 135 ? -9.494  13.771  -10.183 1.00 17.24 ? 135  ASN A O   1 
ATOM   749  C CB  . ASN A 1 135 ? -9.923  17.310  -9.737  1.00 17.10 ? 135  ASN A CB  1 
ATOM   750  C CG  . ASN A 1 135 ? -9.341  17.486  -11.126 1.00 18.91 ? 135  ASN A CG  1 
ATOM   751  O OD1 . ASN A 1 135 ? -8.799  16.552  -11.728 1.00 17.70 ? 135  ASN A OD1 1 
ATOM   752  N ND2 . ASN A 1 135 ? -9.457  18.703  -11.650 1.00 21.39 ? 135  ASN A ND2 1 
ATOM   753  N N   . MET A 1 136 ? -11.356 14.945  -10.591 1.00 16.21 ? 136  MET A N   1 
ATOM   754  C CA  . MET A 1 136 ? -11.951 13.843  -11.347 1.00 22.29 ? 136  MET A CA  1 
ATOM   755  C C   . MET A 1 136 ? -11.198 13.540  -12.639 1.00 22.50 ? 136  MET A C   1 
ATOM   756  O O   . MET A 1 136 ? -11.387 12.484  -13.241 1.00 25.72 ? 136  MET A O   1 
ATOM   757  C CB  . MET A 1 136 ? -13.424 14.114  -11.644 1.00 30.55 ? 136  MET A CB  1 
ATOM   758  C CG  . MET A 1 136 ? -13.696 15.515  -12.148 1.00 35.55 ? 136  MET A CG  1 
ATOM   759  S SD  . MET A 1 136 ? -15.434 15.766  -12.570 1.00 70.65 ? 136  MET A SD  1 
ATOM   760  C CE  . MET A 1 136 ? -15.420 17.491  -13.060 1.00 49.25 ? 136  MET A CE  1 
ATOM   761  N N   . HIS A 1 137 ? -10.334 14.459  -13.055 1.00 18.03 ? 137  HIS A N   1 
ATOM   762  C CA  . HIS A 1 137 ? -9.555  14.276  -14.280 1.00 20.57 ? 137  HIS A CA  1 
ATOM   763  C C   . HIS A 1 137 ? -8.166  13.718  -13.986 1.00 22.19 ? 137  HIS A C   1 
ATOM   764  O O   . HIS A 1 137 ? -7.378  13.459  -14.899 1.00 18.47 ? 137  HIS A O   1 
ATOM   765  C CB  . HIS A 1 137 ? -9.441  15.598  -15.040 1.00 19.38 ? 137  HIS A CB  1 
ATOM   766  C CG  . HIS A 1 137 ? -10.749 16.089  -15.578 1.00 22.84 ? 137  HIS A CG  1 
ATOM   767  N ND1 . HIS A 1 137 ? -11.587 16.915  -14.859 1.00 27.59 ? 137  HIS A ND1 1 
ATOM   768  C CD2 . HIS A 1 137 ? -11.380 15.838  -16.751 1.00 25.64 ? 137  HIS A CD2 1 
ATOM   769  C CE1 . HIS A 1 137 ? -12.673 17.163  -15.571 1.00 29.99 ? 137  HIS A CE1 1 
ATOM   770  N NE2 . HIS A 1 137 ? -12.572 16.522  -16.723 1.00 29.70 ? 137  HIS A NE2 1 
ATOM   771  N N   . GLY A 1 138 ? -7.883  13.524  -12.702 1.00 16.20 ? 138  GLY A N   1 
ATOM   772  C CA  . GLY A 1 138 ? -6.554  13.160  -12.262 1.00 17.04 ? 138  GLY A CA  1 
ATOM   773  C C   . GLY A 1 138 ? -5.574  14.321  -12.245 1.00 18.29 ? 138  GLY A C   1 
ATOM   774  O O   . GLY A 1 138 ? -4.362  14.113  -12.344 1.00 18.55 ? 138  GLY A O   1 
ATOM   775  N N   . LEU A 1 139 ? -6.081  15.543  -12.105 1.00 14.89 ? 139  LEU A N   1 
ATOM   776  C CA  . LEU A 1 139 ? -5.210  16.715  -12.100 1.00 16.30 ? 139  LEU A CA  1 
ATOM   777  C C   . LEU A 1 139 ? -5.065  17.290  -10.691 1.00 14.39 ? 139  LEU A C   1 
ATOM   778  O O   . LEU A 1 139 ? -5.992  17.229  -9.892  1.00 14.67 ? 139  LEU A O   1 
ATOM   779  C CB  . LEU A 1 139 ? -5.741  17.790  -13.064 1.00 17.05 ? 139  LEU A CB  1 
ATOM   780  C CG  . LEU A 1 139 ? -5.791  17.471  -14.561 1.00 15.94 ? 139  LEU A CG  1 
ATOM   781  C CD1 . LEU A 1 139 ? -6.713  18.463  -15.284 1.00 13.41 ? 139  LEU A CD1 1 
ATOM   782  C CD2 . LEU A 1 139 ? -4.393  17.489  -15.169 1.00 11.80 ? 139  LEU A CD2 1 
ATOM   783  N N   . ASN A 1 140 ? -3.893  17.835  -10.389 1.00 13.76 ? 140  ASN A N   1 
ATOM   784  C CA  . ASN A 1 140 ? -3.672  18.473  -9.092  1.00 18.68 ? 140  ASN A CA  1 
ATOM   785  C C   . ASN A 1 140 ? -3.770  19.997  -9.156  1.00 17.04 ? 140  ASN A C   1 
ATOM   786  O O   . ASN A 1 140 ? -3.441  20.684  -8.194  1.00 19.78 ? 140  ASN A O   1 
ATOM   787  C CB  . ASN A 1 140 ? -2.346  18.037  -8.465  1.00 15.16 ? 140  ASN A CB  1 
ATOM   788  C CG  . ASN A 1 140 ? -1.190  18.087  -9.446  1.00 16.05 ? 140  ASN A CG  1 
ATOM   789  O OD1 . ASN A 1 140 ? -1.092  18.992  -10.269 1.00 16.94 ? 140  ASN A OD1 1 
ATOM   790  N ND2 . ASN A 1 140 ? -0.308  17.106  -9.361  1.00 18.78 ? 140  ASN A ND2 1 
ATOM   791  N N   . ASN A 1 141 ? -4.208  20.497  -10.307 1.00 14.78 ? 141  ASN A N   1 
ATOM   792  C CA  . ASN A 1 141 ? -4.635  21.879  -10.482 1.00 17.66 ? 141  ASN A CA  1 
ATOM   793  C C   . ASN A 1 141 ? -5.818  21.795  -11.419 1.00 16.56 ? 141  ASN A C   1 
ATOM   794  O O   . ASN A 1 141 ? -5.804  21.004  -12.356 1.00 18.12 ? 141  ASN A O   1 
ATOM   795  C CB  . ASN A 1 141 ? -3.536  22.735  -11.128 1.00 16.52 ? 141  ASN A CB  1 
ATOM   796  C CG  . ASN A 1 141 ? -3.814  24.241  -11.022 1.00 17.80 ? 141  ASN A CG  1 
ATOM   797  O OD1 . ASN A 1 141 ? -4.782  24.764  -11.599 1.00 17.29 ? 141  ASN A OD1 1 
ATOM   798  N ND2 . ASN A 1 141 ? -2.953  24.945  -10.294 1.00 17.84 ? 141  ASN A ND2 1 
ATOM   799  N N   . THR A 1 142 ? -6.842  22.602  -11.185 1.00 16.01 ? 142  THR A N   1 
ATOM   800  C CA  . THR A 1 142 ? -8.038  22.534  -12.013 1.00 15.32 ? 142  THR A CA  1 
ATOM   801  C C   . THR A 1 142 ? -7.716  22.845  -13.473 1.00 17.26 ? 142  THR A C   1 
ATOM   802  O O   . THR A 1 142 ? -8.285  22.253  -14.387 1.00 16.16 ? 142  THR A O   1 
ATOM   803  C CB  . THR A 1 142 ? -9.149  23.459  -11.480 1.00 22.54 ? 142  THR A CB  1 
ATOM   804  O OG1 . THR A 1 142 ? -9.475  23.079  -10.135 1.00 22.11 ? 142  THR A OG1 1 
ATOM   805  C CG2 . THR A 1 142 ? -10.405 23.348  -12.350 1.00 19.37 ? 142  THR A CG2 1 
ATOM   806  N N   . ASP A 1 143 ? -6.784  23.769  -13.679 1.00 16.11 ? 143  ASP A N   1 
ATOM   807  C CA  . ASP A 1 143 ? -6.300  24.103  -15.012 1.00 17.10 ? 143  ASP A CA  1 
ATOM   808  C C   . ASP A 1 143 ? -5.100  23.205  -15.327 1.00 17.10 ? 143  ASP A C   1 
ATOM   809  O O   . ASP A 1 143 ? -4.044  23.341  -14.703 1.00 15.27 ? 143  ASP A O   1 
ATOM   810  C CB  . ASP A 1 143 ? -5.886  25.576  -15.039 1.00 17.29 ? 143  ASP A CB  1 
ATOM   811  C CG  . ASP A 1 143 ? -5.651  26.106  -16.447 1.00 18.79 ? 143  ASP A CG  1 
ATOM   812  O OD1 . ASP A 1 143 ? -5.140  25.352  -17.302 1.00 19.73 ? 143  ASP A OD1 1 
ATOM   813  O OD2 . ASP A 1 143 ? -5.978  27.291  -16.688 1.00 20.32 ? 143  ASP A OD2 1 
ATOM   814  N N   . TRP A 1 144 ? -5.266  22.287  -16.278 1.00 13.82 ? 144  TRP A N   1 
ATOM   815  C CA  . TRP A 1 144 ? -4.225  21.316  -16.578 1.00 13.37 ? 144  TRP A CA  1 
ATOM   816  C C   . TRP A 1 144 ? -2.914  21.984  -16.950 1.00 13.97 ? 144  TRP A C   1 
ATOM   817  O O   . TRP A 1 144 ? -1.855  21.435  -16.682 1.00 14.25 ? 144  TRP A O   1 
ATOM   818  C CB  . TRP A 1 144 ? -4.648  20.339  -17.694 1.00 13.54 ? 144  TRP A CB  1 
ATOM   819  C CG  . TRP A 1 144 ? -4.700  20.945  -19.083 1.00 13.51 ? 144  TRP A CG  1 
ATOM   820  C CD1 . TRP A 1 144 ? -5.795  21.480  -19.700 1.00 14.15 ? 144  TRP A CD1 1 
ATOM   821  C CD2 . TRP A 1 144 ? -3.620  21.056  -20.020 1.00 12.60 ? 144  TRP A CD2 1 
ATOM   822  N NE1 . TRP A 1 144 ? -5.465  21.926  -20.953 1.00 13.18 ? 144  TRP A NE1 1 
ATOM   823  C CE2 . TRP A 1 144 ? -4.136  21.682  -21.175 1.00 14.28 ? 144  TRP A CE2 1 
ATOM   824  C CE3 . TRP A 1 144 ? -2.265  20.693  -19.994 1.00 13.51 ? 144  TRP A CE3 1 
ATOM   825  C CZ2 . TRP A 1 144 ? -3.344  21.958  -22.295 1.00 12.73 ? 144  TRP A CZ2 1 
ATOM   826  C CZ3 . TRP A 1 144 ? -1.479  20.979  -21.102 1.00 14.10 ? 144  TRP A CZ3 1 
ATOM   827  C CH2 . TRP A 1 144 ? -2.023  21.604  -22.240 1.00 12.63 ? 144  TRP A CH2 1 
ATOM   828  N N   . ARG A 1 145 ? -2.996  23.165  -17.564 1.00 14.10 ? 145  ARG A N   1 
ATOM   829  C CA  . ARG A 1 145 ? -1.813  23.903  -18.005 1.00 15.61 ? 145  ARG A CA  1 
ATOM   830  C C   . ARG A 1 145 ? -0.892  24.278  -16.850 1.00 15.45 ? 145  ARG A C   1 
ATOM   831  O O   . ARG A 1 145 ? 0.290   24.562  -17.061 1.00 14.91 ? 145  ARG A O   1 
ATOM   832  C CB  . ARG A 1 145 ? -2.214  25.162  -18.780 1.00 15.22 ? 145  ARG A CB  1 
ATOM   833  C CG  . ARG A 1 145 ? -2.873  24.876  -20.113 1.00 16.72 ? 145  ARG A CG  1 
ATOM   834  C CD  . ARG A 1 145 ? -3.523  26.127  -20.693 1.00 16.97 ? 145  ARG A CD  1 
ATOM   835  N NE  . ARG A 1 145 ? -4.522  26.702  -19.793 1.00 17.88 ? 145  ARG A NE  1 
ATOM   836  C CZ  . ARG A 1 145 ? -5.338  27.695  -20.137 1.00 14.38 ? 145  ARG A CZ  1 
ATOM   837  N NH1 . ARG A 1 145 ? -5.271  28.201  -21.349 1.00 11.51 ? 145  ARG A NH1 1 
ATOM   838  N NH2 . ARG A 1 145 ? -6.214  28.184  -19.272 1.00 15.91 ? 145  ARG A NH2 1 
ATOM   839  N N   . GLU A 1 146 ? -1.421  24.276  -15.629 1.00 13.00 ? 146  GLU A N   1 
ATOM   840  C CA  . GLU A 1 146 ? -0.567  24.520  -14.469 1.00 14.15 ? 146  GLU A CA  1 
ATOM   841  C C   . GLU A 1 146 ? -0.491  23.311  -13.532 1.00 15.31 ? 146  GLU A C   1 
ATOM   842  O O   . GLU A 1 146 ? -0.052  23.421  -12.385 1.00 14.71 ? 146  GLU A O   1 
ATOM   843  C CB  . GLU A 1 146 ? -0.990  25.802  -13.746 1.00 12.78 ? 146  GLU A CB  1 
ATOM   844  C CG  . GLU A 1 146 ? -0.959  27.000  -14.696 1.00 18.37 ? 146  GLU A CG  1 
ATOM   845  C CD  . GLU A 1 146 ? -1.129  28.338  -14.003 1.00 22.82 ? 146  GLU A CD  1 
ATOM   846  O OE1 . GLU A 1 146 ? -2.069  28.479  -13.199 1.00 28.89 ? 146  GLU A OE1 1 
ATOM   847  O OE2 . GLU A 1 146 ? -0.327  29.255  -14.272 1.00 18.83 ? 146  GLU A OE2 1 
ATOM   848  N N   . ALA A 1 147 ? -0.905  22.152  -14.033 1.00 11.90 ? 147  ALA A N   1 
ATOM   849  C CA  . ALA A 1 147 ? -0.809  20.929  -13.259 1.00 13.24 ? 147  ALA A CA  1 
ATOM   850  C C   . ALA A 1 147 ? 0.532   20.258  -13.526 1.00 15.15 ? 147  ALA A C   1 
ATOM   851  O O   . ALA A 1 147 ? 1.215   20.577  -14.502 1.00 14.98 ? 147  ALA A O   1 
ATOM   852  C CB  . ALA A 1 147 ? -1.980  19.981  -13.577 1.00 12.88 ? 147  ALA A CB  1 
ATOM   853  N N   . ARG A 1 148 ? 0.912   19.341  -12.643 1.00 15.88 ? 148  ARG A N   1 
ATOM   854  C CA  . ARG A 1 148 ? 2.199   18.662  -12.723 1.00 16.16 ? 148  ARG A CA  1 
ATOM   855  C C   . ARG A 1 148 ? 2.036   17.204  -12.341 1.00 16.27 ? 148  ARG A C   1 
ATOM   856  O O   . ARG A 1 148 ? 0.986   16.804  -11.841 1.00 17.20 ? 148  ARG A O   1 
ATOM   857  C CB  . ARG A 1 148 ? 3.214   19.323  -11.781 1.00 19.45 ? 148  ARG A CB  1 
ATOM   858  C CG  . ARG A 1 148 ? 4.012   20.462  -12.414 1.00 22.59 ? 148  ARG A CG  1 
ATOM   859  C CD  . ARG A 1 148 ? 3.330   21.819  -12.262 1.00 20.24 ? 148  ARG A CD  1 
ATOM   860  N NE  . ARG A 1 148 ? 4.153   22.853  -12.884 1.00 20.35 ? 148  ARG A NE  1 
ATOM   861  C CZ  . ARG A 1 148 ? 3.988   23.310  -14.122 1.00 18.70 ? 148  ARG A CZ  1 
ATOM   862  N NH1 . ARG A 1 148 ? 3.001   22.849  -14.885 1.00 15.47 ? 148  ARG A NH1 1 
ATOM   863  N NH2 . ARG A 1 148 ? 4.818   24.233  -14.596 1.00 16.63 ? 148  ARG A NH2 1 
ATOM   864  N N   . ALA A 1 149 ? 3.080   16.414  -12.560 1.00 17.32 ? 149  ALA A N   1 
ATOM   865  C CA  . ALA A 1 149 ? 3.047   14.998  -12.213 1.00 15.42 ? 149  ALA A CA  1 
ATOM   866  C C   . ALA A 1 149 ? 2.618   14.799  -10.761 1.00 18.37 ? 149  ALA A C   1 
ATOM   867  O O   . ALA A 1 149 ? 1.864   13.882  -10.443 1.00 17.53 ? 149  ALA A O   1 
ATOM   868  C CB  . ALA A 1 149 ? 4.410   14.352  -12.471 1.00 17.97 ? 149  ALA A CB  1 
ATOM   869  N N   . TRP A 1 150 ? 3.106   15.658  -9.879  1.00 17.24 ? 150  TRP A N   1 
ATOM   870  C CA  . TRP A 1 150 ? 2.675   15.635  -8.487  1.00 18.75 ? 150  TRP A CA  1 
ATOM   871  C C   . TRP A 1 150 ? 2.440   17.053  -7.985  1.00 19.96 ? 150  TRP A C   1 
ATOM   872  O O   . TRP A 1 150 ? 3.076   17.999  -8.456  1.00 19.83 ? 150  TRP A O   1 
ATOM   873  C CB  . TRP A 1 150 ? 3.701   14.898  -7.622  1.00 20.10 ? 150  TRP A CB  1 
ATOM   874  C CG  . TRP A 1 150 ? 3.938   13.496  -8.105  1.00 19.04 ? 150  TRP A CG  1 
ATOM   875  C CD1 . TRP A 1 150 ? 4.921   13.077  -8.951  1.00 18.21 ? 150  TRP A CD1 1 
ATOM   876  C CD2 . TRP A 1 150 ? 3.152   12.337  -7.797  1.00 15.91 ? 150  TRP A CD2 1 
ATOM   877  N NE1 . TRP A 1 150 ? 4.805   11.725  -9.180  1.00 16.90 ? 150  TRP A NE1 1 
ATOM   878  C CE2 . TRP A 1 150 ? 3.725   11.249  -8.485  1.00 16.47 ? 150  TRP A CE2 1 
ATOM   879  C CE3 . TRP A 1 150 ? 2.022   12.115  -7.003  1.00 19.17 ? 150  TRP A CE3 1 
ATOM   880  C CZ2 . TRP A 1 150 ? 3.213   9.955   -8.396  1.00 17.04 ? 150  TRP A CZ2 1 
ATOM   881  C CZ3 . TRP A 1 150 ? 1.508   10.821  -6.921  1.00 17.61 ? 150  TRP A CZ3 1 
ATOM   882  C CH2 . TRP A 1 150 ? 2.104   9.763   -7.613  1.00 17.26 ? 150  TRP A CH2 1 
ATOM   883  N N   . GLY A 1 151 ? 1.512   17.198  -7.044  1.00 20.94 ? 151  GLY A N   1 
ATOM   884  C CA  . GLY A 1 151 ? 1.179   18.499  -6.493  1.00 23.71 ? 151  GLY A CA  1 
ATOM   885  C C   . GLY A 1 151 ? 2.186   18.951  -5.452  1.00 21.76 ? 151  GLY A C   1 
ATOM   886  O O   . GLY A 1 151 ? 2.999   18.161  -4.994  1.00 21.40 ? 151  GLY A O   1 
ATOM   887  N N   . PRO A 1 152 ? 2.134   20.234  -5.071  1.00 24.11 ? 152  PRO A N   1 
ATOM   888  C CA  . PRO A 1 152 ? 3.067   20.797  -4.084  1.00 25.59 ? 152  PRO A CA  1 
ATOM   889  C C   . PRO A 1 152 ? 2.847   20.278  -2.660  1.00 26.34 ? 152  PRO A C   1 
ATOM   890  O O   . PRO A 1 152 ? 3.738   20.443  -1.825  1.00 28.24 ? 152  PRO A O   1 
ATOM   891  C CB  . PRO A 1 152 ? 2.781   22.302  -4.154  1.00 25.39 ? 152  PRO A CB  1 
ATOM   892  C CG  . PRO A 1 152 ? 1.367   22.391  -4.639  1.00 27.16 ? 152  PRO A CG  1 
ATOM   893  C CD  . PRO A 1 152 ? 1.192   21.241  -5.589  1.00 28.02 ? 152  PRO A CD  1 
ATOM   894  N N   . HIS A 1 153 ? 1.698   19.657  -2.408  1.00 23.15 ? 153  HIS A N   1 
ATOM   895  C CA  . HIS A 1 153 ? 1.351   19.134  -1.093  1.00 24.61 ? 153  HIS A CA  1 
ATOM   896  C C   . HIS A 1 153 ? 1.209   17.630  -1.011  1.00 25.04 ? 153  HIS A C   1 
ATOM   897  O O   . HIS A 1 153 ? 0.490   17.111  -0.135  1.00 24.04 ? 153  HIS A O   1 
ATOM   898  C CB  . HIS A 1 153 ? 0.111   19.835  -0.554  1.00 22.26 ? 153  HIS A CB  1 
ATOM   899  C CG  . HIS A 1 153 ? 0.245   21.337  -0.497  1.00 27.37 ? 153  HIS A CG  1 
ATOM   900  N ND1 . HIS A 1 153 ? -0.463  22.157  -1.291  1.00 28.71 ? 153  HIS A ND1 1 
ATOM   901  C CD2 . HIS A 1 153 ? 1.055   22.153  0.287   1.00 27.98 ? 153  HIS A CD2 1 
ATOM   902  C CE1 . HIS A 1 153 ? -0.131  23.434  -1.025  1.00 28.19 ? 153  HIS A CE1 1 
ATOM   903  N NE2 . HIS A 1 153 ? 0.798   23.429  -0.060  1.00 29.18 ? 153  HIS A NE2 1 
ATOM   904  N N   . VAL A 1 154 ? 1.842   16.909  -1.931  1.00 20.84 ? 154  VAL A N   1 
ATOM   905  C CA  . VAL A 1 154 ? 1.720   15.454  -2.003  1.00 18.33 ? 154  VAL A CA  1 
ATOM   906  C C   . VAL A 1 154 ? 1.931   14.797  -0.629  1.00 17.30 ? 154  VAL A C   1 
ATOM   907  O O   . VAL A 1 154 ? 2.685   15.305  0.201   1.00 17.94 ? 154  VAL A O   1 
ATOM   908  C CB  . VAL A 1 154 ? 2.716   14.882  -3.041  1.00 21.14 ? 154  VAL A CB  1 
ATOM   909  C CG1 . VAL A 1 154 ? 4.140   15.312  -2.703  1.00 22.49 ? 154  VAL A CG1 1 
ATOM   910  C CG2 . VAL A 1 154 ? 2.608   13.359  -3.132  1.00 14.27 ? 154  VAL A CG2 1 
ATOM   911  N N   . ILE A 1 155 ? 1.250   13.681  -0.386  1.00 15.63 ? 155  ILE A N   1 
ATOM   912  C CA  . ILE A 1 155 ? 1.342   12.959  0.883   1.00 14.98 ? 155  ILE A CA  1 
ATOM   913  C C   . ILE A 1 155 ? 2.532   12.014  0.893   1.00 18.03 ? 155  ILE A C   1 
ATOM   914  O O   . ILE A 1 155 ? 2.602   11.071  0.102   1.00 15.90 ? 155  ILE A O   1 
ATOM   915  C CB  . ILE A 1 155 ? 0.075   12.133  1.144   1.00 17.05 ? 155  ILE A CB  1 
ATOM   916  C CG1 . ILE A 1 155 ? -1.143  13.049  1.206   1.00 19.99 ? 155  ILE A CG1 1 
ATOM   917  C CG2 . ILE A 1 155 ? 0.195   11.330  2.438   1.00 16.49 ? 155  ILE A CG2 1 
ATOM   918  C CD1 . ILE A 1 155 ? -2.447  12.298  1.175   1.00 18.56 ? 155  ILE A CD1 1 
ATOM   919  N N   . CYS A 1 156 ? 3.464   12.272  1.801   1.00 18.42 ? 156  CYS A N   1 
ATOM   920  C CA  . CYS A 1 156 ? 4.719   11.541  1.865   1.00 20.41 ? 156  CYS A CA  1 
ATOM   921  C C   . CYS A 1 156 ? 5.370   11.822  3.212   1.00 22.01 ? 156  CYS A C   1 
ATOM   922  O O   . CYS A 1 156 ? 4.740   12.409  4.091   1.00 18.30 ? 156  CYS A O   1 
ATOM   923  C CB  . CYS A 1 156 ? 5.648   11.986  0.731   1.00 18.80 ? 156  CYS A CB  1 
ATOM   924  S SG  . CYS A 1 156 ? 5.917   13.778  0.654   1.00 17.83 ? 156  CYS A SG  1 
ATOM   925  N N   . GLY A 1 157 ? 6.628   11.408  3.368   1.00 23.25 ? 157  GLY A N   1 
ATOM   926  C CA  . GLY A 1 157 ? 7.354   11.625  4.609   1.00 20.95 ? 157  GLY A CA  1 
ATOM   927  C C   . GLY A 1 157 ? 6.641   11.007  5.798   1.00 19.15 ? 157  GLY A C   1 
ATOM   928  O O   . GLY A 1 157 ? 6.095   9.914   5.692   1.00 17.75 ? 157  GLY A O   1 
ATOM   929  N N   . ASN A 1 158 ? 6.633   11.710  6.929   1.00 18.34 ? 158  ASN A N   1 
ATOM   930  C CA  . ASN A 1 158 ? 6.044   11.174  8.158   1.00 19.66 ? 158  ASN A CA  1 
ATOM   931  C C   . ASN A 1 158 ? 4.515   11.110  8.170   1.00 19.58 ? 158  ASN A C   1 
ATOM   932  O O   . ASN A 1 158 ? 3.920   10.720  9.176   1.00 16.95 ? 158  ASN A O   1 
ATOM   933  C CB  . ASN A 1 158 ? 6.562   11.927  9.385   1.00 19.27 ? 158  ASN A CB  1 
ATOM   934  C CG  . ASN A 1 158 ? 8.010   11.589  9.704   1.00 18.32 ? 158  ASN A CG  1 
ATOM   935  O OD1 . ASN A 1 158 ? 8.634   10.790  9.010   1.00 18.17 ? 158  ASN A OD1 1 
ATOM   936  N ND2 . ASN A 1 158 ? 8.551   12.208  10.741  1.00 16.00 ? 158  ASN A ND2 1 
ATOM   937  N N   . GLN A 1 159 ? 3.886   11.497  7.059   1.00 17.81 ? 159  GLN A N   1 
ATOM   938  C CA  . GLN A 1 159 ? 2.445   11.317  6.906   1.00 17.71 ? 159  GLN A CA  1 
ATOM   939  C C   . GLN A 1 159 ? 2.138   9.838   6.763   1.00 15.82 ? 159  GLN A C   1 
ATOM   940  O O   . GLN A 1 159 ? 1.038   9.393   7.080   1.00 17.24 ? 159  GLN A O   1 
ATOM   941  C CB  . GLN A 1 159 ? 1.917   12.090  5.699   1.00 17.55 ? 159  GLN A CB  1 
ATOM   942  C CG  . GLN A 1 159 ? 1.959   13.591  5.888   1.00 17.62 ? 159  GLN A CG  1 
ATOM   943  C CD  . GLN A 1 159 ? 1.365   14.335  4.715   1.00 16.57 ? 159  GLN A CD  1 
ATOM   944  O OE1 . GLN A 1 159 ? 2.073   14.684  3.769   1.00 15.33 ? 159  GLN A OE1 1 
ATOM   945  N NE2 . GLN A 1 159 ? 0.053   14.584  4.768   1.00 12.54 ? 159  GLN A NE2 1 
ATOM   946  N N   . LEU A 1 160 ? 3.123   9.077   6.299   1.00 17.56 ? 160  LEU A N   1 
ATOM   947  C CA  . LEU A 1 160 ? 3.001   7.624   6.242   1.00 16.87 ? 160  LEU A CA  1 
ATOM   948  C C   . LEU A 1 160 ? 3.368   7.031   7.596   1.00 16.63 ? 160  LEU A C   1 
ATOM   949  O O   . LEU A 1 160 ? 4.518   7.120   8.021   1.00 21.17 ? 160  LEU A O   1 
ATOM   950  C CB  . LEU A 1 160 ? 3.912   7.047   5.158   1.00 18.54 ? 160  LEU A CB  1 
ATOM   951  C CG  . LEU A 1 160 ? 3.876   7.729   3.787   1.00 23.90 ? 160  LEU A CG  1 
ATOM   952  C CD1 . LEU A 1 160 ? 4.700   6.940   2.772   1.00 20.27 ? 160  LEU A CD1 1 
ATOM   953  C CD2 . LEU A 1 160 ? 2.450   7.884   3.311   1.00 16.86 ? 160  LEU A CD2 1 
ATOM   954  N N   . ARG A 1 161 ? 2.392   6.436   8.277   1.00 15.55 ? 161  ARG A N   1 
ATOM   955  C CA  . ARG A 1 161 ? 2.602   5.926   9.630   1.00 17.72 ? 161  ARG A CA  1 
ATOM   956  C C   . ARG A 1 161 ? 3.321   4.570   9.616   1.00 22.41 ? 161  ARG A C   1 
ATOM   957  O O   . ARG A 1 161 ? 2.919   3.662   8.892   1.00 16.62 ? 161  ARG A O   1 
ATOM   958  C CB  . ARG A 1 161 ? 1.261   5.784   10.358  1.00 17.21 ? 161  ARG A CB  1 
ATOM   959  C CG  . ARG A 1 161 ? 0.333   6.997   10.229  1.00 19.60 ? 161  ARG A CG  1 
ATOM   960  C CD  . ARG A 1 161 ? -1.026  6.723   10.886  1.00 23.06 ? 161  ARG A CD  1 
ATOM   961  N NE  . ARG A 1 161 ? -0.875  6.158   12.227  1.00 30.58 ? 161  ARG A NE  1 
ATOM   962  C CZ  . ARG A 1 161 ? -1.882  5.745   12.990  1.00 33.26 ? 161  ARG A CZ  1 
ATOM   963  N NH1 . ARG A 1 161 ? -3.132  5.832   12.552  1.00 26.92 ? 161  ARG A NH1 1 
ATOM   964  N NH2 . ARG A 1 161 ? -1.638  5.240   14.195  1.00 31.11 ? 161  ARG A NH2 1 
ATOM   965  N N   . LYS A 1 162 ? 4.377   4.445   10.419  1.00 20.55 ? 162  LYS A N   1 
ATOM   966  C CA  . LYS A 1 162 ? 5.113   3.182   10.559  1.00 22.49 ? 162  LYS A CA  1 
ATOM   967  C C   . LYS A 1 162 ? 4.246   2.082   11.150  1.00 21.05 ? 162  LYS A C   1 
ATOM   968  O O   . LYS A 1 162 ? 3.713   2.229   12.242  1.00 21.45 ? 162  LYS A O   1 
ATOM   969  C CB  . LYS A 1 162 ? 6.345   3.367   11.453  1.00 22.80 ? 162  LYS A CB  1 
ATOM   970  C CG  . LYS A 1 162 ? 7.532   4.011   10.759  1.00 27.14 ? 162  LYS A CG  1 
ATOM   971  C CD  . LYS A 1 162 ? 8.763   3.998   11.654  1.00 37.77 ? 162  LYS A CD  1 
ATOM   972  C CE  . LYS A 1 162 ? 9.113   2.583   12.113  1.00 31.36 ? 162  LYS A CE  1 
ATOM   973  N NZ  . LYS A 1 162 ? 9.917   1.819   11.115  1.00 34.14 ? 162  LYS A NZ  1 
ATOM   974  N N   . ALA A 1 163 ? 4.121   0.972   10.429  1.00 19.98 ? 163  ALA A N   1 
ATOM   975  C CA  . ALA A 1 163 ? 3.361   -0.182  10.906  1.00 20.65 ? 163  ALA A CA  1 
ATOM   976  C C   . ALA A 1 163 ? 4.277   -1.394  10.986  1.00 24.41 ? 163  ALA A C   1 
ATOM   977  O O   . ALA A 1 163 ? 3.856   -2.523  10.763  1.00 32.07 ? 163  ALA A O   1 
ATOM   978  C CB  . ALA A 1 163 ? 2.176   -0.467  9.982   1.00 21.10 ? 163  ALA A CB  1 
ATOM   979  N N   . GLY A 1 164 ? 5.541   -1.143  11.301  1.00 20.46 ? 164  GLY A N   1 
ATOM   980  C CA  . GLY A 1 164 ? 6.547   -2.183  11.327  1.00 26.85 ? 164  GLY A CA  1 
ATOM   981  C C   . GLY A 1 164 ? 7.649   -1.783  10.378  1.00 24.33 ? 164  GLY A C   1 
ATOM   982  O O   . GLY A 1 164 ? 7.521   -0.790  9.667   1.00 20.63 ? 164  GLY A O   1 
ATOM   983  N N   . HIS A 1 165 ? 8.726   -2.549  10.352  1.00 22.93 ? 165  HIS A N   1 
ATOM   984  C CA  . HIS A 1 165 ? 9.839   -2.245  9.466   1.00 24.11 ? 165  HIS A CA  1 
ATOM   985  C C   . HIS A 1 165 ? 9.469   -2.416  7.990   1.00 19.21 ? 165  HIS A C   1 
ATOM   986  O O   . HIS A 1 165 ? 10.001  -1.725  7.133   1.00 20.49 ? 165  HIS A O   1 
ATOM   987  C CB  . HIS A 1 165 ? 11.048  -3.118  9.820   1.00 27.13 ? 165  HIS A CB  1 
ATOM   988  C CG  . HIS A 1 165 ? 11.672  -2.776  11.138  1.00 41.30 ? 165  HIS A CG  1 
ATOM   989  N ND1 . HIS A 1 165 ? 11.535  -3.570  12.257  1.00 43.23 ? 165  HIS A ND1 1 
ATOM   990  C CD2 . HIS A 1 165 ? 12.429  -1.718  11.518  1.00 40.50 ? 165  HIS A CD2 1 
ATOM   991  C CE1 . HIS A 1 165 ? 12.183  -3.018  13.268  1.00 40.18 ? 165  HIS A CE1 1 
ATOM   992  N NE2 . HIS A 1 165 ? 12.734  -1.894  12.846  1.00 45.36 ? 165  HIS A NE2 1 
ATOM   993  N N   . LEU A 1 166 ? 8.566   -3.345  7.693   1.00 16.71 ? 166  LEU A N   1 
ATOM   994  C CA  . LEU A 1 166 ? 8.202   -3.630  6.311   1.00 16.84 ? 166  LEU A CA  1 
ATOM   995  C C   . LEU A 1 166 ? 7.028   -2.795  5.789   1.00 19.67 ? 166  LEU A C   1 
ATOM   996  O O   . LEU A 1 166 ? 6.773   -2.775  4.582   1.00 20.47 ? 166  LEU A O   1 
ATOM   997  C CB  . LEU A 1 166 ? 7.896   -5.123  6.133   1.00 20.25 ? 166  LEU A CB  1 
ATOM   998  C CG  . LEU A 1 166 ? 9.095   -6.072  6.010   1.00 24.79 ? 166  LEU A CG  1 
ATOM   999  C CD1 . LEU A 1 166 ? 8.666   -7.536  6.116   1.00 18.09 ? 166  LEU A CD1 1 
ATOM   1000 C CD2 . LEU A 1 166 ? 9.817   -5.827  4.696   1.00 22.73 ? 166  LEU A CD2 1 
ATOM   1001 N N   . SER A 1 167 ? 6.319   -2.106  6.682   1.00 18.94 ? 167  SER A N   1 
ATOM   1002 C CA  . SER A 1 167 ? 5.029   -1.516  6.318   1.00 19.25 ? 167  SER A CA  1 
ATOM   1003 C C   . SER A 1 167 ? 4.839   -0.092  6.802   1.00 18.76 ? 167  SER A C   1 
ATOM   1004 O O   . SER A 1 167 ? 5.292   0.277   7.885   1.00 17.71 ? 167  SER A O   1 
ATOM   1005 C CB  . SER A 1 167 ? 3.875   -2.355  6.869   1.00 18.18 ? 167  SER A CB  1 
ATOM   1006 O OG  . SER A 1 167 ? 3.976   -3.699  6.469   1.00 22.64 ? 167  SER A OG  1 
ATOM   1007 N N   . ARG A 1 168 ? 4.145   0.686   5.978   1.00 15.07 ? 168  ARG A N   1 
ATOM   1008 C CA  . ARG A 1 168 ? 3.686   2.026   6.311   1.00 16.59 ? 168  ARG A CA  1 
ATOM   1009 C C   . ARG A 1 168 ? 2.228   2.092   5.875   1.00 15.54 ? 168  ARG A C   1 
ATOM   1010 O O   . ARG A 1 168 ? 1.825   1.410   4.935   1.00 13.38 ? 168  ARG A O   1 
ATOM   1011 C CB  . ARG A 1 168 ? 4.471   3.081   5.523   1.00 16.37 ? 168  ARG A CB  1 
ATOM   1012 C CG  . ARG A 1 168 ? 5.536   3.839   6.288   1.00 21.61 ? 168  ARG A CG  1 
ATOM   1013 C CD  . ARG A 1 168 ? 6.559   2.895   6.839   1.00 25.40 ? 168  ARG A CD  1 
ATOM   1014 N NE  . ARG A 1 168 ? 7.856   3.528   7.050   1.00 21.25 ? 168  ARG A NE  1 
ATOM   1015 C CZ  . ARG A 1 168 ? 8.935   2.851   7.424   1.00 29.51 ? 168  ARG A CZ  1 
ATOM   1016 N NH1 . ARG A 1 168 ? 8.841   1.539   7.624   1.00 27.75 ? 168  ARG A NH1 1 
ATOM   1017 N NH2 . ARG A 1 168 ? 10.100  3.471   7.599   1.00 26.90 ? 168  ARG A NH2 1 
ATOM   1018 N N   . ALA A 1 169 ? 1.433   2.913   6.544   1.00 14.76 ? 169  ALA A N   1 
ATOM   1019 C CA  . ALA A 1 169 ? 0.047   3.073   6.137   1.00 12.22 ? 169  ALA A CA  1 
ATOM   1020 C C   . ALA A 1 169 ? -0.403  4.501   6.385   1.00 15.10 ? 169  ALA A C   1 
ATOM   1021 O O   . ALA A 1 169 ? 0.056   5.157   7.318   1.00 14.87 ? 169  ALA A O   1 
ATOM   1022 C CB  . ALA A 1 169 ? -0.857  2.073   6.863   1.00 13.71 ? 169  ALA A CB  1 
ATOM   1023 N N   . VAL A 1 170 ? -1.284  4.986   5.525   1.00 11.93 ? 170  VAL A N   1 
ATOM   1024 C CA  . VAL A 1 170 ? -1.790  6.339   5.651   1.00 10.26 ? 170  VAL A CA  1 
ATOM   1025 C C   . VAL A 1 170 ? -3.270  6.345   5.330   1.00 12.50 ? 170  VAL A C   1 
ATOM   1026 O O   . VAL A 1 170 ? -3.720  5.639   4.423   1.00 12.01 ? 170  VAL A O   1 
ATOM   1027 C CB  . VAL A 1 170 ? -1.034  7.340   4.718   1.00 11.08 ? 170  VAL A CB  1 
ATOM   1028 C CG1 . VAL A 1 170 ? -1.285  7.026   3.235   1.00 9.55  ? 170  VAL A CG1 1 
ATOM   1029 C CG2 . VAL A 1 170 ? -1.411  8.775   5.045   1.00 10.00 ? 170  VAL A CG2 1 
ATOM   1030 N N   . TYR A 1 171 ? -4.022  7.129   6.098   1.00 14.96 ? 171  TYR A N   1 
ATOM   1031 C CA  . TYR A 1 171 ? -5.431  7.371   5.819   1.00 13.37 ? 171  TYR A CA  1 
ATOM   1032 C C   . TYR A 1 171 ? -5.596  8.699   5.083   1.00 14.70 ? 171  TYR A C   1 
ATOM   1033 O O   . TYR A 1 171 ? -5.046  9.731   5.491   1.00 12.93 ? 171  TYR A O   1 
ATOM   1034 C CB  . TYR A 1 171 ? -6.265  7.370   7.110   1.00 13.30 ? 171  TYR A CB  1 
ATOM   1035 C CG  . TYR A 1 171 ? -7.725  7.681   6.858   1.00 16.70 ? 171  TYR A CG  1 
ATOM   1036 C CD1 . TYR A 1 171 ? -8.551  6.758   6.234   1.00 15.05 ? 171  TYR A CD1 1 
ATOM   1037 C CD2 . TYR A 1 171 ? -8.269  8.903   7.218   1.00 17.01 ? 171  TYR A CD2 1 
ATOM   1038 C CE1 . TYR A 1 171 ? -9.881  7.035   5.991   1.00 17.38 ? 171  TYR A CE1 1 
ATOM   1039 C CE2 . TYR A 1 171 ? -9.604  9.190   6.975   1.00 20.28 ? 171  TYR A CE2 1 
ATOM   1040 C CZ  . TYR A 1 171 ? -10.401 8.253   6.362   1.00 19.03 ? 171  TYR A CZ  1 
ATOM   1041 O OH  . TYR A 1 171 ? -11.731 8.527   6.116   1.00 29.28 ? 171  TYR A OH  1 
ATOM   1042 N N   . VAL A 1 172 ? -6.353  8.666   3.991   1.00 14.88 ? 172  VAL A N   1 
ATOM   1043 C CA  . VAL A 1 172 ? -6.582  9.852   3.188   1.00 14.03 ? 172  VAL A CA  1 
ATOM   1044 C C   . VAL A 1 172 ? -8.077  10.096  2.992   1.00 12.79 ? 172  VAL A C   1 
ATOM   1045 O O   . VAL A 1 172 ? -8.734  9.335   2.299   1.00 13.46 ? 172  VAL A O   1 
ATOM   1046 C CB  . VAL A 1 172 ? -5.911  9.720   1.809   1.00 14.78 ? 172  VAL A CB  1 
ATOM   1047 C CG1 . VAL A 1 172 ? -6.128  11.012  0.986   1.00 13.33 ? 172  VAL A CG1 1 
ATOM   1048 C CG2 . VAL A 1 172 ? -4.422  9.407   1.975   1.00 15.56 ? 172  VAL A CG2 1 
ATOM   1049 N N   . PRO A 1 173 ? -8.622  11.150  3.622   1.00 18.06 ? 173  PRO A N   1 
ATOM   1050 C CA  . PRO A 1 173 ? -10.049 11.442  3.415   1.00 17.15 ? 173  PRO A CA  1 
ATOM   1051 C C   . PRO A 1 173 ? -10.322 11.908  1.982   1.00 18.14 ? 173  PRO A C   1 
ATOM   1052 O O   . PRO A 1 173 ? -9.479  12.568  1.384   1.00 14.31 ? 173  PRO A O   1 
ATOM   1053 C CB  . PRO A 1 173 ? -10.337 12.560  4.424   1.00 18.39 ? 173  PRO A CB  1 
ATOM   1054 C CG  . PRO A 1 173 ? -9.017  13.114  4.812   1.00 18.48 ? 173  PRO A CG  1 
ATOM   1055 C CD  . PRO A 1 173 ? -8.006  12.024  4.638   1.00 15.88 ? 173  PRO A CD  1 
ATOM   1056 N N   . LEU A 1 174 ? -11.481 11.547  1.442   1.00 19.35 ? 174  LEU A N   1 
ATOM   1057 C CA  . LEU A 1 174 ? -11.832 11.897  0.072   1.00 20.90 ? 174  LEU A CA  1 
ATOM   1058 C C   . LEU A 1 174 ? -13.165 12.635  0.023   1.00 24.62 ? 174  LEU A C   1 
ATOM   1059 O O   . LEU A 1 174 ? -14.060 12.365  0.816   1.00 21.31 ? 174  LEU A O   1 
ATOM   1060 C CB  . LEU A 1 174 ? -11.909 10.643  -0.807  1.00 16.49 ? 174  LEU A CB  1 
ATOM   1061 C CG  . LEU A 1 174 ? -10.638 9.822   -1.005  1.00 21.68 ? 174  LEU A CG  1 
ATOM   1062 C CD1 . LEU A 1 174 ? -10.969 8.510   -1.700  1.00 20.59 ? 174  LEU A CD1 1 
ATOM   1063 C CD2 . LEU A 1 174 ? -9.595  10.602  -1.784  1.00 17.91 ? 174  LEU A CD2 1 
ATOM   1064 N N   . ASP A 1 175 ? -13.284 13.578  -0.909  1.00 32.38 ? 175  ASP A N   1 
ATOM   1065 C CA  . ASP A 1 175 ? -14.573 14.191  -1.211  1.00 34.88 ? 175  ASP A CA  1 
ATOM   1066 C C   . ASP A 1 175 ? -15.038 13.696  -2.583  1.00 36.69 ? 175  ASP A C   1 
ATOM   1067 O O   . ASP A 1 175 ? -14.227 13.222  -3.381  1.00 31.84 ? 175  ASP A O   1 
ATOM   1068 C CB  . ASP A 1 175 ? -14.498 15.720  -1.159  1.00 31.28 ? 175  ASP A CB  1 
ATOM   1069 C CG  . ASP A 1 175 ? -13.859 16.319  -2.396  1.00 42.96 ? 175  ASP A CG  1 
ATOM   1070 O OD1 . ASP A 1 175 ? -14.170 15.856  -3.517  1.00 43.09 ? 175  ASP A OD1 1 
ATOM   1071 O OD2 . ASP A 1 175 ? -13.049 17.263  -2.249  1.00 47.70 ? 175  ASP A OD2 1 
ATOM   1072 N N   . GLU A 1 176 ? -16.335 13.822  -2.853  1.00 33.83 ? 176  GLU A N   1 
ATOM   1073 C CA  . GLU A 1 176 ? -16.960 13.147  -3.990  1.00 37.82 ? 176  GLU A CA  1 
ATOM   1074 C C   . GLU A 1 176 ? -16.233 13.364  -5.319  1.00 36.44 ? 176  GLU A C   1 
ATOM   1075 O O   . GLU A 1 176 ? -16.362 12.559  -6.235  1.00 43.31 ? 176  GLU A O   1 
ATOM   1076 C CB  . GLU A 1 176 ? -18.444 13.537  -4.107  1.00 41.69 ? 176  GLU A CB  1 
ATOM   1077 C CG  . GLU A 1 176 ? -19.280 12.626  -5.007  1.00 46.22 ? 176  GLU A CG  1 
ATOM   1078 C CD  . GLU A 1 176 ? -19.146 12.954  -6.494  1.00 60.73 ? 176  GLU A CD  1 
ATOM   1079 O OE1 . GLU A 1 176 ? -18.830 14.121  -6.830  1.00 58.76 ? 176  GLU A OE1 1 
ATOM   1080 O OE2 . GLU A 1 176 ? -19.356 12.041  -7.326  1.00 56.71 ? 176  GLU A OE2 1 
ATOM   1081 N N   . HIS A 1 177 ? -15.456 14.434  -5.424  1.00 33.22 ? 177  HIS A N   1 
ATOM   1082 C CA  . HIS A 1 177 ? -14.778 14.723  -6.683  1.00 38.10 ? 177  HIS A CA  1 
ATOM   1083 C C   . HIS A 1 177 ? -13.315 14.251  -6.747  1.00 37.41 ? 177  HIS A C   1 
ATOM   1084 O O   . HIS A 1 177 ? -12.549 14.726  -7.588  1.00 35.52 ? 177  HIS A O   1 
ATOM   1085 C CB  . HIS A 1 177 ? -14.882 16.221  -7.014  1.00 39.70 ? 177  HIS A CB  1 
ATOM   1086 C CG  . HIS A 1 177 ? -13.587 16.969  -6.892  1.00 42.59 ? 177  HIS A CG  1 
ATOM   1087 N ND1 . HIS A 1 177 ? -12.942 17.155  -5.686  1.00 44.32 ? 177  HIS A ND1 1 
ATOM   1088 C CD2 . HIS A 1 177 ? -12.827 17.592  -7.824  1.00 41.92 ? 177  HIS A CD2 1 
ATOM   1089 C CE1 . HIS A 1 177 ? -11.838 17.855  -5.882  1.00 42.30 ? 177  HIS A CE1 1 
ATOM   1090 N NE2 . HIS A 1 177 ? -11.744 18.134  -7.170  1.00 44.00 ? 177  HIS A NE2 1 
ATOM   1091 N N   . ASN A 1 178 ? -12.922 13.312  -5.888  1.00 29.00 ? 178  ASN A N   1 
ATOM   1092 C CA  . ASN A 1 178 ? -11.511 12.920  -5.845  1.00 29.09 ? 178  ASN A CA  1 
ATOM   1093 C C   . ASN A 1 178 ? -11.167 11.650  -6.608  1.00 22.91 ? 178  ASN A C   1 
ATOM   1094 O O   . ASN A 1 178 ? -11.965 10.732  -6.703  1.00 23.20 ? 178  ASN A O   1 
ATOM   1095 C CB  . ASN A 1 178 ? -11.000 12.799  -4.407  1.00 27.46 ? 178  ASN A CB  1 
ATOM   1096 C CG  . ASN A 1 178 ? -10.711 14.138  -3.775  1.00 26.97 ? 178  ASN A CG  1 
ATOM   1097 O OD1 . ASN A 1 178 ? -10.940 14.330  -2.585  1.00 29.82 ? 178  ASN A OD1 1 
ATOM   1098 N ND2 . ASN A 1 178 ? -10.209 15.074  -4.566  1.00 25.94 ? 178  ASN A ND2 1 
ATOM   1099 N N   . THR A 1 179 ? -9.965  11.631  -7.170  1.00 20.63 ? 179  THR A N   1 
ATOM   1100 C CA  . THR A 1 179 ? -9.351  10.413  -7.667  1.00 18.89 ? 179  THR A CA  1 
ATOM   1101 C C   . THR A 1 179 ? -8.105  10.168  -6.834  1.00 18.94 ? 179  THR A C   1 
ATOM   1102 O O   . THR A 1 179 ? -7.706  11.028  -6.049  1.00 18.72 ? 179  THR A O   1 
ATOM   1103 C CB  . THR A 1 179 ? -8.993  10.508  -9.161  1.00 18.00 ? 179  THR A CB  1 
ATOM   1104 O OG1 . THR A 1 179 ? -8.300  11.735  -9.418  1.00 16.27 ? 179  THR A OG1 1 
ATOM   1105 C CG2 . THR A 1 179 ? -10.260 10.469  -10.006 1.00 20.59 ? 179  THR A CG2 1 
ATOM   1106 N N   . VAL A 1 180 ? -7.501  8.992   -6.975  1.00 14.29 ? 180  VAL A N   1 
ATOM   1107 C CA  . VAL A 1 180 ? -6.349  8.657   -6.153  1.00 15.70 ? 180  VAL A CA  1 
ATOM   1108 C C   . VAL A 1 180 ? -5.128  8.222   -6.971  1.00 17.52 ? 180  VAL A C   1 
ATOM   1109 O O   . VAL A 1 180 ? -5.228  7.371   -7.854  1.00 15.64 ? 180  VAL A O   1 
ATOM   1110 C CB  . VAL A 1 180 ? -6.696  7.556   -5.115  1.00 17.58 ? 180  VAL A CB  1 
ATOM   1111 C CG1 . VAL A 1 180 ? -5.429  7.028   -4.446  1.00 16.13 ? 180  VAL A CG1 1 
ATOM   1112 C CG2 . VAL A 1 180 ? -7.663  8.101   -4.076  1.00 18.20 ? 180  VAL A CG2 1 
ATOM   1113 N N   . LYS A 1 181 ? -3.978  8.816   -6.670  1.00 13.59 ? 181  LYS A N   1 
ATOM   1114 C CA  . LYS A 1 181 ? -2.729  8.409   -7.295  1.00 14.45 ? 181  LYS A CA  1 
ATOM   1115 C C   . LYS A 1 181 ? -1.762  7.877   -6.250  1.00 12.49 ? 181  LYS A C   1 
ATOM   1116 O O   . LYS A 1 181 ? -1.687  8.400   -5.137  1.00 13.35 ? 181  LYS A O   1 
ATOM   1117 C CB  . LYS A 1 181 ? -2.101  9.572   -8.064  1.00 16.96 ? 181  LYS A CB  1 
ATOM   1118 C CG  . LYS A 1 181 ? -2.915  10.018  -9.269  1.00 17.10 ? 181  LYS A CG  1 
ATOM   1119 C CD  . LYS A 1 181 ? -2.538  11.428  -9.701  1.00 17.60 ? 181  LYS A CD  1 
ATOM   1120 C CE  . LYS A 1 181 ? -1.060  11.529  -10.049 1.00 24.32 ? 181  LYS A CE  1 
ATOM   1121 N NZ  . LYS A 1 181 ? -0.625  12.964  -10.123 1.00 23.19 ? 181  LYS A NZ  1 
ATOM   1122 N N   . VAL A 1 182 ? -1.031  6.828   -6.614  1.00 13.89 ? 182  VAL A N   1 
ATOM   1123 C CA  . VAL A 1 182 ? -0.050  6.223   -5.716  1.00 13.74 ? 182  VAL A CA  1 
ATOM   1124 C C   . VAL A 1 182 ? 1.196   5.847   -6.487  1.00 12.19 ? 182  VAL A C   1 
ATOM   1125 O O   . VAL A 1 182 ? 1.112   5.316   -7.593  1.00 13.21 ? 182  VAL A O   1 
ATOM   1126 C CB  . VAL A 1 182 ? -0.588  4.937   -5.051  1.00 14.56 ? 182  VAL A CB  1 
ATOM   1127 C CG1 . VAL A 1 182 ? 0.446   4.374   -4.059  1.00 13.22 ? 182  VAL A CG1 1 
ATOM   1128 C CG2 . VAL A 1 182 ? -1.929  5.202   -4.364  1.00 14.44 ? 182  VAL A CG2 1 
ATOM   1129 N N   . LEU A 1 183 ? 2.351   6.133   -5.899  1.00 12.62 ? 183  LEU A N   1 
ATOM   1130 C CA  . LEU A 1 183 ? 3.618   5.704   -6.452  1.00 16.07 ? 183  LEU A CA  1 
ATOM   1131 C C   . LEU A 1 183 ? 4.386   4.944   -5.388  1.00 13.30 ? 183  LEU A C   1 
ATOM   1132 O O   . LEU A 1 183 ? 4.496   5.399   -4.259  1.00 14.16 ? 183  LEU A O   1 
ATOM   1133 C CB  . LEU A 1 183 ? 4.451   6.897   -6.927  1.00 12.79 ? 183  LEU A CB  1 
ATOM   1134 C CG  . LEU A 1 183 ? 5.840   6.496   -7.437  1.00 16.43 ? 183  LEU A CG  1 
ATOM   1135 C CD1 . LEU A 1 183 ? 5.726   5.567   -8.644  1.00 22.89 ? 183  LEU A CD1 1 
ATOM   1136 C CD2 . LEU A 1 183 ? 6.681   7.712   -7.784  1.00 19.37 ? 183  LEU A CD2 1 
ATOM   1137 N N   . ALA A 1 184 ? 4.912   3.783   -5.752  1.00 15.84 ? 184  ALA A N   1 
ATOM   1138 C CA  . ALA A 1 184 ? 5.781   3.024   -4.854  1.00 13.08 ? 184  ALA A CA  1 
ATOM   1139 C C   . ALA A 1 184 ? 6.863   2.378   -5.690  1.00 14.07 ? 184  ALA A C   1 
ATOM   1140 O O   . ALA A 1 184 ? 6.567   1.733   -6.694  1.00 15.47 ? 184  ALA A O   1 
ATOM   1141 C CB  . ALA A 1 184 ? 5.001   1.974   -4.111  1.00 11.82 ? 184  ALA A CB  1 
ATOM   1142 N N   . THR A 1 185 ? 8.113   2.567   -5.277  1.00 15.39 ? 185  THR A N   1 
ATOM   1143 C CA  . THR A 1 185 ? 9.262   2.014   -5.975  1.00 15.56 ? 185  THR A CA  1 
ATOM   1144 C C   . THR A 1 185 ? 10.152  1.200   -5.026  1.00 18.25 ? 185  THR A C   1 
ATOM   1145 O O   . THR A 1 185 ? 10.230  1.482   -3.830  1.00 16.71 ? 185  THR A O   1 
ATOM   1146 C CB  . THR A 1 185 ? 10.118  3.121   -6.646  1.00 19.50 ? 185  THR A CB  1 
ATOM   1147 O OG1 . THR A 1 185 ? 10.646  4.008   -5.650  1.00 26.79 ? 185  THR A OG1 1 
ATOM   1148 C CG2 . THR A 1 185 ? 9.286   3.922   -7.637  1.00 17.23 ? 185  THR A CG2 1 
ATOM   1149 N N   . ALA A 1 186 ? 10.820  0.194   -5.573  1.00 17.69 ? 186  ALA A N   1 
ATOM   1150 C CA  . ALA A 1 186 ? 11.732  -0.631  -4.792  1.00 24.47 ? 186  ALA A CA  1 
ATOM   1151 C C   . ALA A 1 186 ? 12.913  0.201   -4.317  1.00 22.40 ? 186  ALA A C   1 
ATOM   1152 O O   . ALA A 1 186 ? 13.441  1.037   -5.050  1.00 27.13 ? 186  ALA A O   1 
ATOM   1153 C CB  . ALA A 1 186 ? 12.211  -1.819  -5.612  1.00 24.05 ? 186  ALA A CB  1 
ATOM   1154 N N   . ARG A 1 187 ? 13.314  -0.022  -3.076  1.00 20.41 ? 187  ARG A N   1 
ATOM   1155 C CA  . ARG A 1 187 ? 14.425  0.705   -2.492  1.00 26.63 ? 187  ARG A CA  1 
ATOM   1156 C C   . ARG A 1 187 ? 15.750  0.283   -3.137  1.00 34.83 ? 187  ARG A C   1 
ATOM   1157 O O   . ARG A 1 187 ? 16.084  -0.902  -3.177  1.00 31.53 ? 187  ARG A O   1 
ATOM   1158 C CB  . ARG A 1 187 ? 14.466  0.436   -0.994  1.00 24.16 ? 187  ARG A CB  1 
ATOM   1159 C CG  . ARG A 1 187 ? 15.377  1.335   -0.219  1.00 27.02 ? 187  ARG A CG  1 
ATOM   1160 C CD  . ARG A 1 187 ? 15.643  0.715   1.140   1.00 35.71 ? 187  ARG A CD  1 
ATOM   1161 N NE  . ARG A 1 187 ? 14.951  1.392   2.234   1.00 39.39 ? 187  ARG A NE  1 
ATOM   1162 C CZ  . ARG A 1 187 ? 13.794  1.009   2.775   1.00 39.76 ? 187  ARG A CZ  1 
ATOM   1163 N NH1 . ARG A 1 187 ? 13.122  -0.062  2.332   1.00 26.17 ? 187  ARG A NH1 1 
ATOM   1164 N NH2 . ARG A 1 187 ? 13.302  1.720   3.780   1.00 43.05 ? 187  ARG A NH2 1 
ATOM   1165 N N   . GLN A 1 188 ? 16.494  1.265   -3.636  1.00 36.61 ? 188  GLN A N   1 
ATOM   1166 C CA  . GLN A 1 188 ? 17.768  1.038   -4.317  1.00 43.42 ? 188  GLN A CA  1 
ATOM   1167 C C   . GLN A 1 188 ? 18.727  0.169   -3.508  1.00 44.15 ? 188  GLN A C   1 
ATOM   1168 O O   . GLN A 1 188 ? 19.936  0.409   -3.496  1.00 48.33 ? 188  GLN A O   1 
ATOM   1169 C CB  . GLN A 1 188 ? 18.434  2.378   -4.651  1.00 46.15 ? 188  GLN A CB  1 
ATOM   1170 C CG  . GLN A 1 188 ? 18.527  3.355   -3.469  1.00 49.28 ? 188  GLN A CG  1 
ATOM   1171 C CD  . GLN A 1 188 ? 17.169  3.908   -3.032  1.00 45.51 ? 188  GLN A CD  1 
ATOM   1172 O OE1 . GLN A 1 188 ? 16.184  3.839   -3.773  1.00 42.26 ? 188  GLN A OE1 1 
ATOM   1173 N NE2 . GLN A 1 188 ? 17.115  4.456   -1.820  1.00 40.89 ? 188  GLN A NE2 1 
ATOM   1174 N N   . ASN A 1 193 ? 21.506  -0.302  -7.880  1.00 47.76 ? 193  ASN A N   1 
ATOM   1175 C CA  . ASN A 1 193 ? 20.240  0.335   -8.225  1.00 44.28 ? 193  ASN A CA  1 
ATOM   1176 C C   . ASN A 1 193 ? 19.626  -0.232  -9.509  1.00 44.97 ? 193  ASN A C   1 
ATOM   1177 O O   . ASN A 1 193 ? 20.173  -0.065  -10.602 1.00 45.74 ? 193  ASN A O   1 
ATOM   1178 C CB  . ASN A 1 193 ? 20.417  1.849   -8.346  1.00 48.27 ? 193  ASN A CB  1 
ATOM   1179 C CG  . ASN A 1 193 ? 19.101  2.573   -8.560  1.00 44.83 ? 193  ASN A CG  1 
ATOM   1180 O OD1 . ASN A 1 193 ? 18.131  1.989   -9.039  1.00 42.99 ? 193  ASN A OD1 1 
ATOM   1181 N ND2 . ASN A 1 193 ? 19.061  3.850   -8.198  1.00 49.00 ? 193  ASN A ND2 1 
ATOM   1182 N N   . ARG A 1 194 ? 18.476  -0.885  -9.365  1.00 40.45 ? 194  ARG A N   1 
ATOM   1183 C CA  . ARG A 1 194 ? 17.828  -1.588  -10.471 1.00 35.99 ? 194  ARG A CA  1 
ATOM   1184 C C   . ARG A 1 194 ? 17.275  -0.642  -11.538 1.00 36.30 ? 194  ARG A C   1 
ATOM   1185 O O   . ARG A 1 194 ? 16.768  -1.078  -12.568 1.00 31.10 ? 194  ARG A O   1 
ATOM   1186 C CB  . ARG A 1 194 ? 16.707  -2.488  -9.938  1.00 32.01 ? 194  ARG A CB  1 
ATOM   1187 C CG  . ARG A 1 194 ? 15.545  -1.737  -9.292  1.00 34.72 ? 194  ARG A CG  1 
ATOM   1188 C CD  . ARG A 1 194 ? 14.571  -2.695  -8.602  1.00 35.47 ? 194  ARG A CD  1 
ATOM   1189 N NE  . ARG A 1 194 ? 15.065  -3.168  -7.308  1.00 36.62 ? 194  ARG A NE  1 
ATOM   1190 C CZ  . ARG A 1 194 ? 14.425  -4.046  -6.537  1.00 35.82 ? 194  ARG A CZ  1 
ATOM   1191 N NH1 . ARG A 1 194 ? 13.264  -4.556  -6.932  1.00 35.83 ? 194  ARG A NH1 1 
ATOM   1192 N NH2 . ARG A 1 194 ? 14.940  -4.418  -5.368  1.00 32.87 ? 194  ARG A NH2 1 
ATOM   1193 N N   . PHE A 1 195 ? 17.333  0.655   -11.265 1.00 37.70 ? 195  PHE A N   1 
ATOM   1194 C CA  . PHE A 1 195 ? 16.909  1.645   -12.244 1.00 34.91 ? 195  PHE A CA  1 
ATOM   1195 C C   . PHE A 1 195 ? 18.092  2.148   -13.068 1.00 38.07 ? 195  PHE A C   1 
ATOM   1196 O O   . PHE A 1 195 ? 17.925  2.948   -13.988 1.00 39.59 ? 195  PHE A O   1 
ATOM   1197 C CB  . PHE A 1 195 ? 16.177  2.799   -11.557 1.00 33.31 ? 195  PHE A CB  1 
ATOM   1198 C CG  . PHE A 1 195 ? 14.947  2.367   -10.810 1.00 35.35 ? 195  PHE A CG  1 
ATOM   1199 C CD1 . PHE A 1 195 ? 13.797  2.007   -11.493 1.00 28.73 ? 195  PHE A CD1 1 
ATOM   1200 C CD2 . PHE A 1 195 ? 14.945  2.306   -9.426  1.00 33.52 ? 195  PHE A CD2 1 
ATOM   1201 C CE1 . PHE A 1 195 ? 12.665  1.604   -10.812 1.00 27.14 ? 195  PHE A CE1 1 
ATOM   1202 C CE2 . PHE A 1 195 ? 13.816  1.904   -8.738  1.00 30.42 ? 195  PHE A CE2 1 
ATOM   1203 C CZ  . PHE A 1 195 ? 12.674  1.552   -9.432  1.00 22.82 ? 195  PHE A CZ  1 
ATOM   1204 N N   . ASN A 1 196 ? 19.289  1.670   -12.752 1.00 42.99 ? 196  ASN A N   1 
ATOM   1205 C CA  . ASN A 1 196 ? 20.500  2.225   -13.349 1.00 46.52 ? 196  ASN A CA  1 
ATOM   1206 C C   . ASN A 1 196 ? 21.100  1.410   -14.492 1.00 45.53 ? 196  ASN A C   1 
ATOM   1207 O O   . ASN A 1 196 ? 21.306  0.202   -14.373 1.00 45.48 ? 196  ASN A O   1 
ATOM   1208 C CB  . ASN A 1 196 ? 21.564  2.455   -12.271 1.00 47.93 ? 196  ASN A CB  1 
ATOM   1209 C CG  . ASN A 1 196 ? 21.277  3.678   -11.423 1.00 52.94 ? 196  ASN A CG  1 
ATOM   1210 O OD1 . ASN A 1 196 ? 20.525  4.565   -11.824 1.00 54.10 ? 196  ASN A OD1 1 
ATOM   1211 N ND2 . ASN A 1 196 ? 21.881  3.731   -10.241 1.00 55.42 ? 196  ASN A ND2 1 
ATOM   1212 N N   . GLY A 1 197 ? 21.381  2.091   -15.600 1.00 49.83 ? 197  GLY A N   1 
ATOM   1213 C CA  . GLY A 1 197 ? 22.085  1.492   -16.719 1.00 47.22 ? 197  GLY A CA  1 
ATOM   1214 C C   . GLY A 1 197 ? 21.419  0.285   -17.348 1.00 43.11 ? 197  GLY A C   1 
ATOM   1215 O O   . GLY A 1 197 ? 20.248  0.322   -17.723 1.00 45.60 ? 197  GLY A O   1 
ATOM   1216 N N   . PRO A 1 198 ? 22.189  -0.790  -17.465 1.00 48.32 ? 198  PRO A N   1 
ATOM   1217 C CA  . PRO A 1 198 ? 21.745  -2.023  -18.122 1.00 49.50 ? 198  PRO A CA  1 
ATOM   1218 C C   . PRO A 1 198 ? 20.547  -2.644  -17.417 1.00 43.61 ? 198  PRO A C   1 
ATOM   1219 O O   . PRO A 1 198 ? 19.664  -3.196  -18.072 1.00 43.38 ? 198  PRO A O   1 
ATOM   1220 C CB  . PRO A 1 198 ? 22.962  -2.937  -17.990 1.00 48.15 ? 198  PRO A CB  1 
ATOM   1221 C CG  . PRO A 1 198 ? 23.619  -2.489  -16.729 1.00 49.87 ? 198  PRO A CG  1 
ATOM   1222 C CD  . PRO A 1 198 ? 23.386  -1.005  -16.632 1.00 47.95 ? 198  PRO A CD  1 
ATOM   1223 N N   . GLN A 1 199 ? 20.530  -2.563  -16.092 1.00 40.83 ? 199  GLN A N   1 
ATOM   1224 C CA  . GLN A 1 199 ? 19.493  -3.208  -15.300 1.00 35.95 ? 199  GLN A CA  1 
ATOM   1225 C C   . GLN A 1 199 ? 18.093  -2.688  -15.626 1.00 30.41 ? 199  GLN A C   1 
ATOM   1226 O O   . GLN A 1 199 ? 17.140  -3.464  -15.666 1.00 27.92 ? 199  GLN A O   1 
ATOM   1227 C CB  . GLN A 1 199 ? 19.777  -3.036  -13.806 1.00 37.60 ? 199  GLN A CB  1 
ATOM   1228 C CG  . GLN A 1 199 ? 21.250  -2.874  -13.467 1.00 46.85 ? 199  GLN A CG  1 
ATOM   1229 C CD  . GLN A 1 199 ? 22.092  -4.037  -13.953 1.00 49.80 ? 199  GLN A CD  1 
ATOM   1230 O OE1 . GLN A 1 199 ? 21.616  -5.168  -14.044 1.00 47.51 ? 199  GLN A OE1 1 
ATOM   1231 N NE2 . GLN A 1 199 ? 23.352  -3.763  -14.270 1.00 42.29 ? 199  GLN A NE2 1 
ATOM   1232 N N   . LEU A 1 200 ? 17.960  -1.384  -15.849 1.00 29.58 ? 200  LEU A N   1 
ATOM   1233 C CA  . LEU A 1 200 ? 16.646  -0.819  -16.117 1.00 29.86 ? 200  LEU A CA  1 
ATOM   1234 C C   . LEU A 1 200 ? 15.813  -1.660  -17.080 1.00 26.44 ? 200  LEU A C   1 
ATOM   1235 O O   . LEU A 1 200 ? 14.610  -1.795  -16.891 1.00 26.24 ? 200  LEU A O   1 
ATOM   1236 C CB  . LEU A 1 200 ? 16.785  0.606   -16.657 1.00 30.05 ? 200  LEU A CB  1 
ATOM   1237 C CG  . LEU A 1 200 ? 15.492  1.364   -16.958 1.00 25.65 ? 200  LEU A CG  1 
ATOM   1238 C CD1 . LEU A 1 200 ? 14.503  1.225   -15.814 1.00 22.68 ? 200  LEU A CD1 1 
ATOM   1239 C CD2 . LEU A 1 200 ? 15.780  2.828   -17.247 1.00 27.34 ? 200  LEU A CD2 1 
ATOM   1240 N N   . ALA A 1 201 ? 16.439  -2.220  -18.108 1.00 26.68 ? 201  ALA A N   1 
ATOM   1241 C CA  . ALA A 1 201 ? 15.694  -3.032  -19.065 1.00 27.78 ? 201  ALA A CA  1 
ATOM   1242 C C   . ALA A 1 201 ? 15.071  -4.271  -18.424 1.00 26.12 ? 201  ALA A C   1 
ATOM   1243 O O   . ALA A 1 201 ? 13.928  -4.635  -18.728 1.00 26.09 ? 201  ALA A O   1 
ATOM   1244 C CB  . ALA A 1 201 ? 16.580  -3.427  -20.252 1.00 28.02 ? 201  ALA A CB  1 
ATOM   1245 N N   . GLN A 1 202 ? 15.813  -4.925  -17.543 1.00 20.90 ? 202  GLN A N   1 
ATOM   1246 C CA  . GLN A 1 202 ? 15.288  -6.116  -16.887 1.00 28.15 ? 202  GLN A CA  1 
ATOM   1247 C C   . GLN A 1 202 ? 14.188  -5.724  -15.912 1.00 25.41 ? 202  GLN A C   1 
ATOM   1248 O O   . GLN A 1 202 ? 13.192  -6.428  -15.768 1.00 27.77 ? 202  GLN A O   1 
ATOM   1249 C CB  . GLN A 1 202 ? 16.395  -6.910  -16.174 1.00 33.27 ? 202  GLN A CB  1 
ATOM   1250 C CG  . GLN A 1 202 ? 15.862  -8.077  -15.322 1.00 35.59 ? 202  GLN A CG  1 
ATOM   1251 C CD  . GLN A 1 202 ? 16.847  -9.241  -15.190 1.00 45.57 ? 202  GLN A CD  1 
ATOM   1252 O OE1 . GLN A 1 202 ? 17.650  -9.505  -16.091 1.00 49.07 ? 202  GLN A OE1 1 
ATOM   1253 N NE2 . GLN A 1 202 ? 16.781  -9.946  -14.061 1.00 33.53 ? 202  GLN A NE2 1 
ATOM   1254 N N   . THR A 1 203 ? 14.377  -4.587  -15.255 1.00 24.42 ? 203  THR A N   1 
ATOM   1255 C CA  . THR A 1 203 ? 13.394  -4.049  -14.325 1.00 25.07 ? 203  THR A CA  1 
ATOM   1256 C C   . THR A 1 203 ? 12.080  -3.730  -15.025 1.00 24.16 ? 203  THR A C   1 
ATOM   1257 O O   . THR A 1 203 ? 11.008  -4.033  -14.513 1.00 25.92 ? 203  THR A O   1 
ATOM   1258 C CB  . THR A 1 203 ? 13.923  -2.764  -13.667 1.00 25.51 ? 203  THR A CB  1 
ATOM   1259 O OG1 . THR A 1 203 ? 15.064  -3.078  -12.862 1.00 24.71 ? 203  THR A OG1 1 
ATOM   1260 C CG2 . THR A 1 203 ? 12.852  -2.131  -12.804 1.00 25.68 ? 203  THR A CG2 1 
ATOM   1261 N N   . LEU A 1 204 ? 12.170  -3.104  -16.195 1.00 24.92 ? 204  LEU A N   1 
ATOM   1262 C CA  . LEU A 1 204 ? 10.989  -2.776  -16.986 1.00 22.67 ? 204  LEU A CA  1 
ATOM   1263 C C   . LEU A 1 204 ? 10.254  -4.023  -17.463 1.00 24.51 ? 204  LEU A C   1 
ATOM   1264 O O   . LEU A 1 204 ? 9.025   -4.109  -17.367 1.00 25.77 ? 204  LEU A O   1 
ATOM   1265 C CB  . LEU A 1 204 ? 11.376  -1.922  -18.192 1.00 21.30 ? 204  LEU A CB  1 
ATOM   1266 C CG  . LEU A 1 204 ? 10.230  -1.713  -19.186 1.00 28.64 ? 204  LEU A CG  1 
ATOM   1267 C CD1 . LEU A 1 204 ? 9.084   -0.932  -18.558 1.00 23.91 ? 204  LEU A CD1 1 
ATOM   1268 C CD2 . LEU A 1 204 ? 10.719  -1.038  -20.466 1.00 30.50 ? 204  LEU A CD2 1 
ATOM   1269 N N   . THR A 1 205 ? 11.003  -4.991  -17.978 1.00 23.23 ? 205  THR A N   1 
ATOM   1270 C CA  . THR A 1 205 ? 10.391  -6.181  -18.560 1.00 23.74 ? 205  THR A CA  1 
ATOM   1271 C C   . THR A 1 205 ? 9.857   -7.167  -17.520 1.00 23.46 ? 205  THR A C   1 
ATOM   1272 O O   . THR A 1 205 ? 8.918   -7.907  -17.796 1.00 26.55 ? 205  THR A O   1 
ATOM   1273 C CB  . THR A 1 205 ? 11.350  -6.907  -19.531 1.00 23.19 ? 205  THR A CB  1 
ATOM   1274 O OG1 . THR A 1 205 ? 12.586  -7.204  -18.867 1.00 24.51 ? 205  THR A OG1 1 
ATOM   1275 C CG2 . THR A 1 205 ? 11.618  -6.040  -20.752 1.00 20.65 ? 205  THR A CG2 1 
ATOM   1276 N N   . ASN A 1 206 ? 10.449  -7.166  -16.330 1.00 22.06 ? 206  ASN A N   1 
ATOM   1277 C CA  . ASN A 1 206 ? 10.050  -8.085  -15.267 1.00 25.57 ? 206  ASN A CA  1 
ATOM   1278 C C   . ASN A 1 206 ? 8.971   -7.548  -14.344 1.00 23.45 ? 206  ASN A C   1 
ATOM   1279 O O   . ASN A 1 206 ? 8.407   -8.294  -13.544 1.00 23.66 ? 206  ASN A O   1 
ATOM   1280 C CB  . ASN A 1 206 ? 11.259  -8.495  -14.424 1.00 28.26 ? 206  ASN A CB  1 
ATOM   1281 C CG  . ASN A 1 206 ? 11.975  -9.696  -14.988 1.00 32.75 ? 206  ASN A CG  1 
ATOM   1282 O OD1 . ASN A 1 206 ? 11.346  -10.621 -15.496 1.00 29.19 ? 206  ASN A OD1 1 
ATOM   1283 N ND2 . ASN A 1 206 ? 13.300  -9.690  -14.911 1.00 38.56 ? 206  ASN A ND2 1 
ATOM   1284 N N   . ASN A 1 207 ? 8.687   -6.255  -14.445 1.00 23.29 ? 207  ASN A N   1 
ATOM   1285 C CA  . ASN A 1 207 ? 7.705   -5.640  -13.562 1.00 18.82 ? 207  ASN A CA  1 
ATOM   1286 C C   . ASN A 1 207 ? 6.260   -5.885  -13.988 1.00 20.09 ? 207  ASN A C   1 
ATOM   1287 O O   . ASN A 1 207 ? 5.625   -5.034  -14.612 1.00 17.22 ? 207  ASN A O   1 
ATOM   1288 C CB  . ASN A 1 207 ? 7.976   -4.142  -13.400 1.00 18.35 ? 207  ASN A CB  1 
ATOM   1289 C CG  . ASN A 1 207 ? 7.172   -3.533  -12.275 1.00 17.72 ? 207  ASN A CG  1 
ATOM   1290 O OD1 . ASN A 1 207 ? 7.418   -3.814  -11.097 1.00 19.16 ? 207  ASN A OD1 1 
ATOM   1291 N ND2 . ASN A 1 207 ? 6.198   -2.701  -12.625 1.00 16.81 ? 207  ASN A ND2 1 
ATOM   1292 N N   . ILE A 1 208 ? 5.740   -7.055  -13.637 1.00 18.59 ? 208  ILE A N   1 
ATOM   1293 C CA  . ILE A 1 208 ? 4.351   -7.378  -13.908 1.00 21.50 ? 208  ILE A CA  1 
ATOM   1294 C C   . ILE A 1 208 ? 3.539   -7.085  -12.667 1.00 17.41 ? 208  ILE A C   1 
ATOM   1295 O O   . ILE A 1 208 ? 3.675   -7.770  -11.653 1.00 15.38 ? 208  ILE A O   1 
ATOM   1296 C CB  . ILE A 1 208 ? 4.157   -8.858  -14.305 1.00 18.49 ? 208  ILE A CB  1 
ATOM   1297 C CG1 . ILE A 1 208 ? 4.958   -9.179  -15.564 1.00 17.63 ? 208  ILE A CG1 1 
ATOM   1298 C CG2 . ILE A 1 208 ? 2.681   -9.153  -14.531 1.00 16.58 ? 208  ILE A CG2 1 
ATOM   1299 C CD1 . ILE A 1 208 ? 4.745   -10.589 -16.066 1.00 14.52 ? 208  ILE A CD1 1 
ATOM   1300 N N   . VAL A 1 209 ? 2.709   -6.049  -12.749 1.00 18.32 ? 209  VAL A N   1 
ATOM   1301 C CA  . VAL A 1 209 ? 1.848   -5.659  -11.643 1.00 15.34 ? 209  VAL A CA  1 
ATOM   1302 C C   . VAL A 1 209 ? 0.595   -6.534  -11.698 1.00 18.21 ? 209  VAL A C   1 
ATOM   1303 O O   . VAL A 1 209 ? -0.019  -6.685  -12.755 1.00 18.06 ? 209  VAL A O   1 
ATOM   1304 C CB  . VAL A 1 209 ? 1.481   -4.147  -11.692 1.00 18.25 ? 209  VAL A CB  1 
ATOM   1305 C CG1 . VAL A 1 209 ? 0.492   -3.793  -10.592 1.00 15.04 ? 209  VAL A CG1 1 
ATOM   1306 C CG2 . VAL A 1 209 ? 2.741   -3.282  -11.572 1.00 17.67 ? 209  VAL A CG2 1 
ATOM   1307 N N   . CYS A 1 210 ? 0.252   -7.143  -10.566 1.00 14.82 ? 210  CYS A N   1 
ATOM   1308 C CA  . CYS A 1 210 ? -0.869  -8.074  -10.489 1.00 17.36 ? 210  CYS A CA  1 
ATOM   1309 C C   . CYS A 1 210 ? -1.921  -7.516  -9.555  1.00 14.49 ? 210  CYS A C   1 
ATOM   1310 O O   . CYS A 1 210 ? -1.798  -7.662  -8.340  1.00 13.85 ? 210  CYS A O   1 
ATOM   1311 C CB  . CYS A 1 210 ? -0.386  -9.427  -9.958  1.00 14.13 ? 210  CYS A CB  1 
ATOM   1312 S SG  . CYS A 1 210 ? 0.943   -10.143 -10.940 1.00 17.20 ? 210  CYS A SG  1 
ATOM   1313 N N   . PRO A 1 211 ? -2.954  -6.862  -10.115 1.00 16.71 ? 211  PRO A N   1 
ATOM   1314 C CA  . PRO A 1 211 ? -3.999  -6.214  -9.317  1.00 16.38 ? 211  PRO A CA  1 
ATOM   1315 C C   . PRO A 1 211 ? -5.173  -7.131  -9.044  1.00 17.54 ? 211  PRO A C   1 
ATOM   1316 O O   . PRO A 1 211 ? -5.575  -7.900  -9.915  1.00 21.79 ? 211  PRO A O   1 
ATOM   1317 C CB  . PRO A 1 211 ? -4.475  -5.062  -10.221 1.00 15.43 ? 211  PRO A CB  1 
ATOM   1318 C CG  . PRO A 1 211 ? -3.864  -5.328  -11.596 1.00 14.14 ? 211  PRO A CG  1 
ATOM   1319 C CD  . PRO A 1 211 ? -3.190  -6.671  -11.555 1.00 17.46 ? 211  PRO A CD  1 
ATOM   1320 N N   . ASN A 1 212 ? -5.702  -7.061  -7.831  1.00 18.68 ? 212  ASN A N   1 
ATOM   1321 C CA  . ASN A 1 212 ? -6.976  -7.681  -7.522  1.00 17.16 ? 212  ASN A CA  1 
ATOM   1322 C C   . ASN A 1 212 ? -7.876  -6.716  -6.793  1.00 19.62 ? 212  ASN A C   1 
ATOM   1323 O O   . ASN A 1 212 ? -7.412  -5.945  -5.951  1.00 22.23 ? 212  ASN A O   1 
ATOM   1324 C CB  . ASN A 1 212 ? -6.797  -8.967  -6.720  1.00 23.56 ? 212  ASN A CB  1 
ATOM   1325 C CG  . ASN A 1 212 ? -6.627  -10.173 -7.615  1.00 32.31 ? 212  ASN A CG  1 
ATOM   1326 O OD1 . ASN A 1 212 ? -7.550  -10.545 -8.348  1.00 36.01 ? 212  ASN A OD1 1 
ATOM   1327 N ND2 . ASN A 1 212 ? -5.443  -10.782 -7.581  1.00 24.12 ? 212  ASN A ND2 1 
ATOM   1328 N N   . VAL A 1 213 ? -9.156  -6.730  -7.143  1.00 20.39 ? 213  VAL A N   1 
ATOM   1329 C CA  . VAL A 1 213 ? -10.143 -5.956  -6.405  1.00 20.81 ? 213  VAL A CA  1 
ATOM   1330 C C   . VAL A 1 213 ? -10.943 -6.914  -5.532  1.00 26.68 ? 213  VAL A C   1 
ATOM   1331 O O   . VAL A 1 213 ? -11.398 -7.968  -5.995  1.00 22.56 ? 213  VAL A O   1 
ATOM   1332 C CB  . VAL A 1 213 ? -11.075 -5.156  -7.324  1.00 22.67 ? 213  VAL A CB  1 
ATOM   1333 C CG1 . VAL A 1 213 ? -12.089 -4.358  -6.496  1.00 23.77 ? 213  VAL A CG1 1 
ATOM   1334 C CG2 . VAL A 1 213 ? -10.268 -4.224  -8.195  1.00 23.42 ? 213  VAL A CG2 1 
ATOM   1335 N N   . ILE A 1 214 ? -11.081 -6.556  -4.260  1.00 23.45 ? 214  ILE A N   1 
ATOM   1336 C CA  . ILE A 1 214 ? -11.735 -7.417  -3.280  1.00 21.92 ? 214  ILE A CA  1 
ATOM   1337 C C   . ILE A 1 214 ? -12.772 -6.626  -2.491  1.00 24.53 ? 214  ILE A C   1 
ATOM   1338 O O   . ILE A 1 214 ? -12.485 -5.544  -1.977  1.00 20.02 ? 214  ILE A O   1 
ATOM   1339 C CB  . ILE A 1 214 ? -10.706 -8.025  -2.311  1.00 24.70 ? 214  ILE A CB  1 
ATOM   1340 C CG1 . ILE A 1 214 ? -9.591  -8.719  -3.098  1.00 22.72 ? 214  ILE A CG1 1 
ATOM   1341 C CG2 . ILE A 1 214 ? -11.378 -9.006  -1.354  1.00 22.98 ? 214  ILE A CG2 1 
ATOM   1342 C CD1 . ILE A 1 214 ? -8.239  -8.633  -2.440  1.00 25.41 ? 214  ILE A CD1 1 
ATOM   1343 N N   . GLU A 1 215 ? -13.984 -7.163  -2.415  1.00 23.31 ? 215  GLU A N   1 
ATOM   1344 C CA  . GLU A 1 215 ? -15.055 -6.533  -1.657  1.00 23.31 ? 215  GLU A CA  1 
ATOM   1345 C C   . GLU A 1 215 ? -15.187 -7.187  -0.288  1.00 22.04 ? 215  GLU A C   1 
ATOM   1346 O O   . GLU A 1 215 ? -15.047 -8.399  -0.151  1.00 20.45 ? 215  GLU A O   1 
ATOM   1347 C CB  . GLU A 1 215 ? -16.385 -6.619  -2.416  1.00 28.09 ? 215  GLU A CB  1 
ATOM   1348 C CG  . GLU A 1 215 ? -16.433 -5.788  -3.697  1.00 29.86 ? 215  GLU A CG  1 
ATOM   1349 C CD  . GLU A 1 215 ? -17.692 -6.038  -4.522  1.00 46.23 ? 215  GLU A CD  1 
ATOM   1350 O OE1 . GLU A 1 215 ? -18.533 -6.865  -4.103  1.00 54.33 ? 215  GLU A OE1 1 
ATOM   1351 O OE2 . GLU A 1 215 ? -17.841 -5.409  -5.591  1.00 53.77 ? 215  GLU A OE2 1 
ATOM   1352 N N   . PHE A 1 216 ? -15.450 -6.366  0.720   1.00 20.78 ? 216  PHE A N   1 
ATOM   1353 C CA  . PHE A 1 216 ? -15.630 -6.835  2.080   1.00 18.98 ? 216  PHE A CA  1 
ATOM   1354 C C   . PHE A 1 216 ? -16.938 -6.264  2.593   1.00 24.66 ? 216  PHE A C   1 
ATOM   1355 O O   . PHE A 1 216 ? -17.250 -5.097  2.348   1.00 24.49 ? 216  PHE A O   1 
ATOM   1356 C CB  . PHE A 1 216 ? -14.489 -6.355  2.974   1.00 18.57 ? 216  PHE A CB  1 
ATOM   1357 C CG  . PHE A 1 216 ? -13.128 -6.840  2.551   1.00 18.06 ? 216  PHE A CG  1 
ATOM   1358 C CD1 . PHE A 1 216 ? -12.693 -8.109  2.895   1.00 19.18 ? 216  PHE A CD1 1 
ATOM   1359 C CD2 . PHE A 1 216 ? -12.285 -6.023  1.814   1.00 19.34 ? 216  PHE A CD2 1 
ATOM   1360 C CE1 . PHE A 1 216 ? -11.438 -8.557  2.509   1.00 21.81 ? 216  PHE A CE1 1 
ATOM   1361 C CE2 . PHE A 1 216 ? -11.022 -6.462  1.428   1.00 20.39 ? 216  PHE A CE2 1 
ATOM   1362 C CZ  . PHE A 1 216 ? -10.600 -7.724  1.777   1.00 23.21 ? 216  PHE A CZ  1 
ATOM   1363 N N   . ASN A 1 217 ? -17.708 -7.088  3.294   1.00 25.15 ? 217  ASN A N   1 
ATOM   1364 C CA  . ASN A 1 217 ? -18.987 -6.649  3.831   1.00 25.72 ? 217  ASN A CA  1 
ATOM   1365 C C   . ASN A 1 217 ? -18.810 -5.756  5.050   1.00 20.03 ? 217  ASN A C   1 
ATOM   1366 O O   . ASN A 1 217 ? -19.605 -4.855  5.276   1.00 22.17 ? 217  ASN A O   1 
ATOM   1367 C CB  . ASN A 1 217 ? -19.862 -7.852  4.186   1.00 27.03 ? 217  ASN A CB  1 
ATOM   1368 C CG  . ASN A 1 217 ? -20.115 -8.755  2.999   1.00 34.72 ? 217  ASN A CG  1 
ATOM   1369 O OD1 . ASN A 1 217 ? -20.216 -8.290  1.863   1.00 34.26 ? 217  ASN A OD1 1 
ATOM   1370 N ND2 . ASN A 1 217 ? -20.208 -10.059 3.252   1.00 37.35 ? 217  ASN A ND2 1 
ATOM   1371 N N   . THR A 1 218 ? -17.763 -6.004  5.830   1.00 21.12 ? 218  THR A N   1 
ATOM   1372 C CA  . THR A 1 218 ? -17.580 -5.300  7.099   1.00 21.07 ? 218  THR A CA  1 
ATOM   1373 C C   . THR A 1 218 ? -16.105 -5.104  7.400   1.00 21.55 ? 218  THR A C   1 
ATOM   1374 O O   . THR A 1 218 ? -15.251 -5.757  6.792   1.00 17.86 ? 218  THR A O   1 
ATOM   1375 C CB  . THR A 1 218 ? -18.219 -6.073  8.276   1.00 27.87 ? 218  THR A CB  1 
ATOM   1376 O OG1 . THR A 1 218 ? -17.484 -7.280  8.514   1.00 29.00 ? 218  THR A OG1 1 
ATOM   1377 C CG2 . THR A 1 218 ? -19.673 -6.421  7.980   1.00 27.88 ? 218  THR A CG2 1 
ATOM   1378 N N   . GLU A 1 219 ? -15.789 -4.213  8.339   1.00 20.33 ? 219  GLU A N   1 
ATOM   1379 C CA  . GLU A 1 219 ? -14.385 -3.992  8.659   1.00 18.03 ? 219  GLU A CA  1 
ATOM   1380 C C   . GLU A 1 219 ? -13.726 -5.252  9.221   1.00 18.15 ? 219  GLU A C   1 
ATOM   1381 O O   . GLU A 1 219 ? -12.530 -5.443  9.056   1.00 18.28 ? 219  GLU A O   1 
ATOM   1382 C CB  . GLU A 1 219 ? -14.160 -2.808  9.606   1.00 19.43 ? 219  GLU A CB  1 
ATOM   1383 C CG  . GLU A 1 219 ? -12.697 -2.407  9.615   1.00 20.62 ? 219  GLU A CG  1 
ATOM   1384 C CD  . GLU A 1 219 ? -12.346 -1.297  10.589  1.00 25.04 ? 219  GLU A CD  1 
ATOM   1385 O OE1 . GLU A 1 219 ? -13.062 -1.127  11.600  1.00 24.56 ? 219  GLU A OE1 1 
ATOM   1386 O OE2 . GLU A 1 219 ? -11.333 -0.604  10.333  1.00 17.31 ? 219  GLU A OE2 1 
ATOM   1387 N N   . SER A 1 220 ? -14.499 -6.108  9.883   1.00 19.13 ? 220  SER A N   1 
ATOM   1388 C CA  . SER A 1 220 ? -13.941 -7.349  10.420  1.00 20.77 ? 220  SER A CA  1 
ATOM   1389 C C   . SER A 1 220 ? -13.300 -8.216  9.346   1.00 17.95 ? 220  SER A C   1 
ATOM   1390 O O   . SER A 1 220 ? -12.234 -8.800  9.561   1.00 19.24 ? 220  SER A O   1 
ATOM   1391 C CB  . SER A 1 220 ? -15.004 -8.154  11.167  1.00 24.18 ? 220  SER A CB  1 
ATOM   1392 O OG  . SER A 1 220 ? -15.113 -7.680  12.490  1.00 38.10 ? 220  SER A OG  1 
ATOM   1393 N N   . ASP A 1 221 ? -13.958 -8.303  8.196   1.00 18.38 ? 221  ASP A N   1 
ATOM   1394 C CA  . ASP A 1 221 ? -13.437 -9.060  7.068   1.00 18.02 ? 221  ASP A CA  1 
ATOM   1395 C C   . ASP A 1 221 ? -12.167 -8.401  6.529   1.00 17.86 ? 221  ASP A C   1 
ATOM   1396 O O   . ASP A 1 221 ? -11.192 -9.079  6.209   1.00 16.56 ? 221  ASP A O   1 
ATOM   1397 C CB  . ASP A 1 221 ? -14.492 -9.157  5.966   1.00 22.24 ? 221  ASP A CB  1 
ATOM   1398 C CG  . ASP A 1 221 ? -15.774 -9.816  6.441   1.00 27.15 ? 221  ASP A CG  1 
ATOM   1399 O OD1 . ASP A 1 221 ? -15.707 -10.721 7.302   1.00 25.19 ? 221  ASP A OD1 1 
ATOM   1400 O OD2 . ASP A 1 221 ? -16.853 -9.425  5.954   1.00 33.19 ? 221  ASP A OD2 1 
ATOM   1401 N N   . VAL A 1 222 ? -12.191 -7.075  6.438   1.00 15.45 ? 222  VAL A N   1 
ATOM   1402 C CA  . VAL A 1 222 ? -11.018 -6.303  6.040   1.00 16.39 ? 222  VAL A CA  1 
ATOM   1403 C C   . VAL A 1 222 ? -9.851  -6.604  6.967   1.00 17.09 ? 222  VAL A C   1 
ATOM   1404 O O   . VAL A 1 222 ? -8.741  -6.886  6.523   1.00 15.96 ? 222  VAL A O   1 
ATOM   1405 C CB  . VAL A 1 222 ? -11.318 -4.793  6.086   1.00 15.81 ? 222  VAL A CB  1 
ATOM   1406 C CG1 . VAL A 1 222 ? -10.062 -3.977  5.795   1.00 20.47 ? 222  VAL A CG1 1 
ATOM   1407 C CG2 . VAL A 1 222 ? -12.418 -4.459  5.110   1.00 14.34 ? 222  VAL A CG2 1 
ATOM   1408 N N   . ILE A 1 223 ? -10.113 -6.550  8.267   1.00 17.30 ? 223  ILE A N   1 
ATOM   1409 C CA  . ILE A 1 223 ? -9.070  -6.752  9.259   1.00 16.12 ? 223  ILE A CA  1 
ATOM   1410 C C   . ILE A 1 223 ? -8.499  -8.169  9.206   1.00 19.34 ? 223  ILE A C   1 
ATOM   1411 O O   . ILE A 1 223 ? -7.283  -8.354  9.192   1.00 17.20 ? 223  ILE A O   1 
ATOM   1412 C CB  . ILE A 1 223 ? -9.584  -6.399  10.677  1.00 20.36 ? 223  ILE A CB  1 
ATOM   1413 C CG1 . ILE A 1 223 ? -9.781  -4.884  10.778  1.00 17.41 ? 223  ILE A CG1 1 
ATOM   1414 C CG2 . ILE A 1 223 ? -8.619  -6.895  11.757  1.00 19.26 ? 223  ILE A CG2 1 
ATOM   1415 C CD1 . ILE A 1 223 ? -10.574 -4.431  11.966  1.00 21.40 ? 223  ILE A CD1 1 
ATOM   1416 N N   . ASP A 1 224 ? -9.362  -9.179  9.155   1.00 18.72 ? 224  ASP A N   1 
ATOM   1417 C CA  . ASP A 1 224 ? -8.838  -10.536 9.109   1.00 21.21 ? 224  ASP A CA  1 
ATOM   1418 C C   . ASP A 1 224 ? -8.042  -10.773 7.826   1.00 19.07 ? 224  ASP A C   1 
ATOM   1419 O O   . ASP A 1 224 ? -7.040  -11.476 7.831   1.00 17.75 ? 224  ASP A O   1 
ATOM   1420 C CB  . ASP A 1 224 ? -9.930  -11.584 9.280   1.00 20.70 ? 224  ASP A CB  1 
ATOM   1421 C CG  . ASP A 1 224 ? -9.391  -12.874 9.881   1.00 27.05 ? 224  ASP A CG  1 
ATOM   1422 O OD1 . ASP A 1 224 ? -8.888  -12.829 11.027  1.00 29.50 ? 224  ASP A OD1 1 
ATOM   1423 O OD2 . ASP A 1 224 ? -9.439  -13.923 9.207   1.00 29.74 ? 224  ASP A OD2 1 
ATOM   1424 N N   . TYR A 1 225 ? -8.490  -10.161 6.738   1.00 17.64 ? 225  TYR A N   1 
ATOM   1425 C CA  . TYR A 1 225 ? -7.778  -10.211 5.470   1.00 18.33 ? 225  TYR A CA  1 
ATOM   1426 C C   . TYR A 1 225 ? -6.370  -9.644  5.599   1.00 16.91 ? 225  TYR A C   1 
ATOM   1427 O O   . TYR A 1 225 ? -5.394  -10.283 5.196   1.00 15.06 ? 225  TYR A O   1 
ATOM   1428 C CB  . TYR A 1 225 ? -8.552  -9.412  4.431   1.00 17.71 ? 225  TYR A CB  1 
ATOM   1429 C CG  . TYR A 1 225 ? -7.908  -9.401  3.073   1.00 20.91 ? 225  TYR A CG  1 
ATOM   1430 C CD1 . TYR A 1 225 ? -8.125  -10.437 2.182   1.00 25.44 ? 225  TYR A CD1 1 
ATOM   1431 C CD2 . TYR A 1 225 ? -7.091  -8.353  2.679   1.00 19.79 ? 225  TYR A CD2 1 
ATOM   1432 C CE1 . TYR A 1 225 ? -7.546  -10.434 0.934   1.00 26.61 ? 225  TYR A CE1 1 
ATOM   1433 C CE2 . TYR A 1 225 ? -6.500  -8.344  1.434   1.00 21.64 ? 225  TYR A CE2 1 
ATOM   1434 C CZ  . TYR A 1 225 ? -6.730  -9.391  0.567   1.00 25.25 ? 225  TYR A CZ  1 
ATOM   1435 O OH  . TYR A 1 225 ? -6.155  -9.400  -0.685  1.00 27.56 ? 225  TYR A OH  1 
ATOM   1436 N N   . ALA A 1 226 ? -6.262  -8.442  6.164   1.00 14.47 ? 226  ALA A N   1 
ATOM   1437 C CA  . ALA A 1 226 ? -4.966  -7.805  6.341   1.00 15.33 ? 226  ALA A CA  1 
ATOM   1438 C C   . ALA A 1 226 ? -4.023  -8.664  7.177   1.00 17.01 ? 226  ALA A C   1 
ATOM   1439 O O   . ALA A 1 226 ? -2.833  -8.766  6.868   1.00 15.89 ? 226  ALA A O   1 
ATOM   1440 C CB  . ALA A 1 226 ? -5.117  -6.425  6.961   1.00 13.76 ? 226  ALA A CB  1 
ATOM   1441 N N   . LYS A 1 227 ? -4.554  -9.265  8.241   1.00 15.19 ? 227  LYS A N   1 
ATOM   1442 C CA  . LYS A 1 227 ? -3.761  -10.112 9.137   1.00 15.37 ? 227  LYS A CA  1 
ATOM   1443 C C   . LYS A 1 227 ? -3.223  -11.357 8.445   1.00 14.37 ? 227  LYS A C   1 
ATOM   1444 O O   . LYS A 1 227 ? -2.049  -11.702 8.605   1.00 18.14 ? 227  LYS A O   1 
ATOM   1445 C CB  . LYS A 1 227 ? -4.587  -10.524 10.366  1.00 15.97 ? 227  LYS A CB  1 
ATOM   1446 C CG  . LYS A 1 227 ? -4.470  -9.579  11.547  1.00 21.89 ? 227  LYS A CG  1 
ATOM   1447 C CD  . LYS A 1 227 ? -5.645  -9.718  12.513  1.00 18.26 ? 227  LYS A CD  1 
ATOM   1448 C CE  . LYS A 1 227 ? -5.554  -8.629  13.588  1.00 21.23 ? 227  LYS A CE  1 
ATOM   1449 N NZ  . LYS A 1 227 ? -6.843  -8.388  14.273  1.00 29.60 ? 227  LYS A NZ  1 
ATOM   1450 N N   . MET A 1 228 ? -4.084  -12.027 7.683   1.00 14.74 ? 228  MET A N   1 
ATOM   1451 C CA  . MET A 1 228 ? -3.690  -13.243 6.971   1.00 15.96 ? 228  MET A CA  1 
ATOM   1452 C C   . MET A 1 228 ? -2.872  -12.929 5.716   1.00 17.28 ? 228  MET A C   1 
ATOM   1453 O O   . MET A 1 228 ? -2.132  -13.776 5.225   1.00 17.94 ? 228  MET A O   1 
ATOM   1454 C CB  . MET A 1 228 ? -4.915  -14.094 6.626   1.00 16.15 ? 228  MET A CB  1 
ATOM   1455 C CG  . MET A 1 228 ? -5.607  -14.718 7.841   1.00 18.58 ? 228  MET A CG  1 
ATOM   1456 S SD  . MET A 1 228 ? -4.527  -15.697 8.924   1.00 20.26 ? 228  MET A SD  1 
ATOM   1457 C CE  . MET A 1 228 ? -4.160  -14.540 10.240  1.00 16.33 ? 228  MET A CE  1 
ATOM   1458 N N   . ALA A 1 229 ? -2.987  -11.701 5.221   1.00 12.92 ? 229  ALA A N   1 
ATOM   1459 C CA  . ALA A 1 229 ? -2.206  -11.264 4.071   1.00 12.97 ? 229  ALA A CA  1 
ATOM   1460 C C   . ALA A 1 229 ? -0.870  -10.652 4.481   1.00 13.32 ? 229  ALA A C   1 
ATOM   1461 O O   . ALA A 1 229 ? -0.020  -10.410 3.632   1.00 15.16 ? 229  ALA A O   1 
ATOM   1462 C CB  . ALA A 1 229 ? -3.004  -10.269 3.229   1.00 17.30 ? 229  ALA A CB  1 
ATOM   1463 N N   . HIS A 1 230 ? -0.695  -10.399 5.777   1.00 12.77 ? 230  HIS A N   1 
ATOM   1464 C CA  . HIS A 1 230 ? 0.533   -9.794  6.300   1.00 16.08 ? 230  HIS A CA  1 
ATOM   1465 C C   . HIS A 1 230 ? 0.777   -8.411  5.707   1.00 14.50 ? 230  HIS A C   1 
ATOM   1466 O O   . HIS A 1 230 ? 1.869   -8.112  5.219   1.00 13.32 ? 230  HIS A O   1 
ATOM   1467 C CB  . HIS A 1 230 ? 1.750   -10.685 6.036   1.00 13.83 ? 230  HIS A CB  1 
ATOM   1468 C CG  . HIS A 1 230 ? 1.445   -12.150 6.074   1.00 17.80 ? 230  HIS A CG  1 
ATOM   1469 N ND1 . HIS A 1 230 ? 1.024   -12.792 7.218   1.00 18.95 ? 230  HIS A ND1 1 
ATOM   1470 C CD2 . HIS A 1 230 ? 1.491   -13.095 5.105   1.00 18.03 ? 230  HIS A CD2 1 
ATOM   1471 C CE1 . HIS A 1 230 ? 0.814   -14.069 6.950   1.00 16.86 ? 230  HIS A CE1 1 
ATOM   1472 N NE2 . HIS A 1 230 ? 1.098   -14.279 5.677   1.00 16.36 ? 230  HIS A NE2 1 
ATOM   1473 N N   . ILE A 1 231 ? -0.243  -7.571  5.752   1.00 16.08 ? 231  ILE A N   1 
ATOM   1474 C CA  . ILE A 1 231 ? -0.113  -6.200  5.292   1.00 13.80 ? 231  ILE A CA  1 
ATOM   1475 C C   . ILE A 1 231 ? -0.595  -5.233  6.378   1.00 14.30 ? 231  ILE A C   1 
ATOM   1476 O O   . ILE A 1 231 ? -1.376  -5.608  7.249   1.00 15.72 ? 231  ILE A O   1 
ATOM   1477 C CB  . ILE A 1 231 ? -0.892  -5.986  3.984   1.00 14.03 ? 231  ILE A CB  1 
ATOM   1478 C CG1 . ILE A 1 231 ? -2.328  -6.498  4.142   1.00 15.74 ? 231  ILE A CG1 1 
ATOM   1479 C CG2 . ILE A 1 231 ? -0.179  -6.699  2.824   1.00 14.68 ? 231  ILE A CG2 1 
ATOM   1480 C CD1 . ILE A 1 231 ? -3.227  -6.192  2.946   1.00 14.37 ? 231  ILE A CD1 1 
ATOM   1481 N N   . ALA A 1 232 ? -0.100  -4.001  6.339   1.00 12.84 ? 232  ALA A N   1 
ATOM   1482 C CA  . ALA A 1 232 ? -0.460  -2.996  7.331   1.00 13.66 ? 232  ALA A CA  1 
ATOM   1483 C C   . ALA A 1 232 ? -1.899  -2.576  7.110   1.00 13.06 ? 232  ALA A C   1 
ATOM   1484 O O   . ALA A 1 232 ? -2.358  -2.495  5.975   1.00 11.92 ? 232  ALA A O   1 
ATOM   1485 C CB  . ALA A 1 232 ? 0.455   -1.790  7.227   1.00 14.11 ? 232  ALA A CB  1 
ATOM   1486 N N   . TYR A 1 233 ? -2.619  -2.332  8.195   1.00 13.17 ? 233  TYR A N   1 
ATOM   1487 C CA  . TYR A 1 233 ? -3.961  -1.770  8.098   1.00 15.73 ? 233  TYR A CA  1 
ATOM   1488 C C   . TYR A 1 233 ? -4.258  -0.979  9.371   1.00 16.28 ? 233  TYR A C   1 
ATOM   1489 O O   . TYR A 1 233 ? -3.833  -1.360  10.457  1.00 17.86 ? 233  TYR A O   1 
ATOM   1490 C CB  . TYR A 1 233 ? -5.022  -2.858  7.847   1.00 12.07 ? 233  TYR A CB  1 
ATOM   1491 C CG  . TYR A 1 233 ? -6.433  -2.306  7.876   1.00 14.49 ? 233  TYR A CG  1 
ATOM   1492 C CD1 . TYR A 1 233 ? -6.912  -1.513  6.834   1.00 14.54 ? 233  TYR A CD1 1 
ATOM   1493 C CD2 . TYR A 1 233 ? -7.276  -2.551  8.959   1.00 17.29 ? 233  TYR A CD2 1 
ATOM   1494 C CE1 . TYR A 1 233 ? -8.200  -0.976  6.867   1.00 15.22 ? 233  TYR A CE1 1 
ATOM   1495 C CE2 . TYR A 1 233 ? -8.564  -2.023  9.002   1.00 14.26 ? 233  TYR A CE2 1 
ATOM   1496 C CZ  . TYR A 1 233 ? -9.015  -1.233  7.959   1.00 17.10 ? 233  TYR A CZ  1 
ATOM   1497 O OH  . TYR A 1 233 ? -10.289 -0.709  7.998   1.00 20.79 ? 233  TYR A OH  1 
ATOM   1498 N N   . ILE A 1 234 ? -4.952  0.141   9.223   1.00 16.93 ? 234  ILE A N   1 
ATOM   1499 C CA  . ILE A 1 234 ? -5.343  0.966   10.365  1.00 18.78 ? 234  ILE A CA  1 
ATOM   1500 C C   . ILE A 1 234 ? -6.847  0.839   10.523  1.00 17.63 ? 234  ILE A C   1 
ATOM   1501 O O   . ILE A 1 234 ? -7.588  1.107   9.577   1.00 14.69 ? 234  ILE A O   1 
ATOM   1502 C CB  . ILE A 1 234 ? -5.007  2.452   10.119  1.00 20.88 ? 234  ILE A CB  1 
ATOM   1503 C CG1 . ILE A 1 234 ? -3.539  2.618   9.726   1.00 19.14 ? 234  ILE A CG1 1 
ATOM   1504 C CG2 . ILE A 1 234 ? -5.345  3.302   11.339  1.00 17.45 ? 234  ILE A CG2 1 
ATOM   1505 C CD1 . ILE A 1 234 ? -3.243  3.964   9.076   1.00 16.74 ? 234  ILE A CD1 1 
ATOM   1506 N N   . ASP A 1 235 ? -7.299  0.414   11.700  1.00 16.26 ? 235  ASP A N   1 
ATOM   1507 C CA  . ASP A 1 235 ? -8.732  0.240   11.939  1.00 16.01 ? 235  ASP A CA  1 
ATOM   1508 C C   . ASP A 1 235 ? -9.446  1.575   12.152  1.00 15.20 ? 235  ASP A C   1 
ATOM   1509 O O   . ASP A 1 235 ? -8.811  2.625   12.221  1.00 15.00 ? 235  ASP A O   1 
ATOM   1510 C CB  . ASP A 1 235 ? -9.020  -0.782  13.067  1.00 15.20 ? 235  ASP A CB  1 
ATOM   1511 C CG  . ASP A 1 235 ? -8.793  -0.228  14.491  1.00 17.60 ? 235  ASP A CG  1 
ATOM   1512 O OD1 . ASP A 1 235 ? -8.644  0.997   14.695  1.00 15.31 ? 235  ASP A OD1 1 
ATOM   1513 O OD2 . ASP A 1 235 ? -8.799  -1.050  15.435  1.00 18.73 ? 235  ASP A OD2 1 
ATOM   1514 N N   . GLN A 1 236 ? -10.757 1.509   12.323  1.00 14.67 ? 236  GLN A N   1 
ATOM   1515 C CA  . GLN A 1 236 ? -11.587 2.698   12.395  1.00 18.29 ? 236  GLN A CA  1 
ATOM   1516 C C   . GLN A 1 236 ? -11.228 3.570   13.596  1.00 17.81 ? 236  GLN A C   1 
ATOM   1517 O O   . GLN A 1 236 ? -11.552 4.753   13.624  1.00 16.67 ? 236  GLN A O   1 
ATOM   1518 C CB  . GLN A 1 236 ? -13.074 2.336   12.377  1.00 18.99 ? 236  GLN A CB  1 
ATOM   1519 C CG  . GLN A 1 236 ? -13.662 2.327   10.974  1.00 24.04 ? 236  GLN A CG  1 
ATOM   1520 C CD  . GLN A 1 236 ? -14.957 1.546   10.869  1.00 34.78 ? 236  GLN A CD  1 
ATOM   1521 O OE1 . GLN A 1 236 ? -15.780 1.561   11.782  1.00 25.46 ? 236  GLN A OE1 1 
ATOM   1522 N NE2 . GLN A 1 236 ? -15.144 0.859   9.748   1.00 32.30 ? 236  GLN A NE2 1 
ATOM   1523 N N   . ALA A 1 237 ? -10.596 2.976   14.601  1.00 14.99 ? 237  ALA A N   1 
ATOM   1524 C CA  . ALA A 1 237 ? -10.213 3.736   15.793  1.00 18.45 ? 237  ALA A CA  1 
ATOM   1525 C C   . ALA A 1 237 ? -8.779  4.281   15.721  1.00 18.75 ? 237  ALA A C   1 
ATOM   1526 O O   . ALA A 1 237 ? -8.286  4.884   16.675  1.00 20.26 ? 237  ALA A O   1 
ATOM   1527 C CB  . ALA A 1 237 ? -10.422 2.913   17.062  1.00 17.63 ? 237  ALA A CB  1 
ATOM   1528 N N   . GLY A 1 238 ? -8.107  4.064   14.595  1.00 15.78 ? 238  GLY A N   1 
ATOM   1529 C CA  . GLY A 1 238 ? -6.780  4.615   14.400  1.00 15.19 ? 238  GLY A CA  1 
ATOM   1530 C C   . GLY A 1 238 ? -5.644  3.690   14.785  1.00 18.12 ? 238  GLY A C   1 
ATOM   1531 O O   . GLY A 1 238 ? -4.480  4.078   14.719  1.00 22.63 ? 238  GLY A O   1 
ATOM   1532 N N   . LEU A 1 239 ? -5.977  2.468   15.183  1.00 14.83 ? 239  LEU A N   1 
ATOM   1533 C CA  . LEU A 1 239 ? -4.975  1.512   15.655  1.00 17.86 ? 239  LEU A CA  1 
ATOM   1534 C C   . LEU A 1 239 ? -4.381  0.711   14.507  1.00 19.07 ? 239  LEU A C   1 
ATOM   1535 O O   . LEU A 1 239 ? -5.094  0.330   13.573  1.00 16.34 ? 239  LEU A O   1 
ATOM   1536 C CB  . LEU A 1 239 ? -5.601  0.535   16.668  1.00 15.00 ? 239  LEU A CB  1 
ATOM   1537 C CG  . LEU A 1 239 ? -6.234  1.119   17.935  1.00 17.66 ? 239  LEU A CG  1 
ATOM   1538 C CD1 . LEU A 1 239 ? -6.811  0.006   18.812  1.00 14.85 ? 239  LEU A CD1 1 
ATOM   1539 C CD2 . LEU A 1 239 ? -5.194  1.925   18.706  1.00 19.30 ? 239  LEU A CD2 1 
ATOM   1540 N N   . ILE A 1 240 ? -3.081  0.431   14.591  1.00 23.03 ? 240  ILE A N   1 
ATOM   1541 C CA  . ILE A 1 240 ? -2.430  -0.483  13.653  1.00 20.96 ? 240  ILE A CA  1 
ATOM   1542 C C   . ILE A 1 240 ? -2.767  -1.912  14.048  1.00 21.50 ? 240  ILE A C   1 
ATOM   1543 O O   . ILE A 1 240 ? -2.239  -2.428  15.032  1.00 21.12 ? 240  ILE A O   1 
ATOM   1544 C CB  . ILE A 1 240 ? -0.894  -0.319  13.662  1.00 25.50 ? 240  ILE A CB  1 
ATOM   1545 C CG1 . ILE A 1 240 ? -0.506  1.164   13.716  1.00 23.87 ? 240  ILE A CG1 1 
ATOM   1546 C CG2 . ILE A 1 240 ? -0.273  -1.012  12.454  1.00 25.93 ? 240  ILE A CG2 1 
ATOM   1547 C CD1 . ILE A 1 240 ? -0.792  1.927   12.447  1.00 24.78 ? 240  ILE A CD1 1 
ATOM   1548 N N   . VAL A 1 241 ? -3.647  -2.560  13.290  1.00 18.19 ? 241  VAL A N   1 
ATOM   1549 C CA  . VAL A 1 241 ? -4.145  -3.876  13.686  1.00 17.76 ? 241  VAL A CA  1 
ATOM   1550 C C   . VAL A 1 241 ? -3.539  -5.007  12.852  1.00 23.80 ? 241  VAL A C   1 
ATOM   1551 O O   . VAL A 1 241 ? -3.753  -6.187  13.133  1.00 22.40 ? 241  VAL A O   1 
ATOM   1552 C CB  . VAL A 1 241 ? -5.697  -3.942  13.620  1.00 23.82 ? 241  VAL A CB  1 
ATOM   1553 C CG1 . VAL A 1 241 ? -6.315  -2.962  14.618  1.00 22.53 ? 241  VAL A CG1 1 
ATOM   1554 C CG2 . VAL A 1 241 ? -6.193  -3.655  12.200  1.00 20.19 ? 241  VAL A CG2 1 
ATOM   1555 N N   . ALA A 1 242 ? -2.775  -4.644  11.831  1.00 21.47 ? 242  ALA A N   1 
ATOM   1556 C CA  . ALA A 1 242 ? -2.078  -5.635  11.024  1.00 19.91 ? 242  ALA A CA  1 
ATOM   1557 C C   . ALA A 1 242 ? -0.723  -5.106  10.585  1.00 19.68 ? 242  ALA A C   1 
ATOM   1558 O O   . ALA A 1 242 ? -0.524  -3.889  10.469  1.00 21.35 ? 242  ALA A O   1 
ATOM   1559 C CB  . ALA A 1 242 ? -2.921  -6.037  9.819   1.00 15.96 ? 242  ALA A CB  1 
ATOM   1560 N N   . SER A 1 243 ? 0.207   -6.026  10.346  1.00 18.87 ? 243  SER A N   1 
ATOM   1561 C CA  . SER A 1 243 ? 1.567   -5.666  9.983   1.00 19.08 ? 243  SER A CA  1 
ATOM   1562 C C   . SER A 1 243 ? 2.206   -6.755  9.128   1.00 18.88 ? 243  SER A C   1 
ATOM   1563 O O   . SER A 1 243 ? 1.780   -7.905  9.144   1.00 17.82 ? 243  SER A O   1 
ATOM   1564 C CB  . SER A 1 243 ? 2.399   -5.429  11.252  1.00 23.32 ? 243  SER A CB  1 
ATOM   1565 O OG  . SER A 1 243 ? 3.742   -5.125  10.924  1.00 25.34 ? 243  SER A OG  1 
ATOM   1566 N N   . SER A 1 244 ? 3.242   -6.388  8.385   1.00 19.00 ? 244  SER A N   1 
ATOM   1567 C CA  . SER A 1 244 ? 3.989   -7.356  7.600   1.00 17.65 ? 244  SER A CA  1 
ATOM   1568 C C   . SER A 1 244 ? 5.010   -8.109  8.438   1.00 17.13 ? 244  SER A C   1 
ATOM   1569 O O   . SER A 1 244 ? 5.461   -9.176  8.046   1.00 17.39 ? 244  SER A O   1 
ATOM   1570 C CB  . SER A 1 244 ? 4.711   -6.658  6.449   1.00 19.12 ? 244  SER A CB  1 
ATOM   1571 O OG  . SER A 1 244 ? 3.784   -6.132  5.525   1.00 25.08 ? 244  SER A OG  1 
ATOM   1572 N N   . ASP A 1 245 ? 5.382   -7.543  9.582   1.00 16.32 ? 245  ASP A N   1 
ATOM   1573 C CA  . ASP A 1 245 ? 6.447   -8.107  10.413  1.00 18.07 ? 245  ASP A CA  1 
ATOM   1574 C C   . ASP A 1 245 ? 6.039   -9.444  11.037  1.00 20.70 ? 245  ASP A C   1 
ATOM   1575 O O   . ASP A 1 245 ? 4.976   -9.553  11.644  1.00 21.12 ? 245  ASP A O   1 
ATOM   1576 C CB  . ASP A 1 245 ? 6.835   -7.123  11.528  1.00 20.97 ? 245  ASP A CB  1 
ATOM   1577 C CG  . ASP A 1 245 ? 7.524   -5.871  11.007  1.00 23.42 ? 245  ASP A CG  1 
ATOM   1578 O OD1 . ASP A 1 245 ? 7.569   -5.649  9.775   1.00 24.31 ? 245  ASP A OD1 1 
ATOM   1579 O OD2 . ASP A 1 245 ? 8.023   -5.091  11.842  1.00 33.08 ? 245  ASP A OD2 1 
ATOM   1580 N N   . ALA A 1 246 ? 6.889   -10.457 10.888  1.00 20.24 ? 246  ALA A N   1 
ATOM   1581 C CA  . ALA A 1 246 ? 6.673   -11.738 11.551  1.00 17.50 ? 246  ALA A CA  1 
ATOM   1582 C C   . ALA A 1 246 ? 7.314   -11.706 12.936  1.00 19.40 ? 246  ALA A C   1 
ATOM   1583 O O   . ALA A 1 246 ? 8.450   -11.252 13.084  1.00 19.46 ? 246  ALA A O   1 
ATOM   1584 C CB  . ALA A 1 246 ? 7.262   -12.875 10.720  1.00 16.21 ? 246  ALA A CB  1 
ATOM   1585 N N   . TYR A 1 247 ? 6.571   -12.167 13.942  1.00 18.55 ? 247  TYR A N   1 
ATOM   1586 C CA  . TYR A 1 247 ? 7.067   -12.286 15.313  1.00 19.51 ? 247  TYR A CA  1 
ATOM   1587 C C   . TYR A 1 247 ? 7.082   -13.766 15.689  1.00 19.04 ? 247  TYR A C   1 
ATOM   1588 O O   . TYR A 1 247 ? 6.100   -14.469 15.444  1.00 20.73 ? 247  TYR A O   1 
ATOM   1589 C CB  . TYR A 1 247 ? 6.156   -11.539 16.296  1.00 24.53 ? 247  TYR A CB  1 
ATOM   1590 C CG  . TYR A 1 247 ? 6.274   -10.023 16.315  1.00 24.76 ? 247  TYR A CG  1 
ATOM   1591 C CD1 . TYR A 1 247 ? 6.912   -9.335  15.298  1.00 23.34 ? 247  TYR A CD1 1 
ATOM   1592 C CD2 . TYR A 1 247 ? 5.725   -9.285  17.361  1.00 32.46 ? 247  TYR A CD2 1 
ATOM   1593 C CE1 . TYR A 1 247 ? 7.012   -7.957  15.317  1.00 24.15 ? 247  TYR A CE1 1 
ATOM   1594 C CE2 . TYR A 1 247 ? 5.819   -7.902  17.392  1.00 29.38 ? 247  TYR A CE2 1 
ATOM   1595 C CZ  . TYR A 1 247 ? 6.467   -7.247  16.364  1.00 32.89 ? 247  TYR A CZ  1 
ATOM   1596 O OH  . TYR A 1 247 ? 6.566   -5.873  16.383  1.00 39.38 ? 247  TYR A OH  1 
ATOM   1597 N N   . ILE A 1 248 ? 8.171   -14.232 16.297  1.00 17.17 ? 248  ILE A N   1 
ATOM   1598 C CA  . ILE A 1 248 ? 8.282   -15.648 16.665  1.00 18.86 ? 248  ILE A CA  1 
ATOM   1599 C C   . ILE A 1 248 ? 7.237   -16.108 17.692  1.00 21.66 ? 248  ILE A C   1 
ATOM   1600 O O   . ILE A 1 248 ? 6.883   -17.286 17.727  1.00 18.29 ? 248  ILE A O   1 
ATOM   1601 C CB  . ILE A 1 248 ? 9.698   -16.029 17.167  1.00 20.63 ? 248  ILE A CB  1 
ATOM   1602 C CG1 . ILE A 1 248 ? 9.793   -17.550 17.356  1.00 19.20 ? 248  ILE A CG1 1 
ATOM   1603 C CG2 . ILE A 1 248 ? 10.037  -15.302 18.467  1.00 19.94 ? 248  ILE A CG2 1 
ATOM   1604 C CD1 . ILE A 1 248 ? 11.210  -18.090 17.390  1.00 20.83 ? 248  ILE A CD1 1 
ATOM   1605 N N   . SER A 1 249 ? 6.741   -15.182 18.512  1.00 20.83 ? 249  SER A N   1 
ATOM   1606 C CA  . SER A 1 249 ? 5.725   -15.508 19.519  1.00 24.92 ? 249  SER A CA  1 
ATOM   1607 C C   . SER A 1 249 ? 4.394   -14.773 19.324  1.00 31.34 ? 249  SER A C   1 
ATOM   1608 O O   . SER A 1 249 ? 3.480   -14.930 20.132  1.00 31.10 ? 249  SER A O   1 
ATOM   1609 C CB  . SER A 1 249 ? 6.247   -15.203 20.926  1.00 24.91 ? 249  SER A CB  1 
ATOM   1610 O OG  . SER A 1 249 ? 7.287   -16.088 21.294  1.00 28.98 ? 249  SER A OG  1 
ATOM   1611 N N   . GLY A 1 250 ? 4.278   -13.975 18.264  1.00 28.41 ? 250  GLY A N   1 
ATOM   1612 C CA  . GLY A 1 250 ? 3.129   -13.096 18.118  1.00 27.92 ? 250  GLY A CA  1 
ATOM   1613 C C   . GLY A 1 250 ? 3.252   -11.955 19.116  1.00 33.69 ? 250  GLY A C   1 
ATOM   1614 O O   . GLY A 1 250 ? 4.350   -11.658 19.576  1.00 36.18 ? 250  GLY A O   1 
ATOM   1615 N N   . ASP A 1 251 ? 2.136   -11.320 19.461  1.00 37.22 ? 251  ASP A N   1 
ATOM   1616 C CA  . ASP A 1 251 ? 2.155   -10.192 20.396  1.00 37.32 ? 251  ASP A CA  1 
ATOM   1617 C C   . ASP A 1 251 ? 2.130   -10.661 21.850  1.00 42.54 ? 251  ASP A C   1 
ATOM   1618 O O   . ASP A 1 251 ? 1.120   -10.508 22.546  1.00 39.43 ? 251  ASP A O   1 
ATOM   1619 C CB  . ASP A 1 251 ? 0.974   -9.254  20.123  1.00 31.36 ? 251  ASP A CB  1 
ATOM   1620 C CG  . ASP A 1 251 ? 0.956   -8.758  18.696  1.00 33.30 ? 251  ASP A CG  1 
ATOM   1621 O OD1 . ASP A 1 251 ? 1.651   -7.754  18.417  1.00 33.08 ? 251  ASP A OD1 1 
ATOM   1622 O OD2 . ASP A 1 251 ? 0.265   -9.379  17.851  1.00 29.34 ? 251  ASP A OD2 1 
ATOM   1623 N N   . SER A 1 252 ? 3.254   -11.218 22.302  1.00 45.44 ? 252  SER A N   1 
ATOM   1624 C CA  . SER A 1 252 ? 3.342   -11.867 23.614  1.00 44.52 ? 252  SER A CA  1 
ATOM   1625 C C   . SER A 1 252 ? 3.847   -10.955 24.732  1.00 45.95 ? 252  SER A C   1 
ATOM   1626 O O   . SER A 1 252 ? 4.257   -11.434 25.790  1.00 47.72 ? 252  SER A O   1 
ATOM   1627 C CB  . SER A 1 252 ? 4.248   -13.100 23.524  1.00 38.55 ? 252  SER A CB  1 
ATOM   1628 O OG  . SER A 1 252 ? 5.544   -12.741 23.076  1.00 40.06 ? 252  SER A OG  1 
ATOM   1629 N N   . GLN A 1 253 ? 3.819   -9.647  24.501  1.00 51.24 ? 253  GLN A N   1 
ATOM   1630 C CA  . GLN A 1 253 ? 4.299   -8.692  25.495  1.00 52.15 ? 253  GLN A CA  1 
ATOM   1631 C C   . GLN A 1 253 ? 3.274   -7.603  25.788  1.00 51.42 ? 253  GLN A C   1 
ATOM   1632 O O   . GLN A 1 253 ? 3.612   -6.565  26.359  1.00 54.97 ? 253  GLN A O   1 
ATOM   1633 C CB  . GLN A 1 253 ? 5.618   -8.057  25.043  1.00 51.81 ? 253  GLN A CB  1 
ATOM   1634 C CG  . GLN A 1 253 ? 6.790   -9.023  24.976  1.00 51.95 ? 253  GLN A CG  1 
ATOM   1635 C CD  . GLN A 1 253 ? 7.250   -9.493  26.348  1.00 60.40 ? 253  GLN A CD  1 
ATOM   1636 O OE1 . GLN A 1 253 ? 6.540   -9.338  27.348  1.00 57.55 ? 253  GLN A OE1 1 
ATOM   1637 N NE2 . GLN A 1 253 ? 8.448   -10.067 26.402  1.00 59.63 ? 253  GLN A NE2 1 
HETATM 1638 O O   . HOH B 2 .   ? 19.834  -31.102 21.073  1.00 37.02 ? 2001 HOH A O   1 
HETATM 1639 O O   . HOH B 2 .   ? 19.237  -21.613 21.433  1.00 38.92 ? 2002 HOH A O   1 
HETATM 1640 O O   . HOH B 2 .   ? 12.625  -26.003 21.840  1.00 22.99 ? 2003 HOH A O   1 
HETATM 1641 O O   . HOH B 2 .   ? 6.938   -19.034 15.710  1.00 16.00 ? 2004 HOH A O   1 
HETATM 1642 O O   . HOH B 2 .   ? 8.218   -18.184 13.493  1.00 18.02 ? 2005 HOH A O   1 
HETATM 1643 O O   . HOH B 2 .   ? 13.991  -13.832 15.176  1.00 34.99 ? 2006 HOH A O   1 
HETATM 1644 O O   . HOH B 2 .   ? 10.699  -18.959 5.753   1.00 22.98 ? 2007 HOH A O   1 
HETATM 1645 O O   . HOH B 2 .   ? 11.454  -6.267  8.585   1.00 30.48 ? 2008 HOH A O   1 
HETATM 1646 O O   . HOH B 2 .   ? 10.866  -10.610 14.616  1.00 29.96 ? 2009 HOH A O   1 
HETATM 1647 O O   . HOH B 2 .   ? 13.181  -11.684 13.002  1.00 25.77 ? 2010 HOH A O   1 
HETATM 1648 O O   . HOH B 2 .   ? 9.656   -6.254  -1.072  1.00 13.95 ? 2011 HOH A O   1 
HETATM 1649 O O   . HOH B 2 .   ? 13.656  -5.689  -3.096  1.00 22.40 ? 2012 HOH A O   1 
HETATM 1650 O O   . HOH B 2 .   ? 10.813  -1.619  4.232   1.00 22.86 ? 2013 HOH A O   1 
HETATM 1651 O O   . HOH B 2 .   ? 13.216  -7.819  -10.129 1.00 39.34 ? 2014 HOH A O   1 
HETATM 1652 O O   . HOH B 2 .   ? 23.575  -5.263  -5.688  1.00 36.00 ? 2015 HOH A O   1 
HETATM 1653 O O   . HOH B 2 .   ? 15.250  -14.462 -5.095  1.00 22.75 ? 2016 HOH A O   1 
HETATM 1654 O O   . HOH B 2 .   ? 11.469  -5.572  -4.155  1.00 24.42 ? 2017 HOH A O   1 
HETATM 1655 O O   . HOH B 2 .   ? 8.860   -10.372 -1.192  1.00 14.95 ? 2018 HOH A O   1 
HETATM 1656 O O   . HOH B 2 .   ? -21.989 3.253   0.744   1.00 26.70 ? 2019 HOH A O   1 
HETATM 1657 O O   . HOH B 2 .   ? -17.772 -2.141  8.588   1.00 26.59 ? 2020 HOH A O   1 
HETATM 1658 O O   . HOH B 2 .   ? -3.130  -9.243  -6.462  1.00 19.52 ? 2021 HOH A O   1 
HETATM 1659 O O   . HOH B 2 .   ? -12.604 20.885  -13.683 1.00 23.45 ? 2022 HOH A O   1 
HETATM 1660 O O   . HOH B 2 .   ? -5.789  -0.120  -10.739 1.00 30.05 ? 2023 HOH A O   1 
HETATM 1661 O O   . HOH B 2 .   ? 2.712   0.088   -12.550 1.00 27.50 ? 2024 HOH A O   1 
HETATM 1662 O O   . HOH B 2 .   ? -0.886  3.744   -14.425 1.00 33.76 ? 2025 HOH A O   1 
HETATM 1663 O O   . HOH B 2 .   ? -4.051  2.101   -11.999 1.00 29.28 ? 2026 HOH A O   1 
HETATM 1664 O O   . HOH B 2 .   ? -7.826  3.636   -14.115 1.00 32.15 ? 2027 HOH A O   1 
HETATM 1665 O O   . HOH B 2 .   ? -11.710 9.689   -12.692 1.00 30.59 ? 2028 HOH A O   1 
HETATM 1666 O O   . HOH B 2 .   ? -6.850  -1.897  -14.634 1.00 40.23 ? 2029 HOH A O   1 
HETATM 1667 O O   . HOH B 2 .   ? -8.674  -1.836  -16.542 1.00 43.42 ? 2030 HOH A O   1 
HETATM 1668 O O   . HOH B 2 .   ? -16.588 11.270  0.477   1.00 29.79 ? 2031 HOH A O   1 
HETATM 1669 O O   . HOH B 2 .   ? -12.792 10.728  5.933   1.00 32.38 ? 2032 HOH A O   1 
HETATM 1670 O O   . HOH B 2 .   ? -14.477 12.119  4.187   1.00 27.50 ? 2033 HOH A O   1 
HETATM 1671 O O   . HOH B 2 .   ? -8.563  -14.074 4.907   1.00 34.81 ? 2034 HOH A O   1 
HETATM 1672 O O   . HOH B 2 .   ? 17.051  -1.979  1.437   1.00 37.36 ? 2035 HOH A O   1 
HETATM 1673 O O   . HOH B 2 .   ? 8.754   4.575   -3.398  1.00 15.55 ? 2036 HOH A O   1 
HETATM 1674 O O   . HOH B 2 .   ? 13.815  4.441   1.987   1.00 25.38 ? 2037 HOH A O   1 
HETATM 1675 O O   . HOH B 2 .   ? 13.558  3.982   -5.488  1.00 30.51 ? 2038 HOH A O   1 
HETATM 1676 O O   . HOH B 2 .   ? 7.754   9.739   1.331   1.00 22.60 ? 2039 HOH A O   1 
HETATM 1677 O O   . HOH B 2 .   ? 7.426   8.010   4.398   1.00 31.53 ? 2040 HOH A O   1 
HETATM 1678 O O   . HOH B 2 .   ? 10.427  8.690   4.847   1.00 27.89 ? 2041 HOH A O   1 
HETATM 1679 O O   . HOH B 2 .   ? 9.247   12.178  1.568   1.00 22.70 ? 2042 HOH A O   1 
HETATM 1680 O O   . HOH B 2 .   ? -1.249  16.913  -4.171  1.00 26.36 ? 2043 HOH A O   1 
HETATM 1681 O O   . HOH B 2 .   ? -9.724  20.028  -14.361 1.00 21.23 ? 2044 HOH A O   1 
HETATM 1682 O O   . HOH B 2 .   ? -10.371 19.362  -17.103 1.00 23.73 ? 2045 HOH A O   1 
HETATM 1683 O O   . HOH B 2 .   ? -2.016  13.399  -12.268 1.00 23.46 ? 2046 HOH A O   1 
HETATM 1684 O O   . HOH B 2 .   ? -1.842  16.499  -12.368 1.00 17.05 ? 2047 HOH A O   1 
HETATM 1685 O O   . HOH B 2 .   ? -7.132  26.553  -9.784  1.00 26.24 ? 2048 HOH A O   1 
HETATM 1686 O O   . HOH B 2 .   ? -6.401  24.366  -8.727  1.00 28.27 ? 2049 HOH A O   1 
HETATM 1687 O O   . HOH B 2 .   ? -1.996  28.034  -9.810  1.00 31.57 ? 2050 HOH A O   1 
HETATM 1688 O O   . HOH B 2 .   ? -8.011  21.981  -17.438 1.00 18.59 ? 2051 HOH A O   1 
HETATM 1689 O O   . HOH B 2 .   ? -7.864  30.044  -20.520 1.00 22.77 ? 2052 HOH A O   1 
HETATM 1690 O O   . HOH B 2 .   ? 1.112   24.991  -9.990  1.00 28.42 ? 2053 HOH A O   1 
HETATM 1691 O O   . HOH B 2 .   ? 2.193   11.520  -12.180 1.00 20.32 ? 2054 HOH A O   1 
HETATM 1692 O O   . HOH B 2 .   ? 3.342   20.998  -8.387  1.00 26.37 ? 2055 HOH A O   1 
HETATM 1693 O O   . HOH B 2 .   ? 1.154   26.127  -1.920  1.00 42.46 ? 2056 HOH A O   1 
HETATM 1694 O O   . HOH B 2 .   ? 7.614   7.347   7.459   1.00 34.07 ? 2057 HOH A O   1 
HETATM 1695 O O   . HOH B 2 .   ? 9.755   10.849  6.691   1.00 22.51 ? 2058 HOH A O   1 
HETATM 1696 O O   . HOH B 2 .   ? 3.506   9.374   12.476  1.00 36.72 ? 2059 HOH A O   1 
HETATM 1697 O O   . HOH B 2 .   ? 1.508   6.572   13.942  1.00 31.86 ? 2060 HOH A O   1 
HETATM 1698 O O   . HOH B 2 .   ? -4.642  7.333   11.071  1.00 22.86 ? 2061 HOH A O   1 
HETATM 1699 O O   . HOH B 2 .   ? 5.060   6.780   12.198  1.00 25.66 ? 2062 HOH A O   1 
HETATM 1700 O O   . HOH B 2 .   ? 3.109   4.350   14.038  1.00 23.91 ? 2063 HOH A O   1 
HETATM 1701 O O   . HOH B 2 .   ? 6.878   0.152   13.977  1.00 34.03 ? 2064 HOH A O   1 
HETATM 1702 O O   . HOH B 2 .   ? 11.681  0.582   7.403   1.00 26.87 ? 2065 HOH A O   1 
HETATM 1703 O O   . HOH B 2 .   ? 16.329  4.373   -7.193  1.00 43.61 ? 2066 HOH A O   1 
HETATM 1704 O O   . HOH B 2 .   ? 24.457  -0.119  -7.004  1.00 45.09 ? 2067 HOH A O   1 
HETATM 1705 O O   . HOH B 2 .   ? 13.412  -10.136 -17.655 1.00 36.40 ? 2068 HOH A O   1 
HETATM 1706 O O   . HOH B 2 .   ? 2.199   -4.749  -15.278 1.00 25.01 ? 2069 HOH A O   1 
HETATM 1707 O O   . HOH B 2 .   ? 4.146   -2.106  -15.199 1.00 32.40 ? 2070 HOH A O   1 
HETATM 1708 O O   . HOH B 2 .   ? 4.940   -9.937  -10.905 1.00 17.91 ? 2071 HOH A O   1 
HETATM 1709 O O   . HOH B 2 .   ? -0.851  -5.754  -15.433 1.00 33.47 ? 2072 HOH A O   1 
HETATM 1710 O O   . HOH B 2 .   ? -9.883  -8.809  -9.746  1.00 39.30 ? 2073 HOH A O   1 
HETATM 1711 O O   . HOH B 2 .   ? -16.257 -4.620  -8.019  1.00 39.65 ? 2074 HOH A O   1 
HETATM 1712 O O   . HOH B 2 .   ? -16.553 -10.092 3.207   1.00 28.16 ? 2075 HOH A O   1 
HETATM 1713 O O   . HOH B 2 .   ? -15.297 -1.702  12.852  1.00 22.37 ? 2076 HOH A O   1 
HETATM 1714 O O   . HOH B 2 .   ? -11.689 -11.744 5.447   1.00 28.99 ? 2077 HOH A O   1 
HETATM 1715 O O   . HOH B 2 .   ? -9.625  -10.738 13.063  1.00 29.63 ? 2078 HOH A O   1 
HETATM 1716 O O   . HOH B 2 .   ? -10.235 -14.237 6.872   1.00 34.85 ? 2079 HOH A O   1 
HETATM 1717 O O   . HOH B 2 .   ? 0.666   -11.390 9.706   1.00 27.72 ? 2080 HOH A O   1 
HETATM 1718 O O   . HOH B 2 .   ? -9.302  -9.300  15.460  1.00 27.47 ? 2081 HOH A O   1 
HETATM 1719 O O   . HOH B 2 .   ? -1.262  -14.833 3.073   1.00 20.87 ? 2082 HOH A O   1 
HETATM 1720 O O   . HOH B 2 .   ? 0.594   -16.502 3.842   1.00 17.78 ? 2083 HOH A O   1 
HETATM 1721 O O   . HOH B 2 .   ? -15.834 1.781   14.590  1.00 32.88 ? 2084 HOH A O   1 
HETATM 1722 O O   . HOH B 2 .   ? -1.777  1.473   16.832  1.00 25.74 ? 2085 HOH A O   1 
HETATM 1723 O O   . HOH B 2 .   ? 2.627   -10.312 10.829  1.00 29.90 ? 2086 HOH A O   1 
HETATM 1724 O O   . HOH B 2 .   ? 6.105   -4.437  14.113  1.00 35.36 ? 2087 HOH A O   1 
HETATM 1725 O O   . HOH B 2 .   ? 3.988   -13.106 13.362  1.00 15.77 ? 2088 HOH A O   1 
HETATM 1726 O O   . HOH B 2 .   ? 10.427  -12.339 16.586  1.00 26.60 ? 2089 HOH A O   1 
HETATM 1727 O O   . HOH B 2 .   ? 6.885   -12.623 19.648  1.00 28.47 ? 2090 HOH A O   1 
HETATM 1728 O O   . HOH B 2 .   ? 7.859   -14.847 24.377  1.00 37.20 ? 2091 HOH A O   1 
HETATM 1729 O O   . HOH B 2 .   ? 6.632   -10.651 21.338  1.00 40.56 ? 2092 HOH A O   1 
# 
